data_6MSP
#
_entry.id   6MSP
#
_entity_poly.entity_id   1
_entity_poly.type   'polypeptide(L)'
_entity_poly.pdbx_seq_one_letter_code
;MGHHHHHHENLYFQSHMTDELLERLRQLFEELHERGTEIVVEVHINGERDEIRVRNISKEELKKLLERIREKIEREGSSE
VEVNVHSGGQTWTFNEK
;
_entity_poly.pdbx_strand_id   A
#
# COMPACT_ATOMS: atom_id res chain seq x y z
N MET A 1 -25.84 -23.15 26.88
CA MET A 1 -25.66 -23.14 25.42
C MET A 1 -24.22 -22.70 25.11
N GLY A 2 -23.82 -21.54 25.65
CA GLY A 2 -22.47 -20.99 25.51
C GLY A 2 -22.24 -20.28 24.18
N HIS A 3 -21.00 -19.78 24.01
CA HIS A 3 -20.55 -19.12 22.77
C HIS A 3 -19.03 -18.92 22.84
N HIS A 4 -18.28 -19.57 21.94
CA HIS A 4 -16.83 -19.39 21.80
C HIS A 4 -16.55 -17.97 21.27
N HIS A 5 -15.76 -17.21 22.05
CA HIS A 5 -15.36 -15.82 21.74
C HIS A 5 -14.36 -15.79 20.58
N HIS A 6 -14.08 -14.58 20.02
CA HIS A 6 -13.28 -14.45 18.78
C HIS A 6 -11.89 -15.11 18.93
N HIS A 7 -11.57 -16.02 18.00
CA HIS A 7 -10.28 -16.72 18.00
C HIS A 7 -9.17 -15.81 17.42
N HIS A 8 -7.95 -16.02 17.91
CA HIS A 8 -6.76 -15.30 17.43
C HIS A 8 -5.75 -16.32 16.89
N GLU A 9 -5.49 -16.26 15.58
CA GLU A 9 -4.44 -17.04 14.92
C GLU A 9 -3.26 -16.12 14.60
N ASN A 10 -2.06 -16.71 14.47
CA ASN A 10 -0.80 -15.96 14.26
C ASN A 10 -0.29 -16.17 12.83
N LEU A 11 -0.25 -15.08 12.04
CA LEU A 11 0.48 -15.04 10.76
C LEU A 11 1.96 -14.88 11.08
N TYR A 12 2.68 -16.01 11.09
CA TYR A 12 4.09 -16.12 11.55
C TYR A 12 5.03 -15.19 10.75
N PHE A 13 4.71 -14.98 9.46
CA PHE A 13 5.58 -14.26 8.52
C PHE A 13 4.81 -13.11 7.82
N GLN A 14 5.60 -12.28 7.13
CA GLN A 14 5.12 -11.21 6.24
C GLN A 14 5.80 -11.43 4.86
N SER A 15 5.40 -10.66 3.84
CA SER A 15 5.83 -10.85 2.44
C SER A 15 7.23 -10.25 2.15
N HIS A 16 8.23 -10.62 2.98
CA HIS A 16 9.58 -10.02 2.95
C HIS A 16 10.39 -10.48 1.71
N MET A 17 10.14 -9.77 0.60
CA MET A 17 10.81 -9.95 -0.69
C MET A 17 10.41 -8.76 -1.57
N THR A 18 9.09 -8.54 -1.66
CA THR A 18 8.48 -7.32 -2.21
C THR A 18 8.42 -6.24 -1.11
N ASP A 19 8.17 -6.71 0.13
CA ASP A 19 8.07 -5.87 1.33
C ASP A 19 9.37 -5.08 1.56
N GLU A 20 9.37 -3.86 1.01
CA GLU A 20 10.46 -2.91 1.08
C GLU A 20 9.84 -1.53 1.15
N LEU A 21 9.14 -1.18 0.05
CA LEU A 21 8.25 0.00 -0.01
C LEU A 21 6.96 -0.28 0.77
N LEU A 22 6.61 -1.57 0.93
CA LEU A 22 5.42 -2.01 1.67
C LEU A 22 5.58 -1.74 3.18
N GLU A 23 6.78 -2.04 3.75
CA GLU A 23 7.08 -1.73 5.16
C GLU A 23 7.01 -0.21 5.40
N ARG A 24 7.47 0.57 4.40
CA ARG A 24 7.37 2.04 4.40
C ARG A 24 5.90 2.51 4.48
N LEU A 25 4.98 1.69 3.92
CA LEU A 25 3.53 1.96 3.98
C LEU A 25 3.00 1.57 5.38
N ARG A 26 3.58 0.50 5.98
CA ARG A 26 3.20 0.04 7.33
C ARG A 26 3.67 1.03 8.40
N GLN A 27 4.72 1.82 8.09
CA GLN A 27 5.19 2.89 8.99
C GLN A 27 4.07 3.92 9.17
N LEU A 28 3.41 4.26 8.06
CA LEU A 28 2.28 5.21 8.05
C LEU A 28 1.03 4.57 8.69
N PHE A 29 0.77 3.26 8.43
CA PHE A 29 -0.39 2.53 9.00
C PHE A 29 -0.29 2.43 10.53
N GLU A 30 0.90 2.04 11.02
CA GLU A 30 1.22 1.89 12.45
C GLU A 30 1.27 3.26 13.16
N GLU A 31 1.66 4.29 12.41
CA GLU A 31 1.66 5.68 12.90
C GLU A 31 0.22 6.15 13.15
N LEU A 32 -0.64 6.01 12.11
CA LEU A 32 -2.07 6.40 12.15
C LEU A 32 -2.88 5.50 13.10
N HIS A 33 -2.33 4.30 13.40
CA HIS A 33 -2.93 3.33 14.34
C HIS A 33 -3.06 3.91 15.77
N GLU A 34 -2.30 5.01 16.06
CA GLU A 34 -2.40 5.76 17.33
C GLU A 34 -3.84 6.24 17.59
N ARG A 35 -4.53 6.69 16.51
CA ARG A 35 -5.94 7.13 16.58
C ARG A 35 -6.86 5.99 16.12
N GLY A 36 -6.33 5.16 15.19
CA GLY A 36 -7.06 4.02 14.62
C GLY A 36 -8.34 4.44 13.92
N THR A 37 -8.29 5.59 13.21
CA THR A 37 -9.47 6.19 12.57
C THR A 37 -9.83 5.45 11.25
N GLU A 38 -10.76 6.03 10.47
CA GLU A 38 -11.07 5.59 9.11
C GLU A 38 -9.85 5.74 8.18
N ILE A 39 -9.03 4.69 8.14
CA ILE A 39 -7.84 4.62 7.28
C ILE A 39 -8.26 3.90 5.99
N VAL A 40 -8.33 4.67 4.90
CA VAL A 40 -8.78 4.17 3.60
C VAL A 40 -7.57 3.99 2.69
N VAL A 41 -7.20 2.72 2.44
CA VAL A 41 -6.07 2.36 1.59
C VAL A 41 -6.58 2.14 0.16
N GLU A 42 -6.22 3.05 -0.72
CA GLU A 42 -6.72 3.13 -2.09
C GLU A 42 -5.55 2.90 -3.06
N VAL A 43 -5.70 1.94 -3.98
CA VAL A 43 -4.65 1.52 -4.91
C VAL A 43 -5.16 1.64 -6.35
N HIS A 44 -4.75 2.72 -7.04
CA HIS A 44 -5.04 2.96 -8.46
C HIS A 44 -3.88 2.48 -9.32
N ILE A 45 -4.07 1.39 -10.08
CA ILE A 45 -3.07 0.93 -11.07
C ILE A 45 -3.71 0.79 -12.45
N ASN A 46 -3.24 1.64 -13.40
CA ASN A 46 -3.63 1.66 -14.83
C ASN A 46 -5.06 2.20 -15.03
N GLY A 47 -6.04 1.37 -14.63
CA GLY A 47 -7.47 1.70 -14.71
C GLY A 47 -8.31 0.90 -13.74
N GLU A 48 -7.63 0.20 -12.82
CA GLU A 48 -8.26 -0.56 -11.74
C GLU A 48 -7.94 0.15 -10.43
N ARG A 49 -8.92 0.24 -9.53
CA ARG A 49 -8.71 0.81 -8.20
C ARG A 49 -9.19 -0.18 -7.13
N ASP A 50 -8.58 -0.12 -5.95
CA ASP A 50 -8.94 -0.99 -4.81
C ASP A 50 -8.99 -0.13 -3.54
N GLU A 51 -10.19 0.00 -2.97
CA GLU A 51 -10.46 0.89 -1.82
C GLU A 51 -10.75 0.02 -0.58
N ILE A 52 -9.93 0.16 0.48
CA ILE A 52 -10.06 -0.62 1.73
C ILE A 52 -10.32 0.36 2.89
N ARG A 53 -11.56 0.39 3.42
CA ARG A 53 -11.90 1.24 4.58
C ARG A 53 -11.75 0.41 5.85
N VAL A 54 -10.68 0.66 6.64
CA VAL A 54 -10.44 -0.01 7.93
C VAL A 54 -10.56 1.02 9.08
N ARG A 55 -11.53 0.79 9.97
CA ARG A 55 -11.89 1.71 11.05
C ARG A 55 -11.75 0.98 12.39
N ASN A 56 -10.73 1.38 13.19
CA ASN A 56 -10.41 0.78 14.50
C ASN A 56 -9.99 -0.70 14.33
N ILE A 57 -8.77 -0.89 13.81
CA ILE A 57 -8.20 -2.21 13.52
C ILE A 57 -6.96 -2.49 14.39
N SER A 58 -6.45 -3.73 14.31
CA SER A 58 -5.24 -4.17 15.02
C SER A 58 -4.01 -4.09 14.08
N LYS A 59 -2.81 -4.27 14.66
CA LYS A 59 -1.52 -4.24 13.92
C LYS A 59 -1.39 -5.45 12.97
N GLU A 60 -2.06 -6.56 13.36
CA GLU A 60 -2.13 -7.81 12.58
C GLU A 60 -3.14 -7.69 11.43
N GLU A 61 -4.07 -6.71 11.54
CA GLU A 61 -5.05 -6.44 10.49
C GLU A 61 -4.42 -5.55 9.41
N LEU A 62 -3.73 -4.48 9.82
CA LEU A 62 -3.18 -3.49 8.88
C LEU A 62 -1.97 -4.00 8.07
N LYS A 63 -1.29 -5.06 8.56
CA LYS A 63 -0.22 -5.71 7.78
C LYS A 63 -0.81 -6.34 6.50
N LYS A 64 -2.10 -6.74 6.57
CA LYS A 64 -2.83 -7.31 5.43
C LYS A 64 -3.04 -6.26 4.32
N LEU A 65 -3.07 -4.95 4.68
CA LEU A 65 -3.32 -3.85 3.73
C LEU A 65 -2.24 -3.81 2.64
N LEU A 66 -0.96 -3.72 3.09
CA LEU A 66 0.21 -3.73 2.20
C LEU A 66 0.42 -5.13 1.56
N GLU A 67 0.01 -6.17 2.30
CA GLU A 67 0.03 -7.56 1.85
C GLU A 67 -1.07 -7.81 0.77
N ARG A 68 -2.04 -6.87 0.64
CA ARG A 68 -2.95 -6.82 -0.52
C ARG A 68 -2.34 -6.00 -1.67
N ILE A 69 -1.59 -4.93 -1.31
CA ILE A 69 -0.94 -4.03 -2.31
C ILE A 69 0.12 -4.80 -3.14
N ARG A 70 0.84 -5.75 -2.47
CA ARG A 70 1.81 -6.64 -3.14
C ARG A 70 1.13 -7.37 -4.33
N GLU A 71 -0.13 -7.82 -4.08
CA GLU A 71 -0.90 -8.64 -5.03
C GLU A 71 -1.25 -7.81 -6.27
N LYS A 72 -1.41 -6.47 -6.06
CA LYS A 72 -1.79 -5.53 -7.11
C LYS A 72 -0.58 -5.28 -8.03
N ILE A 73 0.60 -5.09 -7.41
CA ILE A 73 1.85 -4.82 -8.15
C ILE A 73 2.43 -6.11 -8.77
N GLU A 74 2.01 -7.29 -8.26
CA GLU A 74 2.37 -8.60 -8.86
C GLU A 74 1.61 -8.81 -10.17
N ARG A 75 0.27 -8.64 -10.12
CA ARG A 75 -0.59 -8.90 -11.28
C ARG A 75 -0.39 -7.86 -12.40
N GLU A 76 -0.14 -6.59 -12.01
CA GLU A 76 0.02 -5.49 -12.97
C GLU A 76 1.50 -5.26 -13.29
N GLY A 77 2.30 -4.97 -12.24
CA GLY A 77 3.73 -4.67 -12.40
C GLY A 77 4.02 -3.43 -13.22
N SER A 78 3.05 -2.51 -13.25
CA SER A 78 3.08 -1.32 -14.12
C SER A 78 3.56 -0.08 -13.34
N SER A 79 4.17 0.87 -14.08
CA SER A 79 4.64 2.16 -13.54
C SER A 79 3.46 3.05 -13.13
N GLU A 80 2.29 2.83 -13.77
CA GLU A 80 1.06 3.56 -13.45
C GLU A 80 0.47 3.00 -12.14
N VAL A 81 1.05 3.40 -11.01
CA VAL A 81 0.66 2.91 -9.67
C VAL A 81 0.57 4.09 -8.70
N GLU A 82 -0.51 4.12 -7.92
CA GLU A 82 -0.79 5.14 -6.92
C GLU A 82 -1.35 4.44 -5.68
N VAL A 83 -0.59 4.46 -4.58
CA VAL A 83 -1.07 4.01 -3.26
C VAL A 83 -1.44 5.26 -2.48
N ASN A 84 -2.63 5.25 -1.91
CA ASN A 84 -3.29 6.47 -1.47
C ASN A 84 -3.93 6.19 -0.11
N VAL A 85 -3.32 6.73 0.95
CA VAL A 85 -3.76 6.49 2.32
C VAL A 85 -4.52 7.72 2.82
N HIS A 86 -5.77 7.48 3.26
CA HIS A 86 -6.64 8.51 3.83
C HIS A 86 -6.79 8.22 5.33
N SER A 87 -6.94 9.27 6.15
CA SER A 87 -7.19 9.11 7.60
C SER A 87 -7.83 10.40 8.14
N GLY A 88 -9.16 10.35 8.38
CA GLY A 88 -9.93 11.51 8.84
C GLY A 88 -9.86 12.70 7.88
N GLY A 89 -9.78 12.39 6.56
CA GLY A 89 -9.70 13.43 5.51
C GLY A 89 -8.29 13.65 5.00
N GLN A 90 -7.27 13.21 5.77
CA GLN A 90 -5.85 13.44 5.44
C GLN A 90 -5.37 12.42 4.40
N THR A 91 -4.87 12.91 3.26
CA THR A 91 -4.52 12.08 2.10
C THR A 91 -3.00 12.15 1.80
N TRP A 92 -2.41 10.97 1.46
CA TRP A 92 -0.99 10.83 1.03
C TRP A 92 -0.93 9.91 -0.20
N THR A 93 -0.34 10.38 -1.31
CA THR A 93 -0.19 9.59 -2.55
C THR A 93 1.29 9.20 -2.79
N PHE A 94 1.57 7.89 -2.67
CA PHE A 94 2.87 7.28 -2.97
C PHE A 94 2.83 6.71 -4.40
N ASN A 95 3.57 7.35 -5.32
CA ASN A 95 3.66 6.94 -6.73
C ASN A 95 5.11 6.56 -7.04
N GLU A 96 5.30 5.49 -7.83
CA GLU A 96 6.63 5.07 -8.31
C GLU A 96 7.11 6.04 -9.41
N LYS A 97 8.06 6.91 -9.02
CA LYS A 97 8.64 7.96 -9.88
C LYS A 97 9.37 7.34 -11.12
N MET A 1 -20.56 -21.35 27.17
CA MET A 1 -20.55 -20.15 26.29
C MET A 1 -19.29 -19.32 26.56
N GLY A 2 -18.95 -18.45 25.60
CA GLY A 2 -17.81 -17.53 25.71
C GLY A 2 -17.09 -17.32 24.38
N HIS A 3 -16.20 -16.32 24.35
CA HIS A 3 -15.41 -15.99 23.14
C HIS A 3 -14.14 -15.19 23.52
N HIS A 4 -13.04 -15.49 22.81
CA HIS A 4 -11.78 -14.74 22.88
C HIS A 4 -11.24 -14.50 21.46
N HIS A 5 -10.17 -13.70 21.36
CA HIS A 5 -9.44 -13.44 20.11
C HIS A 5 -8.09 -12.79 20.50
N HIS A 6 -6.99 -13.51 20.25
CA HIS A 6 -5.63 -13.05 20.58
C HIS A 6 -4.80 -12.98 19.29
N HIS A 7 -4.01 -11.90 19.14
CA HIS A 7 -3.12 -11.72 17.98
C HIS A 7 -2.02 -12.80 17.98
N HIS A 8 -1.62 -13.21 16.77
CA HIS A 8 -0.64 -14.27 16.54
C HIS A 8 0.06 -13.98 15.18
N GLU A 9 0.67 -12.78 15.15
CA GLU A 9 1.25 -12.17 13.94
C GLU A 9 2.31 -13.06 13.25
N ASN A 10 2.39 -12.93 11.92
CA ASN A 10 3.45 -13.53 11.10
C ASN A 10 4.27 -12.39 10.48
N LEU A 11 5.32 -11.97 11.24
CA LEU A 11 6.21 -10.88 10.84
C LEU A 11 7.15 -11.33 9.71
N TYR A 12 7.79 -10.35 9.05
CA TYR A 12 8.85 -10.61 8.07
C TYR A 12 10.19 -10.30 8.72
N PHE A 13 10.97 -11.35 8.97
CA PHE A 13 12.37 -11.22 9.40
C PHE A 13 13.22 -10.70 8.23
N GLN A 14 13.04 -11.34 7.07
CA GLN A 14 13.77 -11.05 5.84
C GLN A 14 12.77 -10.63 4.74
N SER A 15 12.78 -9.34 4.40
CA SER A 15 11.88 -8.76 3.38
C SER A 15 12.28 -9.23 1.97
N HIS A 16 11.32 -9.84 1.25
CA HIS A 16 11.56 -10.45 -0.09
C HIS A 16 10.30 -10.25 -0.98
N MET A 17 9.13 -10.16 -0.32
CA MET A 17 7.82 -10.08 -0.99
C MET A 17 7.42 -8.60 -1.21
N THR A 18 8.34 -7.85 -1.90
CA THR A 18 8.29 -6.38 -2.13
C THR A 18 7.91 -5.57 -0.85
N ASP A 19 8.25 -6.14 0.33
CA ASP A 19 7.97 -5.54 1.66
C ASP A 19 8.74 -4.22 1.86
N GLU A 20 9.72 -3.96 0.98
CA GLU A 20 10.51 -2.72 0.96
C GLU A 20 9.59 -1.49 0.79
N LEU A 21 8.71 -1.55 -0.22
CA LEU A 21 7.69 -0.50 -0.46
C LEU A 21 6.61 -0.54 0.64
N LEU A 22 6.07 -1.74 0.85
CA LEU A 22 4.81 -1.97 1.60
C LEU A 22 4.94 -1.55 3.08
N GLU A 23 6.05 -1.95 3.71
CA GLU A 23 6.24 -1.79 5.16
C GLU A 23 6.49 -0.30 5.53
N ARG A 24 6.86 0.54 4.52
CA ARG A 24 6.89 2.02 4.66
C ARG A 24 5.47 2.53 4.99
N LEU A 25 4.49 1.93 4.28
CA LEU A 25 3.07 2.25 4.46
C LEU A 25 2.58 1.70 5.81
N ARG A 26 3.19 0.58 6.29
CA ARG A 26 2.92 0.05 7.64
C ARG A 26 3.27 1.11 8.70
N GLN A 27 4.46 1.75 8.55
CA GLN A 27 4.93 2.80 9.49
C GLN A 27 3.94 3.99 9.54
N LEU A 28 3.25 4.23 8.40
CA LEU A 28 2.18 5.24 8.30
C LEU A 28 0.91 4.75 9.02
N PHE A 29 0.56 3.47 8.82
CA PHE A 29 -0.61 2.86 9.46
C PHE A 29 -0.39 2.71 10.99
N GLU A 30 0.89 2.70 11.40
CA GLU A 30 1.31 2.68 12.82
C GLU A 30 1.24 4.09 13.40
N GLU A 31 1.58 5.08 12.56
CA GLU A 31 1.38 6.51 12.87
C GLU A 31 -0.12 6.81 13.07
N LEU A 32 -0.97 6.08 12.30
CA LEU A 32 -2.44 6.18 12.36
C LEU A 32 -3.03 5.23 13.44
N HIS A 33 -2.28 4.16 13.80
CA HIS A 33 -2.71 3.11 14.77
C HIS A 33 -3.16 3.70 16.12
N GLU A 34 -2.46 4.76 16.56
CA GLU A 34 -2.71 5.42 17.85
C GLU A 34 -4.15 5.99 17.96
N ARG A 35 -4.70 6.52 16.84
CA ARG A 35 -6.07 7.07 16.82
C ARG A 35 -7.05 5.99 16.36
N GLY A 36 -6.53 5.02 15.56
CA GLY A 36 -7.30 3.87 15.07
C GLY A 36 -8.49 4.26 14.19
N THR A 37 -8.42 5.44 13.56
CA THR A 37 -9.53 5.99 12.76
C THR A 37 -9.62 5.30 11.39
N GLU A 38 -10.57 5.75 10.56
CA GLU A 38 -10.78 5.27 9.20
C GLU A 38 -9.51 5.43 8.31
N ILE A 39 -8.78 4.32 8.13
CA ILE A 39 -7.64 4.22 7.22
C ILE A 39 -8.15 3.63 5.89
N VAL A 40 -8.11 4.45 4.84
CA VAL A 40 -8.60 4.07 3.51
C VAL A 40 -7.39 3.86 2.59
N VAL A 41 -7.09 2.60 2.29
CA VAL A 41 -6.00 2.21 1.39
C VAL A 41 -6.56 2.08 -0.02
N GLU A 42 -6.17 3.00 -0.91
CA GLU A 42 -6.71 3.06 -2.27
C GLU A 42 -5.60 2.86 -3.30
N VAL A 43 -5.63 1.69 -3.96
CA VAL A 43 -4.58 1.25 -4.90
C VAL A 43 -5.00 1.58 -6.36
N HIS A 44 -4.42 2.66 -6.91
CA HIS A 44 -4.71 3.12 -8.30
C HIS A 44 -3.72 2.44 -9.26
N ILE A 45 -4.18 1.46 -10.05
CA ILE A 45 -3.35 0.79 -11.08
C ILE A 45 -4.08 0.79 -12.43
N ASN A 46 -3.44 1.46 -13.43
CA ASN A 46 -3.87 1.48 -14.85
C ASN A 46 -5.31 2.05 -15.01
N GLY A 47 -5.66 2.99 -14.10
CA GLY A 47 -6.95 3.67 -14.12
C GLY A 47 -7.94 3.14 -13.11
N GLU A 48 -7.73 1.89 -12.65
CA GLU A 48 -8.62 1.23 -11.68
C GLU A 48 -8.23 1.60 -10.24
N ARG A 49 -9.17 2.25 -9.51
CA ARG A 49 -8.98 2.57 -8.09
C ARG A 49 -9.62 1.46 -7.22
N ASP A 50 -8.76 0.73 -6.51
CA ASP A 50 -9.16 -0.26 -5.49
C ASP A 50 -9.37 0.49 -4.17
N GLU A 51 -10.44 0.18 -3.44
CA GLU A 51 -10.83 0.94 -2.24
C GLU A 51 -11.05 -0.01 -1.05
N ILE A 52 -10.19 0.11 -0.03
CA ILE A 52 -10.26 -0.69 1.22
C ILE A 52 -10.36 0.30 2.40
N ARG A 53 -11.32 0.07 3.32
CA ARG A 53 -11.54 0.93 4.51
C ARG A 53 -11.51 0.07 5.78
N VAL A 54 -10.72 0.49 6.79
CA VAL A 54 -10.59 -0.24 8.07
C VAL A 54 -10.52 0.73 9.26
N ARG A 55 -11.17 0.35 10.38
CA ARG A 55 -11.14 1.10 11.66
C ARG A 55 -10.69 0.15 12.78
N ASN A 56 -9.84 0.67 13.70
CA ASN A 56 -9.40 -0.03 14.94
C ASN A 56 -8.77 -1.41 14.64
N ILE A 57 -7.48 -1.38 14.30
CA ILE A 57 -6.72 -2.58 13.90
C ILE A 57 -5.26 -2.48 14.37
N SER A 58 -4.64 -3.66 14.60
CA SER A 58 -3.25 -3.78 15.05
C SER A 58 -2.32 -4.04 13.85
N LYS A 59 -1.00 -4.15 14.12
CA LYS A 59 0.05 -4.18 13.09
C LYS A 59 -0.16 -5.25 11.98
N GLU A 60 -0.45 -6.50 12.36
CA GLU A 60 -0.58 -7.63 11.40
C GLU A 60 -1.88 -7.53 10.59
N GLU A 61 -2.90 -6.94 11.22
CA GLU A 61 -4.21 -6.69 10.60
C GLU A 61 -4.10 -5.61 9.50
N LEU A 62 -3.48 -4.47 9.84
CA LEU A 62 -3.25 -3.37 8.87
C LEU A 62 -2.18 -3.76 7.85
N LYS A 63 -1.33 -4.75 8.19
CA LYS A 63 -0.38 -5.35 7.24
C LYS A 63 -1.12 -6.08 6.10
N LYS A 64 -2.34 -6.58 6.37
CA LYS A 64 -3.16 -7.21 5.34
C LYS A 64 -3.50 -6.21 4.21
N LEU A 65 -3.54 -4.90 4.55
CA LEU A 65 -3.83 -3.83 3.58
C LEU A 65 -2.71 -3.74 2.51
N LEU A 66 -1.46 -3.75 2.99
CA LEU A 66 -0.27 -3.62 2.14
C LEU A 66 0.12 -4.96 1.48
N GLU A 67 -0.33 -6.08 2.09
CA GLU A 67 -0.16 -7.44 1.51
C GLU A 67 -1.19 -7.67 0.40
N ARG A 68 -2.31 -6.90 0.43
CA ARG A 68 -3.26 -6.81 -0.70
C ARG A 68 -2.61 -6.05 -1.87
N ILE A 69 -1.93 -4.91 -1.55
CA ILE A 69 -1.21 -4.08 -2.55
C ILE A 69 -0.15 -4.92 -3.28
N ARG A 70 0.55 -5.78 -2.51
CA ARG A 70 1.57 -6.72 -3.02
C ARG A 70 1.04 -7.54 -4.20
N GLU A 71 -0.15 -8.14 -4.00
CA GLU A 71 -0.83 -8.93 -5.02
C GLU A 71 -1.13 -8.06 -6.26
N LYS A 72 -1.52 -6.80 -6.03
CA LYS A 72 -1.95 -5.91 -7.12
C LYS A 72 -0.75 -5.54 -8.01
N ILE A 73 0.36 -5.09 -7.37
CA ILE A 73 1.52 -4.51 -8.07
C ILE A 73 2.39 -5.59 -8.77
N GLU A 74 2.50 -6.78 -8.14
CA GLU A 74 3.34 -7.90 -8.66
C GLU A 74 2.57 -8.70 -9.74
N ARG A 75 1.29 -9.03 -9.46
CA ARG A 75 0.46 -9.85 -10.38
C ARG A 75 -0.02 -9.04 -11.58
N GLU A 76 -0.01 -7.70 -11.48
CA GLU A 76 -0.15 -6.81 -12.65
C GLU A 76 1.19 -6.74 -13.40
N GLY A 77 2.27 -6.56 -12.62
CA GLY A 77 3.61 -6.38 -13.17
C GLY A 77 3.91 -4.90 -13.44
N SER A 78 2.95 -4.20 -14.08
CA SER A 78 2.99 -2.76 -14.33
C SER A 78 3.18 -1.98 -13.00
N SER A 79 4.21 -1.11 -12.97
CA SER A 79 4.55 -0.30 -11.80
C SER A 79 3.72 0.99 -11.75
N GLU A 80 2.68 1.06 -12.61
CA GLU A 80 1.74 2.18 -12.63
C GLU A 80 0.81 2.08 -11.40
N VAL A 81 1.33 2.50 -10.23
CA VAL A 81 0.62 2.37 -8.94
C VAL A 81 0.80 3.64 -8.08
N GLU A 82 -0.34 4.25 -7.78
CA GLU A 82 -0.49 5.41 -6.90
C GLU A 82 -1.33 4.95 -5.70
N VAL A 83 -0.75 4.86 -4.51
CA VAL A 83 -1.48 4.44 -3.30
C VAL A 83 -1.88 5.68 -2.49
N ASN A 84 -3.19 5.92 -2.41
CA ASN A 84 -3.78 7.03 -1.66
C ASN A 84 -4.26 6.50 -0.31
N VAL A 85 -3.56 6.87 0.77
CA VAL A 85 -3.97 6.55 2.14
C VAL A 85 -4.76 7.75 2.69
N HIS A 86 -6.09 7.58 2.83
CA HIS A 86 -7.00 8.64 3.31
C HIS A 86 -7.34 8.35 4.79
N SER A 87 -6.93 9.22 5.71
CA SER A 87 -7.19 9.04 7.15
C SER A 87 -7.47 10.40 7.80
N GLY A 88 -8.75 10.58 8.22
CA GLY A 88 -9.24 11.87 8.72
C GLY A 88 -9.33 12.92 7.60
N GLY A 89 -9.45 12.45 6.34
CA GLY A 89 -9.49 13.32 5.16
C GLY A 89 -8.12 13.58 4.54
N GLN A 90 -7.04 13.20 5.25
CA GLN A 90 -5.66 13.44 4.81
C GLN A 90 -5.20 12.30 3.86
N THR A 91 -4.80 12.66 2.64
CA THR A 91 -4.41 11.72 1.58
C THR A 91 -2.88 11.79 1.35
N TRP A 92 -2.22 10.62 1.42
CA TRP A 92 -0.78 10.49 1.15
C TRP A 92 -0.59 9.57 -0.07
N THR A 93 -0.02 10.12 -1.16
CA THR A 93 0.10 9.44 -2.47
C THR A 93 1.52 8.86 -2.68
N PHE A 94 1.65 7.52 -2.56
CA PHE A 94 2.90 6.78 -2.80
C PHE A 94 2.98 6.33 -4.26
N ASN A 95 3.98 6.86 -5.00
CA ASN A 95 4.13 6.61 -6.46
C ASN A 95 5.55 6.11 -6.76
N GLU A 96 5.66 4.85 -7.21
CA GLU A 96 6.90 4.33 -7.82
C GLU A 96 6.76 4.45 -9.36
N LYS A 97 7.41 5.45 -9.93
CA LYS A 97 7.35 5.74 -11.37
C LYS A 97 8.27 4.73 -12.10
N MET A 1 -4.26 11.07 31.51
CA MET A 1 -3.13 11.50 30.65
C MET A 1 -3.12 10.62 29.38
N GLY A 2 -3.12 11.26 28.19
CA GLY A 2 -3.18 10.56 26.91
C GLY A 2 -2.12 11.03 25.93
N HIS A 3 -0.85 11.06 26.39
CA HIS A 3 0.30 11.34 25.52
C HIS A 3 0.49 10.16 24.54
N HIS A 4 0.29 10.44 23.23
CA HIS A 4 0.29 9.43 22.15
C HIS A 4 1.65 8.67 22.07
N HIS A 5 1.75 7.57 22.83
CA HIS A 5 2.92 6.67 22.82
C HIS A 5 2.41 5.23 22.75
N HIS A 6 2.57 4.60 21.58
CA HIS A 6 2.19 3.20 21.36
C HIS A 6 3.36 2.46 20.72
N HIS A 7 4.26 1.98 21.57
CA HIS A 7 5.44 1.19 21.17
C HIS A 7 5.21 -0.28 21.46
N HIS A 8 5.88 -1.14 20.68
CA HIS A 8 5.74 -2.60 20.78
C HIS A 8 6.89 -3.28 20.00
N GLU A 9 7.23 -4.52 20.37
CA GLU A 9 8.25 -5.33 19.66
C GLU A 9 7.81 -5.64 18.21
N ASN A 10 8.79 -5.87 17.32
CA ASN A 10 8.52 -6.11 15.87
C ASN A 10 9.23 -7.39 15.40
N LEU A 11 8.46 -8.28 14.76
CA LEU A 11 8.96 -9.53 14.19
C LEU A 11 9.46 -9.26 12.77
N TYR A 12 10.77 -9.05 12.62
CA TYR A 12 11.43 -8.90 11.32
C TYR A 12 11.70 -10.29 10.74
N PHE A 13 10.80 -10.74 9.86
CA PHE A 13 10.86 -12.09 9.26
C PHE A 13 12.08 -12.18 8.31
N GLN A 14 12.81 -13.31 8.38
CA GLN A 14 14.08 -13.56 7.66
C GLN A 14 13.87 -13.37 6.14
N SER A 15 12.97 -14.17 5.57
CA SER A 15 12.64 -14.10 4.15
C SER A 15 11.59 -13.00 3.90
N HIS A 16 12.04 -11.90 3.27
CA HIS A 16 11.21 -10.74 2.95
C HIS A 16 10.48 -10.95 1.61
N MET A 17 9.21 -10.53 1.57
CA MET A 17 8.32 -10.72 0.43
C MET A 17 7.52 -9.43 0.17
N THR A 18 8.17 -8.49 -0.56
CA THR A 18 7.58 -7.21 -1.03
C THR A 18 7.35 -6.19 0.14
N ASP A 19 7.60 -6.62 1.38
CA ASP A 19 7.28 -5.82 2.60
C ASP A 19 8.30 -4.69 2.84
N GLU A 20 9.29 -4.54 1.94
CA GLU A 20 10.27 -3.43 1.98
C GLU A 20 9.56 -2.12 1.60
N LEU A 21 8.87 -2.16 0.45
CA LEU A 21 8.04 -1.04 -0.06
C LEU A 21 6.83 -0.81 0.86
N LEU A 22 6.27 -1.93 1.31
CA LEU A 22 5.06 -1.95 2.13
C LEU A 22 5.34 -1.42 3.56
N GLU A 23 6.59 -1.59 4.05
CA GLU A 23 6.99 -1.12 5.41
C GLU A 23 6.87 0.41 5.51
N ARG A 24 7.08 1.07 4.35
CA ARG A 24 6.93 2.54 4.23
C ARG A 24 5.46 2.93 4.49
N LEU A 25 4.56 2.11 3.93
CA LEU A 25 3.10 2.31 4.02
C LEU A 25 2.64 1.94 5.45
N ARG A 26 3.33 0.95 6.04
CA ARG A 26 3.01 0.41 7.37
C ARG A 26 3.22 1.46 8.47
N GLN A 27 4.38 2.13 8.45
CA GLN A 27 4.74 3.09 9.51
C GLN A 27 3.72 4.24 9.62
N LEU A 28 3.14 4.61 8.46
CA LEU A 28 2.02 5.55 8.40
C LEU A 28 0.76 4.90 9.04
N PHE A 29 0.46 3.65 8.64
CA PHE A 29 -0.68 2.87 9.18
C PHE A 29 -0.56 2.69 10.71
N GLU A 30 0.69 2.64 11.22
CA GLU A 30 0.95 2.50 12.66
C GLU A 30 0.65 3.83 13.38
N GLU A 31 1.09 4.95 12.77
CA GLU A 31 0.83 6.32 13.25
C GLU A 31 -0.69 6.61 13.35
N LEU A 32 -1.46 5.96 12.47
CA LEU A 32 -2.92 6.11 12.40
C LEU A 32 -3.60 5.13 13.40
N HIS A 33 -3.13 3.87 13.40
CA HIS A 33 -3.76 2.77 14.19
C HIS A 33 -3.63 3.03 15.71
N GLU A 34 -2.57 3.77 16.09
CA GLU A 34 -2.25 4.04 17.50
C GLU A 34 -3.25 5.02 18.11
N ARG A 35 -3.87 5.87 17.27
CA ARG A 35 -4.91 6.83 17.71
C ARG A 35 -6.31 6.31 17.38
N GLY A 36 -6.37 5.28 16.50
CA GLY A 36 -7.61 4.57 16.20
C GLY A 36 -8.50 5.28 15.19
N THR A 37 -7.88 6.05 14.29
CA THR A 37 -8.59 6.67 13.15
C THR A 37 -8.66 5.65 11.99
N GLU A 38 -9.66 5.83 11.10
CA GLU A 38 -9.91 4.91 9.99
C GLU A 38 -8.84 5.08 8.90
N ILE A 39 -8.45 3.96 8.26
CA ILE A 39 -7.47 3.97 7.17
C ILE A 39 -8.14 3.47 5.88
N VAL A 40 -8.35 4.40 4.95
CA VAL A 40 -8.87 4.11 3.60
C VAL A 40 -7.67 4.02 2.64
N VAL A 41 -7.32 2.81 2.22
CA VAL A 41 -6.24 2.57 1.26
C VAL A 41 -6.86 2.49 -0.15
N GLU A 42 -6.20 3.11 -1.16
CA GLU A 42 -6.70 3.08 -2.53
C GLU A 42 -5.54 2.88 -3.54
N VAL A 43 -5.48 1.69 -4.14
CA VAL A 43 -4.45 1.31 -5.11
C VAL A 43 -4.91 1.64 -6.56
N HIS A 44 -4.37 2.72 -7.12
CA HIS A 44 -4.64 3.15 -8.50
C HIS A 44 -3.65 2.47 -9.47
N ILE A 45 -4.11 1.56 -10.32
CA ILE A 45 -3.28 0.96 -11.39
C ILE A 45 -3.90 1.27 -12.75
N ASN A 46 -3.23 2.17 -13.51
CA ASN A 46 -3.66 2.67 -14.84
C ASN A 46 -4.99 3.44 -14.75
N GLY A 47 -6.08 2.71 -14.53
CA GLY A 47 -7.43 3.27 -14.44
C GLY A 47 -8.32 2.53 -13.43
N GLU A 48 -7.83 1.40 -12.89
CA GLU A 48 -8.49 0.67 -11.80
C GLU A 48 -8.15 1.33 -10.45
N ARG A 49 -9.12 1.36 -9.53
CA ARG A 49 -8.93 1.81 -8.16
C ARG A 49 -9.45 0.74 -7.18
N ASP A 50 -8.52 0.20 -6.37
CA ASP A 50 -8.85 -0.77 -5.32
C ASP A 50 -8.93 -0.01 -3.99
N GLU A 51 -10.13 0.10 -3.42
CA GLU A 51 -10.37 0.91 -2.22
C GLU A 51 -10.84 0.00 -1.08
N ILE A 52 -10.02 -0.08 -0.03
CA ILE A 52 -10.28 -0.91 1.16
C ILE A 52 -10.28 0.01 2.40
N ARG A 53 -11.38 -0.01 3.15
CA ARG A 53 -11.56 0.87 4.32
C ARG A 53 -11.60 0.01 5.59
N VAL A 54 -10.64 0.24 6.50
CA VAL A 54 -10.56 -0.42 7.81
C VAL A 54 -10.78 0.59 8.95
N ARG A 55 -11.34 0.13 10.06
CA ARG A 55 -11.61 0.95 11.25
C ARG A 55 -11.17 0.20 12.52
N ASN A 56 -10.18 0.78 13.24
CA ASN A 56 -9.58 0.22 14.48
C ASN A 56 -8.98 -1.19 14.22
N ILE A 57 -7.74 -1.21 13.70
CA ILE A 57 -7.00 -2.45 13.38
C ILE A 57 -5.65 -2.49 14.12
N SER A 58 -5.03 -3.68 14.21
CA SER A 58 -3.74 -3.90 14.90
C SER A 58 -2.57 -4.02 13.87
N LYS A 59 -1.35 -4.30 14.38
CA LYS A 59 -0.10 -4.27 13.57
C LYS A 59 -0.09 -5.27 12.38
N GLU A 60 -0.63 -6.49 12.57
CA GLU A 60 -0.66 -7.52 11.49
C GLU A 60 -1.90 -7.31 10.61
N GLU A 61 -2.96 -6.76 11.21
CA GLU A 61 -4.21 -6.44 10.51
C GLU A 61 -4.00 -5.42 9.38
N LEU A 62 -3.19 -4.39 9.66
CA LEU A 62 -2.82 -3.39 8.64
C LEU A 62 -1.80 -3.99 7.66
N LYS A 63 -1.04 -5.03 8.10
CA LYS A 63 -0.18 -5.81 7.18
C LYS A 63 -1.03 -6.64 6.21
N LYS A 64 -2.32 -6.88 6.56
CA LYS A 64 -3.24 -7.54 5.63
C LYS A 64 -3.58 -6.57 4.47
N LEU A 65 -3.55 -5.23 4.78
CA LEU A 65 -3.72 -4.17 3.77
C LEU A 65 -2.53 -4.19 2.81
N LEU A 66 -1.33 -4.32 3.40
CA LEU A 66 -0.06 -4.39 2.66
C LEU A 66 -0.06 -5.57 1.68
N GLU A 67 -0.64 -6.70 2.12
CA GLU A 67 -0.77 -7.90 1.29
C GLU A 67 -1.81 -7.70 0.18
N ARG A 68 -2.86 -6.92 0.44
CA ARG A 68 -3.86 -6.59 -0.60
C ARG A 68 -3.24 -5.70 -1.70
N ILE A 69 -2.36 -4.77 -1.27
CA ILE A 69 -1.61 -3.88 -2.18
C ILE A 69 -0.60 -4.70 -3.01
N ARG A 70 0.13 -5.61 -2.32
CA ARG A 70 1.21 -6.38 -2.95
C ARG A 70 0.65 -7.27 -4.06
N GLU A 71 -0.59 -7.80 -3.84
CA GLU A 71 -1.29 -8.62 -4.85
C GLU A 71 -1.39 -7.84 -6.15
N LYS A 72 -1.76 -6.55 -6.02
CA LYS A 72 -2.05 -5.69 -7.17
C LYS A 72 -0.76 -5.38 -7.96
N ILE A 73 0.25 -4.88 -7.23
CA ILE A 73 1.51 -4.40 -7.84
C ILE A 73 2.33 -5.56 -8.47
N GLU A 74 2.14 -6.79 -7.95
CA GLU A 74 2.85 -7.99 -8.43
C GLU A 74 2.12 -8.68 -9.61
N ARG A 75 0.77 -8.81 -9.53
CA ARG A 75 -0.03 -9.45 -10.60
C ARG A 75 0.08 -8.64 -11.90
N GLU A 76 0.07 -7.30 -11.78
CA GLU A 76 0.22 -6.39 -12.91
C GLU A 76 1.71 -6.23 -13.27
N GLY A 77 2.49 -5.79 -12.26
CA GLY A 77 3.94 -5.57 -12.45
C GLY A 77 4.27 -4.29 -13.22
N SER A 78 3.23 -3.45 -13.44
CA SER A 78 3.35 -2.20 -14.22
C SER A 78 3.81 -1.03 -13.31
N SER A 79 4.66 -0.15 -13.88
CA SER A 79 5.04 1.13 -13.25
C SER A 79 3.99 2.21 -13.58
N GLU A 80 2.77 1.93 -13.14
CA GLU A 80 1.62 2.83 -13.28
C GLU A 80 0.69 2.61 -12.08
N VAL A 81 1.30 2.22 -10.94
CA VAL A 81 0.60 2.06 -9.66
C VAL A 81 0.94 3.23 -8.71
N GLU A 82 -0.08 4.04 -8.46
CA GLU A 82 -0.09 5.10 -7.46
C GLU A 82 -0.98 4.64 -6.29
N VAL A 83 -0.44 4.57 -5.07
CA VAL A 83 -1.24 4.22 -3.89
C VAL A 83 -1.66 5.54 -3.21
N ASN A 84 -2.85 5.58 -2.65
CA ASN A 84 -3.40 6.76 -1.95
C ASN A 84 -3.89 6.29 -0.59
N VAL A 85 -3.20 6.69 0.48
CA VAL A 85 -3.70 6.48 1.85
C VAL A 85 -4.51 7.72 2.28
N HIS A 86 -5.72 7.48 2.79
CA HIS A 86 -6.67 8.53 3.21
C HIS A 86 -7.01 8.23 4.68
N SER A 87 -6.86 9.21 5.58
CA SER A 87 -7.13 9.00 7.02
C SER A 87 -7.42 10.33 7.72
N GLY A 88 -8.59 10.40 8.40
CA GLY A 88 -8.97 11.56 9.22
C GLY A 88 -9.12 12.86 8.46
N GLY A 89 -9.48 12.76 7.16
CA GLY A 89 -9.62 13.92 6.27
C GLY A 89 -8.40 14.16 5.40
N GLN A 90 -7.23 13.62 5.80
CA GLN A 90 -5.97 13.75 5.05
C GLN A 90 -5.89 12.71 3.92
N THR A 91 -5.13 13.04 2.85
CA THR A 91 -4.80 12.12 1.75
C THR A 91 -3.35 12.37 1.32
N TRP A 92 -2.57 11.29 1.16
CA TRP A 92 -1.19 11.35 0.67
C TRP A 92 -1.08 10.56 -0.64
N THR A 93 -0.20 11.01 -1.54
CA THR A 93 0.05 10.36 -2.83
C THR A 93 1.36 9.53 -2.75
N PHE A 94 1.31 8.28 -3.25
CA PHE A 94 2.42 7.32 -3.18
C PHE A 94 2.73 6.81 -4.60
N ASN A 95 3.96 7.02 -5.07
CA ASN A 95 4.42 6.56 -6.40
C ASN A 95 5.71 5.75 -6.27
N GLU A 96 5.75 4.59 -6.93
CA GLU A 96 6.90 3.66 -6.90
C GLU A 96 8.00 4.13 -7.87
N LYS A 97 9.22 3.64 -7.65
CA LYS A 97 10.41 4.01 -8.42
C LYS A 97 10.99 2.74 -9.08
N MET A 1 -23.53 -4.37 -11.46
CA MET A 1 -23.43 -5.78 -11.89
C MET A 1 -22.07 -6.04 -12.57
N GLY A 2 -21.15 -6.66 -11.83
CA GLY A 2 -19.79 -6.90 -12.29
C GLY A 2 -18.96 -7.51 -11.18
N HIS A 3 -18.67 -8.82 -11.30
CA HIS A 3 -17.95 -9.59 -10.28
C HIS A 3 -16.43 -9.33 -10.41
N HIS A 4 -15.98 -8.22 -9.79
CA HIS A 4 -14.58 -7.79 -9.81
C HIS A 4 -13.71 -8.75 -9.00
N HIS A 5 -13.08 -9.70 -9.71
CA HIS A 5 -12.06 -10.59 -9.15
C HIS A 5 -10.67 -10.15 -9.65
N HIS A 6 -10.51 -10.16 -11.00
CA HIS A 6 -9.25 -9.84 -11.73
C HIS A 6 -8.01 -10.62 -11.21
N HIS A 7 -8.24 -11.65 -10.40
CA HIS A 7 -7.19 -12.32 -9.62
C HIS A 7 -6.60 -13.47 -10.45
N HIS A 8 -5.72 -13.10 -11.38
CA HIS A 8 -4.91 -14.03 -12.20
C HIS A 8 -3.48 -13.47 -12.29
N GLU A 9 -2.53 -14.32 -12.75
CA GLU A 9 -1.08 -14.01 -12.79
C GLU A 9 -0.52 -13.84 -11.35
N ASN A 10 -1.27 -14.38 -10.36
CA ASN A 10 -1.00 -14.19 -8.92
C ASN A 10 0.40 -14.70 -8.53
N LEU A 11 0.91 -14.23 -7.37
CA LEU A 11 2.22 -14.61 -6.83
C LEU A 11 2.28 -16.12 -6.46
N TYR A 12 2.43 -16.96 -7.51
CA TYR A 12 2.66 -18.40 -7.37
C TYR A 12 4.09 -18.60 -6.92
N PHE A 13 4.99 -17.81 -7.51
CA PHE A 13 6.36 -17.61 -7.05
C PHE A 13 6.40 -16.32 -6.21
N GLN A 14 6.95 -16.41 -4.99
CA GLN A 14 6.98 -15.30 -4.02
C GLN A 14 8.29 -14.49 -4.15
N SER A 15 8.94 -14.55 -5.34
CA SER A 15 10.14 -13.76 -5.64
C SER A 15 9.79 -12.26 -5.69
N HIS A 16 9.82 -11.61 -4.52
CA HIS A 16 9.49 -10.19 -4.36
C HIS A 16 10.26 -9.58 -3.19
N MET A 17 10.49 -8.27 -3.29
CA MET A 17 10.90 -7.43 -2.15
C MET A 17 10.10 -6.13 -2.30
N THR A 18 8.78 -6.26 -2.09
CA THR A 18 7.83 -5.16 -2.26
C THR A 18 7.83 -4.21 -1.04
N ASP A 19 8.52 -4.62 0.05
CA ASP A 19 8.70 -3.81 1.29
C ASP A 19 9.42 -2.47 1.02
N GLU A 20 10.03 -2.33 -0.17
CA GLU A 20 10.55 -1.05 -0.68
C GLU A 20 9.46 0.05 -0.60
N LEU A 21 8.24 -0.32 -1.01
CA LEU A 21 7.06 0.57 -1.01
C LEU A 21 6.20 0.31 0.24
N LEU A 22 6.13 -0.97 0.66
CA LEU A 22 5.15 -1.44 1.64
C LEU A 22 5.56 -1.25 3.12
N GLU A 23 6.84 -1.43 3.46
CA GLU A 23 7.30 -1.39 4.87
C GLU A 23 7.08 0.00 5.50
N ARG A 24 7.27 1.06 4.69
CA ARG A 24 6.99 2.45 5.09
C ARG A 24 5.48 2.66 5.30
N LEU A 25 4.64 1.89 4.56
CA LEU A 25 3.18 1.91 4.72
C LEU A 25 2.82 1.27 6.05
N ARG A 26 3.51 0.15 6.38
CA ARG A 26 3.35 -0.59 7.64
C ARG A 26 3.50 0.37 8.82
N GLN A 27 4.60 1.14 8.78
CA GLN A 27 4.95 2.12 9.83
C GLN A 27 3.89 3.22 9.92
N LEU A 28 3.34 3.63 8.76
CA LEU A 28 2.30 4.66 8.67
C LEU A 28 1.00 4.16 9.35
N PHE A 29 0.64 2.89 9.12
CA PHE A 29 -0.57 2.27 9.69
C PHE A 29 -0.39 2.00 11.20
N GLU A 30 0.83 1.58 11.60
CA GLU A 30 1.21 1.38 13.02
C GLU A 30 1.12 2.71 13.78
N GLU A 31 1.46 3.79 13.07
CA GLU A 31 1.40 5.16 13.61
C GLU A 31 -0.06 5.58 13.78
N LEU A 32 -0.85 5.52 12.70
CA LEU A 32 -2.28 5.96 12.67
C LEU A 32 -3.18 5.10 13.59
N HIS A 33 -2.66 3.91 13.97
CA HIS A 33 -3.30 3.02 14.97
C HIS A 33 -3.48 3.73 16.35
N GLU A 34 -2.69 4.81 16.59
CA GLU A 34 -2.79 5.68 17.81
C GLU A 34 -4.21 6.27 17.98
N ARG A 35 -4.82 6.63 16.85
CA ARG A 35 -6.07 7.41 16.79
C ARG A 35 -7.22 6.56 16.23
N GLY A 36 -6.83 5.47 15.52
CA GLY A 36 -7.78 4.53 14.94
C GLY A 36 -8.77 5.17 13.98
N THR A 37 -8.26 6.15 13.20
CA THR A 37 -9.07 6.85 12.20
C THR A 37 -9.42 5.93 11.04
N GLU A 38 -10.54 6.24 10.36
CA GLU A 38 -10.98 5.49 9.18
C GLU A 38 -10.01 5.78 8.01
N ILE A 39 -9.12 4.80 7.77
CA ILE A 39 -8.10 4.84 6.75
C ILE A 39 -8.66 4.19 5.47
N VAL A 40 -8.83 5.01 4.42
CA VAL A 40 -9.30 4.57 3.11
C VAL A 40 -8.08 4.48 2.20
N VAL A 41 -7.61 3.25 1.97
CA VAL A 41 -6.46 2.95 1.11
C VAL A 41 -6.98 2.65 -0.29
N GLU A 42 -6.70 3.56 -1.21
CA GLU A 42 -7.18 3.52 -2.58
C GLU A 42 -5.99 3.24 -3.51
N VAL A 43 -5.94 2.01 -4.02
CA VAL A 43 -4.87 1.58 -4.94
C VAL A 43 -5.34 1.87 -6.37
N HIS A 44 -4.47 2.46 -7.20
CA HIS A 44 -4.76 2.83 -8.59
C HIS A 44 -3.64 2.29 -9.50
N ILE A 45 -3.95 1.26 -10.31
CA ILE A 45 -2.98 0.62 -11.22
C ILE A 45 -3.65 0.31 -12.56
N ASN A 46 -3.45 1.21 -13.55
CA ASN A 46 -3.83 1.01 -14.97
C ASN A 46 -5.33 0.68 -15.19
N GLY A 47 -6.17 1.14 -14.26
CA GLY A 47 -7.63 0.90 -14.31
C GLY A 47 -8.10 0.09 -13.11
N GLU A 48 -7.20 -0.74 -12.55
CA GLU A 48 -7.49 -1.54 -11.36
C GLU A 48 -7.41 -0.66 -10.12
N ARG A 49 -8.59 -0.36 -9.54
CA ARG A 49 -8.69 0.40 -8.32
C ARG A 49 -9.19 -0.50 -7.19
N ASP A 50 -8.81 -0.20 -5.95
CA ASP A 50 -9.14 -1.04 -4.79
C ASP A 50 -9.33 -0.14 -3.57
N GLU A 51 -10.58 -0.09 -3.05
CA GLU A 51 -10.97 0.77 -1.91
C GLU A 51 -11.06 -0.07 -0.62
N ILE A 52 -10.10 0.10 0.29
CA ILE A 52 -10.08 -0.62 1.57
C ILE A 52 -10.32 0.39 2.70
N ARG A 53 -11.50 0.36 3.30
CA ARG A 53 -11.83 1.23 4.43
C ARG A 53 -11.70 0.44 5.73
N VAL A 54 -10.60 0.70 6.44
CA VAL A 54 -10.29 0.09 7.74
C VAL A 54 -10.33 1.19 8.81
N ARG A 55 -10.63 0.82 10.06
CA ARG A 55 -10.69 1.78 11.18
C ARG A 55 -9.72 1.36 12.27
N ASN A 56 -9.93 0.12 12.77
CA ASN A 56 -9.18 -0.46 13.87
C ASN A 56 -8.41 -1.68 13.36
N ILE A 57 -7.17 -1.45 12.92
CA ILE A 57 -6.28 -2.49 12.39
C ILE A 57 -4.98 -2.56 13.24
N SER A 58 -4.81 -3.67 13.98
CA SER A 58 -3.64 -3.92 14.82
C SER A 58 -2.45 -4.37 13.95
N LYS A 59 -1.28 -4.53 14.58
CA LYS A 59 0.03 -4.74 13.90
C LYS A 59 0.04 -5.84 12.79
N GLU A 60 -0.76 -6.92 12.96
CA GLU A 60 -0.85 -8.03 11.97
C GLU A 60 -1.92 -7.75 10.89
N GLU A 61 -2.98 -7.00 11.26
CA GLU A 61 -4.10 -6.69 10.36
C GLU A 61 -3.83 -5.49 9.46
N LEU A 62 -3.01 -4.55 9.94
CA LEU A 62 -2.61 -3.37 9.14
C LEU A 62 -1.63 -3.80 8.04
N LYS A 63 -0.92 -4.92 8.32
CA LYS A 63 -0.12 -5.64 7.32
C LYS A 63 -0.94 -5.96 6.08
N LYS A 64 -2.22 -6.30 6.27
CA LYS A 64 -3.12 -6.73 5.18
C LYS A 64 -3.29 -5.63 4.13
N LEU A 65 -3.22 -4.37 4.59
CA LEU A 65 -3.43 -3.18 3.73
C LEU A 65 -2.37 -3.12 2.62
N LEU A 66 -1.11 -3.32 3.00
CA LEU A 66 0.03 -3.28 2.08
C LEU A 66 0.19 -4.62 1.32
N GLU A 67 -0.25 -5.74 1.96
CA GLU A 67 -0.21 -7.09 1.33
C GLU A 67 -1.30 -7.22 0.25
N ARG A 68 -2.31 -6.34 0.31
CA ARG A 68 -3.27 -6.15 -0.79
C ARG A 68 -2.59 -5.45 -1.97
N ILE A 69 -1.70 -4.50 -1.69
CA ILE A 69 -1.04 -3.69 -2.73
C ILE A 69 0.02 -4.53 -3.49
N ARG A 70 0.75 -5.41 -2.76
CA ARG A 70 1.85 -6.21 -3.36
C ARG A 70 1.32 -7.08 -4.51
N GLU A 71 0.14 -7.72 -4.30
CA GLU A 71 -0.45 -8.59 -5.32
C GLU A 71 -0.81 -7.77 -6.55
N LYS A 72 -1.22 -6.49 -6.35
CA LYS A 72 -1.65 -5.63 -7.46
C LYS A 72 -0.45 -5.37 -8.39
N ILE A 73 0.66 -4.89 -7.78
CA ILE A 73 1.87 -4.49 -8.52
C ILE A 73 2.55 -5.70 -9.19
N GLU A 74 2.33 -6.91 -8.62
CA GLU A 74 2.92 -8.17 -9.13
C GLU A 74 2.06 -8.81 -10.26
N ARG A 75 0.76 -9.05 -9.99
CA ARG A 75 -0.10 -9.84 -10.92
C ARG A 75 -0.67 -8.99 -12.06
N GLU A 76 -0.98 -7.70 -11.79
CA GLU A 76 -1.23 -6.73 -12.88
C GLU A 76 0.10 -6.45 -13.59
N GLY A 77 1.14 -6.21 -12.77
CA GLY A 77 2.53 -6.12 -13.25
C GLY A 77 2.90 -4.78 -13.88
N SER A 78 1.89 -4.11 -14.47
CA SER A 78 2.06 -2.84 -15.17
C SER A 78 2.58 -1.75 -14.22
N SER A 79 3.74 -1.16 -14.58
CA SER A 79 4.45 -0.15 -13.77
C SER A 79 3.76 1.23 -13.87
N GLU A 80 2.68 1.34 -13.11
CA GLU A 80 1.91 2.58 -12.93
C GLU A 80 1.07 2.34 -11.67
N VAL A 81 1.60 2.80 -10.52
CA VAL A 81 1.03 2.53 -9.19
C VAL A 81 0.78 3.86 -8.48
N GLU A 82 -0.41 4.02 -7.90
CA GLU A 82 -0.76 5.19 -7.08
C GLU A 82 -1.61 4.75 -5.88
N VAL A 83 -1.03 4.78 -4.68
CA VAL A 83 -1.73 4.45 -3.43
C VAL A 83 -2.13 5.76 -2.72
N ASN A 84 -3.41 5.88 -2.33
CA ASN A 84 -3.96 7.08 -1.69
C ASN A 84 -4.46 6.70 -0.30
N VAL A 85 -3.77 7.11 0.76
CA VAL A 85 -4.14 6.80 2.14
C VAL A 85 -4.87 8.01 2.75
N HIS A 86 -6.21 7.90 2.87
CA HIS A 86 -7.08 8.97 3.39
C HIS A 86 -7.40 8.68 4.85
N SER A 87 -6.90 9.50 5.77
CA SER A 87 -7.16 9.36 7.22
C SER A 87 -6.89 10.68 7.95
N GLY A 88 -7.87 11.11 8.77
CA GLY A 88 -7.73 12.31 9.61
C GLY A 88 -7.62 13.62 8.82
N GLY A 89 -8.27 13.66 7.65
CA GLY A 89 -8.29 14.84 6.78
C GLY A 89 -7.06 14.94 5.88
N GLN A 90 -6.13 13.98 6.00
CA GLN A 90 -4.88 13.94 5.21
C GLN A 90 -4.98 12.83 4.17
N THR A 91 -4.18 12.95 3.10
CA THR A 91 -4.03 11.92 2.06
C THR A 91 -2.56 11.84 1.62
N TRP A 92 -1.94 10.68 1.86
CA TRP A 92 -0.58 10.39 1.41
C TRP A 92 -0.64 9.62 0.08
N THR A 93 -0.12 10.22 -0.99
CA THR A 93 -0.06 9.61 -2.33
C THR A 93 1.34 9.01 -2.59
N PHE A 94 1.42 7.67 -2.51
CA PHE A 94 2.65 6.91 -2.74
C PHE A 94 2.63 6.27 -4.13
N ASN A 95 3.45 6.81 -5.02
CA ASN A 95 3.68 6.24 -6.37
C ASN A 95 5.02 5.51 -6.38
N GLU A 96 5.17 4.51 -7.28
CA GLU A 96 6.43 3.76 -7.42
C GLU A 96 7.53 4.66 -8.03
N LYS A 97 8.80 4.27 -7.80
CA LYS A 97 10.01 5.12 -7.94
C LYS A 97 10.02 6.08 -9.19
N MET A 1 5.48 22.15 -19.49
CA MET A 1 5.26 22.43 -20.93
C MET A 1 4.66 21.20 -21.64
N GLY A 2 5.13 19.99 -21.25
CA GLY A 2 4.64 18.75 -21.84
C GLY A 2 5.20 17.52 -21.13
N HIS A 3 4.41 16.95 -20.20
CA HIS A 3 4.71 15.66 -19.57
C HIS A 3 3.92 14.56 -20.31
N HIS A 4 4.64 13.82 -21.16
CA HIS A 4 4.11 12.69 -21.91
C HIS A 4 5.30 11.81 -22.30
N HIS A 5 5.27 10.52 -21.89
CA HIS A 5 6.38 9.59 -22.08
C HIS A 5 6.61 9.32 -23.58
N HIS A 6 7.62 10.01 -24.14
CA HIS A 6 7.99 9.93 -25.56
C HIS A 6 8.72 8.61 -25.84
N HIS A 7 9.78 8.36 -25.07
CA HIS A 7 10.61 7.15 -25.22
C HIS A 7 9.89 5.96 -24.58
N HIS A 8 9.08 5.26 -25.40
CA HIS A 8 8.36 4.05 -24.97
C HIS A 8 9.35 2.90 -24.71
N GLU A 9 9.87 2.85 -23.48
CA GLU A 9 10.88 1.88 -23.08
C GLU A 9 10.19 0.57 -22.69
N ASN A 10 10.04 -0.32 -23.67
CA ASN A 10 9.46 -1.66 -23.46
C ASN A 10 10.52 -2.58 -22.82
N LEU A 11 10.68 -2.43 -21.49
CA LEU A 11 11.57 -3.27 -20.67
C LEU A 11 10.79 -3.75 -19.44
N TYR A 12 10.14 -4.91 -19.60
CA TYR A 12 9.42 -5.60 -18.52
C TYR A 12 10.25 -6.79 -18.02
N PHE A 13 11.59 -6.70 -18.26
CA PHE A 13 12.58 -7.63 -17.72
C PHE A 13 12.87 -7.26 -16.26
N GLN A 14 11.85 -7.43 -15.42
CA GLN A 14 11.85 -6.96 -14.04
C GLN A 14 12.18 -8.11 -13.10
N SER A 15 13.27 -7.99 -12.33
CA SER A 15 13.50 -8.82 -11.15
C SER A 15 12.51 -8.34 -10.09
N HIS A 16 11.24 -8.79 -10.25
CA HIS A 16 10.07 -8.12 -9.69
C HIS A 16 9.92 -8.42 -8.19
N MET A 17 10.69 -7.69 -7.41
CA MET A 17 10.54 -7.61 -5.96
C MET A 17 9.72 -6.36 -5.66
N THR A 18 8.80 -6.45 -4.70
CA THR A 18 8.02 -5.29 -4.26
C THR A 18 8.94 -4.25 -3.60
N ASP A 19 8.67 -2.97 -3.87
CA ASP A 19 9.41 -1.85 -3.26
C ASP A 19 9.11 -1.77 -1.74
N GLU A 20 9.97 -1.06 -1.00
CA GLU A 20 9.84 -0.89 0.46
C GLU A 20 8.59 -0.06 0.86
N LEU A 21 7.80 0.43 -0.15
CA LEU A 21 6.54 1.16 0.08
C LEU A 21 5.58 0.42 1.02
N LEU A 22 5.66 -0.94 1.05
CA LEU A 22 4.93 -1.76 2.02
C LEU A 22 5.26 -1.32 3.45
N GLU A 23 6.58 -1.38 3.75
CA GLU A 23 7.13 -1.07 5.08
C GLU A 23 6.90 0.42 5.43
N ARG A 24 6.94 1.29 4.40
CA ARG A 24 6.67 2.74 4.55
C ARG A 24 5.22 2.96 5.00
N LEU A 25 4.31 2.13 4.47
CA LEU A 25 2.88 2.20 4.80
C LEU A 25 2.63 1.52 6.14
N ARG A 26 3.43 0.50 6.49
CA ARG A 26 3.30 -0.22 7.77
C ARG A 26 3.52 0.74 8.93
N GLN A 27 4.60 1.57 8.83
CA GLN A 27 4.95 2.56 9.86
C GLN A 27 3.84 3.61 9.99
N LEU A 28 3.23 3.95 8.84
CA LEU A 28 2.11 4.89 8.75
C LEU A 28 0.87 4.33 9.47
N PHE A 29 0.53 3.06 9.20
CA PHE A 29 -0.66 2.40 9.79
C PHE A 29 -0.48 2.21 11.30
N GLU A 30 0.75 1.88 11.72
CA GLU A 30 1.15 1.75 13.12
C GLU A 30 1.01 3.10 13.86
N GLU A 31 1.36 4.19 13.16
CA GLU A 31 1.22 5.55 13.70
C GLU A 31 -0.27 5.88 13.89
N LEU A 32 -1.06 5.64 12.83
CA LEU A 32 -2.51 5.92 12.80
C LEU A 32 -3.25 5.08 13.87
N HIS A 33 -2.69 3.89 14.14
CA HIS A 33 -3.20 2.91 15.12
C HIS A 33 -3.24 3.50 16.56
N GLU A 34 -2.49 4.62 16.80
CA GLU A 34 -2.47 5.33 18.10
C GLU A 34 -3.88 5.79 18.53
N ARG A 35 -4.75 6.11 17.53
CA ARG A 35 -6.20 6.38 17.77
C ARG A 35 -7.08 5.33 17.07
N GLY A 36 -6.54 4.75 15.98
CA GLY A 36 -7.30 3.88 15.10
C GLY A 36 -8.01 4.70 14.05
N THR A 37 -7.24 5.58 13.40
CA THR A 37 -7.71 6.56 12.41
C THR A 37 -8.48 5.91 11.24
N GLU A 38 -9.32 6.72 10.57
CA GLU A 38 -9.94 6.37 9.27
C GLU A 38 -8.84 6.08 8.20
N ILE A 39 -8.35 4.84 8.14
CA ILE A 39 -7.30 4.45 7.18
C ILE A 39 -7.97 3.87 5.92
N VAL A 40 -7.88 4.61 4.80
CA VAL A 40 -8.44 4.19 3.52
C VAL A 40 -7.30 3.95 2.53
N VAL A 41 -7.00 2.68 2.27
CA VAL A 41 -5.95 2.28 1.33
C VAL A 41 -6.62 2.06 -0.05
N GLU A 42 -6.32 2.97 -0.98
CA GLU A 42 -6.96 3.03 -2.30
C GLU A 42 -5.88 2.87 -3.38
N VAL A 43 -5.84 1.70 -4.02
CA VAL A 43 -4.76 1.31 -4.94
C VAL A 43 -5.20 1.53 -6.40
N HIS A 44 -4.69 2.62 -7.00
CA HIS A 44 -4.98 3.00 -8.40
C HIS A 44 -3.89 2.40 -9.32
N ILE A 45 -4.18 1.23 -9.92
CA ILE A 45 -3.24 0.54 -10.82
C ILE A 45 -3.84 0.44 -12.24
N ASN A 46 -3.21 1.16 -13.20
CA ASN A 46 -3.50 1.13 -14.65
C ASN A 46 -5.01 1.32 -14.97
N GLY A 47 -5.73 2.05 -14.10
CA GLY A 47 -7.15 2.36 -14.31
C GLY A 47 -8.05 1.84 -13.20
N GLU A 48 -7.69 0.69 -12.62
CA GLU A 48 -8.47 0.05 -11.56
C GLU A 48 -8.19 0.72 -10.21
N ARG A 49 -9.23 0.80 -9.35
CA ARG A 49 -9.13 1.33 -7.98
C ARG A 49 -9.57 0.23 -6.98
N ASP A 50 -8.66 -0.15 -6.06
CA ASP A 50 -8.95 -1.13 -5.00
C ASP A 50 -9.13 -0.36 -3.69
N GLU A 51 -10.36 -0.35 -3.15
CA GLU A 51 -10.70 0.48 -1.98
C GLU A 51 -10.82 -0.40 -0.71
N ILE A 52 -9.95 -0.13 0.26
CA ILE A 52 -9.98 -0.77 1.58
C ILE A 52 -10.22 0.32 2.63
N ARG A 53 -11.38 0.31 3.30
CA ARG A 53 -11.70 1.30 4.36
C ARG A 53 -11.74 0.60 5.72
N VAL A 54 -10.78 0.92 6.58
CA VAL A 54 -10.65 0.41 7.94
C VAL A 54 -10.42 1.58 8.92
N ARG A 55 -10.84 1.45 10.18
CA ARG A 55 -10.52 2.44 11.24
C ARG A 55 -9.76 1.74 12.38
N ASN A 56 -10.52 1.14 13.32
CA ASN A 56 -9.96 0.42 14.47
C ASN A 56 -9.69 -1.02 14.05
N ILE A 57 -8.47 -1.24 13.56
CA ILE A 57 -7.95 -2.56 13.17
C ILE A 57 -6.75 -2.93 14.04
N SER A 58 -6.25 -4.17 13.88
CA SER A 58 -5.12 -4.69 14.67
C SER A 58 -3.79 -4.55 13.90
N LYS A 59 -2.66 -4.90 14.57
CA LYS A 59 -1.29 -4.70 14.01
C LYS A 59 -0.97 -5.72 12.87
N GLU A 60 -1.49 -6.96 12.99
CA GLU A 60 -1.37 -7.98 11.91
C GLU A 60 -2.44 -7.74 10.85
N GLU A 61 -3.55 -7.10 11.24
CA GLU A 61 -4.65 -6.77 10.33
C GLU A 61 -4.28 -5.61 9.39
N LEU A 62 -3.53 -4.61 9.90
CA LEU A 62 -3.06 -3.49 9.07
C LEU A 62 -1.94 -3.95 8.12
N LYS A 63 -1.25 -5.04 8.49
CA LYS A 63 -0.34 -5.75 7.58
C LYS A 63 -1.08 -6.20 6.32
N LYS A 64 -2.37 -6.59 6.47
CA LYS A 64 -3.18 -7.03 5.34
C LYS A 64 -3.36 -5.90 4.31
N LEU A 65 -3.45 -4.64 4.82
CA LEU A 65 -3.73 -3.46 3.97
C LEU A 65 -2.69 -3.32 2.83
N LEU A 66 -1.41 -3.45 3.23
CA LEU A 66 -0.27 -3.33 2.32
C LEU A 66 0.00 -4.65 1.57
N GLU A 67 -0.38 -5.79 2.17
CA GLU A 67 -0.24 -7.12 1.53
C GLU A 67 -1.22 -7.28 0.37
N ARG A 68 -2.36 -6.57 0.41
CA ARG A 68 -3.30 -6.52 -0.72
C ARG A 68 -2.62 -5.81 -1.90
N ILE A 69 -1.89 -4.70 -1.59
CA ILE A 69 -1.18 -3.87 -2.58
C ILE A 69 -0.11 -4.69 -3.32
N ARG A 70 0.73 -5.45 -2.54
CA ARG A 70 1.84 -6.22 -3.10
C ARG A 70 1.32 -7.23 -4.13
N GLU A 71 0.14 -7.82 -3.83
CA GLU A 71 -0.55 -8.77 -4.73
C GLU A 71 -0.85 -8.11 -6.08
N LYS A 72 -1.30 -6.83 -6.02
CA LYS A 72 -1.72 -6.08 -7.21
C LYS A 72 -0.50 -5.83 -8.11
N ILE A 73 0.57 -5.24 -7.54
CA ILE A 73 1.78 -4.88 -8.30
C ILE A 73 2.53 -6.13 -8.83
N GLU A 74 2.47 -7.25 -8.07
CA GLU A 74 3.08 -8.53 -8.48
C GLU A 74 2.41 -9.07 -9.75
N ARG A 75 1.06 -9.08 -9.76
CA ARG A 75 0.28 -9.72 -10.85
C ARG A 75 0.28 -8.87 -12.15
N GLU A 76 0.30 -7.51 -12.01
CA GLU A 76 0.30 -6.60 -13.18
C GLU A 76 1.72 -6.48 -13.78
N GLY A 77 2.70 -6.14 -12.94
CA GLY A 77 4.10 -5.97 -13.37
C GLY A 77 4.28 -4.96 -14.49
N SER A 78 3.46 -3.90 -14.44
CA SER A 78 3.41 -2.85 -15.46
C SER A 78 4.21 -1.61 -14.97
N SER A 79 4.00 -0.45 -15.60
CA SER A 79 4.69 0.80 -15.24
C SER A 79 3.68 1.95 -15.10
N GLU A 80 2.61 1.72 -14.30
CA GLU A 80 1.66 2.76 -13.90
C GLU A 80 0.96 2.32 -12.60
N VAL A 81 1.41 2.90 -11.48
CA VAL A 81 0.92 2.56 -10.13
C VAL A 81 0.76 3.85 -9.29
N GLU A 82 -0.31 3.89 -8.51
CA GLU A 82 -0.63 4.95 -7.56
C GLU A 82 -1.27 4.31 -6.32
N VAL A 83 -0.90 4.78 -5.12
CA VAL A 83 -1.48 4.30 -3.85
C VAL A 83 -1.85 5.52 -3.00
N ASN A 84 -3.16 5.76 -2.83
CA ASN A 84 -3.67 6.87 -2.02
C ASN A 84 -4.16 6.35 -0.68
N VAL A 85 -3.42 6.67 0.39
CA VAL A 85 -3.86 6.41 1.77
C VAL A 85 -4.54 7.68 2.28
N HIS A 86 -5.79 7.56 2.73
CA HIS A 86 -6.60 8.69 3.20
C HIS A 86 -6.86 8.47 4.69
N SER A 87 -6.28 9.33 5.55
CA SER A 87 -6.42 9.22 7.01
C SER A 87 -6.36 10.60 7.67
N GLY A 88 -7.43 10.93 8.43
CA GLY A 88 -7.52 12.17 9.20
C GLY A 88 -7.71 13.40 8.34
N GLY A 89 -8.21 13.18 7.10
CA GLY A 89 -8.35 14.24 6.10
C GLY A 89 -7.14 14.34 5.17
N GLN A 90 -5.99 13.80 5.59
CA GLN A 90 -4.74 13.80 4.80
C GLN A 90 -4.74 12.65 3.80
N THR A 91 -4.22 12.89 2.59
CA THR A 91 -4.05 11.86 1.56
C THR A 91 -2.59 11.82 1.10
N TRP A 92 -1.92 10.67 1.36
CA TRP A 92 -0.56 10.41 0.90
C TRP A 92 -0.62 9.72 -0.48
N THR A 93 -0.08 10.39 -1.50
CA THR A 93 -0.06 9.89 -2.88
C THR A 93 1.30 9.22 -3.19
N PHE A 94 1.31 7.88 -3.23
CA PHE A 94 2.51 7.09 -3.57
C PHE A 94 2.45 6.72 -5.06
N ASN A 95 3.23 7.45 -5.85
CA ASN A 95 3.29 7.31 -7.32
C ASN A 95 4.66 6.75 -7.71
N GLU A 96 4.74 6.19 -8.95
CA GLU A 96 5.93 5.49 -9.47
C GLU A 96 7.22 6.31 -9.28
N LYS A 97 8.30 5.59 -8.93
CA LYS A 97 9.60 6.17 -8.54
C LYS A 97 10.48 6.49 -9.78
N MET A 1 13.26 4.55 -0.33
CA MET A 1 14.62 5.03 0.01
C MET A 1 14.55 6.35 0.81
N GLY A 2 15.73 6.80 1.29
CA GLY A 2 15.86 8.07 2.00
C GLY A 2 15.53 7.95 3.48
N HIS A 3 14.48 8.68 3.90
CA HIS A 3 14.06 8.78 5.32
C HIS A 3 13.42 7.46 5.81
N HIS A 4 14.26 6.52 6.27
CA HIS A 4 13.83 5.19 6.75
C HIS A 4 14.90 4.60 7.69
N HIS A 5 14.94 5.12 8.95
CA HIS A 5 15.92 4.69 9.97
C HIS A 5 15.47 3.41 10.69
N HIS A 6 15.39 2.31 9.92
CA HIS A 6 14.96 1.00 10.41
C HIS A 6 15.42 -0.09 9.42
N HIS A 7 16.73 -0.46 9.51
CA HIS A 7 17.36 -1.44 8.63
C HIS A 7 16.75 -2.85 8.84
N HIS A 8 15.63 -3.09 8.14
CA HIS A 8 14.79 -4.28 8.37
C HIS A 8 15.30 -5.50 7.59
N GLU A 9 16.16 -6.28 8.26
CA GLU A 9 16.51 -7.63 7.82
C GLU A 9 15.49 -8.59 8.44
N ASN A 10 14.34 -8.73 7.76
CA ASN A 10 13.14 -9.44 8.27
C ASN A 10 13.46 -10.89 8.68
N LEU A 11 14.44 -11.50 7.97
CA LEU A 11 14.76 -12.94 8.07
C LEU A 11 13.54 -13.80 7.63
N TYR A 12 12.72 -13.18 6.76
CA TYR A 12 11.46 -13.71 6.25
C TYR A 12 11.47 -13.69 4.71
N PHE A 13 10.28 -13.77 4.09
CA PHE A 13 10.14 -13.72 2.64
C PHE A 13 10.25 -12.25 2.16
N GLN A 14 11.33 -11.94 1.41
CA GLN A 14 11.55 -10.58 0.87
C GLN A 14 10.55 -10.24 -0.26
N SER A 15 9.92 -11.31 -0.80
CA SER A 15 8.76 -11.25 -1.71
C SER A 15 9.06 -10.43 -2.98
N HIS A 16 9.90 -11.01 -3.87
CA HIS A 16 10.21 -10.44 -5.20
C HIS A 16 10.84 -9.03 -5.08
N MET A 17 11.68 -8.86 -4.04
CA MET A 17 12.41 -7.60 -3.72
C MET A 17 11.47 -6.42 -3.40
N THR A 18 10.17 -6.71 -3.12
CA THR A 18 9.12 -5.68 -2.96
C THR A 18 9.12 -5.07 -1.54
N ASP A 19 9.61 -5.85 -0.55
CA ASP A 19 9.54 -5.48 0.87
C ASP A 19 10.52 -4.33 1.21
N GLU A 20 10.06 -3.11 0.93
CA GLU A 20 10.71 -1.86 1.34
C GLU A 20 9.64 -0.79 1.46
N LEU A 21 8.88 -0.58 0.34
CA LEU A 21 7.73 0.34 0.31
C LEU A 21 6.64 -0.14 1.26
N LEU A 22 6.54 -1.49 1.41
CA LEU A 22 5.61 -2.13 2.34
C LEU A 22 5.81 -1.57 3.76
N GLU A 23 7.07 -1.66 4.28
CA GLU A 23 7.38 -1.15 5.62
C GLU A 23 7.27 0.38 5.68
N ARG A 24 7.56 1.09 4.56
CA ARG A 24 7.40 2.57 4.49
C ARG A 24 5.92 2.97 4.70
N LEU A 25 4.99 2.09 4.26
CA LEU A 25 3.55 2.28 4.47
C LEU A 25 3.17 1.79 5.87
N ARG A 26 3.89 0.75 6.37
CA ARG A 26 3.64 0.18 7.70
C ARG A 26 3.94 1.22 8.78
N GLN A 27 5.06 1.97 8.59
CA GLN A 27 5.48 3.04 9.53
C GLN A 27 4.39 4.13 9.60
N LEU A 28 3.79 4.42 8.44
CA LEU A 28 2.66 5.33 8.32
C LEU A 28 1.44 4.79 9.10
N PHE A 29 1.15 3.49 8.95
CA PHE A 29 0.01 2.83 9.62
C PHE A 29 0.25 2.66 11.15
N GLU A 30 1.53 2.57 11.55
CA GLU A 30 1.94 2.51 12.98
C GLU A 30 1.88 3.93 13.59
N GLU A 31 2.00 4.93 12.72
CA GLU A 31 1.81 6.35 13.06
C GLU A 31 0.30 6.66 13.23
N LEU A 32 -0.51 5.94 12.44
CA LEU A 32 -1.97 6.00 12.46
C LEU A 32 -2.56 5.09 13.54
N HIS A 33 -1.73 4.12 14.03
CA HIS A 33 -2.12 3.14 15.07
C HIS A 33 -2.65 3.83 16.34
N GLU A 34 -2.16 5.05 16.62
CA GLU A 34 -2.55 5.81 17.83
C GLU A 34 -4.06 6.13 17.84
N ARG A 35 -4.63 6.41 16.66
CA ARG A 35 -6.06 6.78 16.51
C ARG A 35 -6.88 5.57 16.02
N GLY A 36 -6.33 4.87 15.02
CA GLY A 36 -7.00 3.76 14.35
C GLY A 36 -8.29 4.18 13.64
N THR A 37 -8.25 5.37 13.01
CA THR A 37 -9.42 5.97 12.32
C THR A 37 -9.75 5.21 11.02
N GLU A 38 -10.71 5.73 10.23
CA GLU A 38 -11.04 5.20 8.90
C GLU A 38 -9.83 5.34 7.95
N ILE A 39 -9.09 4.24 7.85
CA ILE A 39 -7.95 4.09 6.93
C ILE A 39 -8.47 3.41 5.65
N VAL A 40 -8.52 4.18 4.57
CA VAL A 40 -9.01 3.72 3.27
C VAL A 40 -7.83 3.69 2.30
N VAL A 41 -7.34 2.47 1.99
CA VAL A 41 -6.20 2.27 1.09
C VAL A 41 -6.74 2.03 -0.33
N GLU A 42 -6.51 3.02 -1.21
CA GLU A 42 -7.05 3.03 -2.57
C GLU A 42 -5.87 3.00 -3.57
N VAL A 43 -5.68 1.83 -4.20
CA VAL A 43 -4.51 1.53 -5.03
C VAL A 43 -4.90 1.74 -6.51
N HIS A 44 -4.44 2.87 -7.08
CA HIS A 44 -4.70 3.24 -8.48
C HIS A 44 -3.63 2.63 -9.38
N ILE A 45 -3.97 1.56 -10.11
CA ILE A 45 -3.08 0.97 -11.12
C ILE A 45 -3.82 0.85 -12.45
N ASN A 46 -3.23 1.46 -13.51
CA ASN A 46 -3.71 1.33 -14.91
C ASN A 46 -5.10 1.96 -15.14
N GLY A 47 -5.52 2.85 -14.21
CA GLY A 47 -6.84 3.50 -14.25
C GLY A 47 -7.83 2.91 -13.27
N GLU A 48 -7.55 1.67 -12.82
CA GLU A 48 -8.38 0.94 -11.84
C GLU A 48 -8.01 1.37 -10.41
N ARG A 49 -8.98 1.27 -9.51
CA ARG A 49 -8.82 1.58 -8.08
C ARG A 49 -9.17 0.34 -7.24
N ASP A 50 -8.27 -0.03 -6.31
CA ASP A 50 -8.53 -1.06 -5.29
C ASP A 50 -8.72 -0.34 -3.95
N GLU A 51 -9.94 -0.27 -3.45
CA GLU A 51 -10.31 0.60 -2.33
C GLU A 51 -10.74 -0.25 -1.12
N ILE A 52 -9.96 -0.16 -0.04
CA ILE A 52 -10.16 -0.97 1.16
C ILE A 52 -10.43 -0.05 2.35
N ARG A 53 -11.68 0.00 2.82
CA ARG A 53 -12.06 0.75 4.02
C ARG A 53 -11.82 -0.15 5.24
N VAL A 54 -11.07 0.36 6.24
CA VAL A 54 -10.87 -0.33 7.53
C VAL A 54 -10.92 0.70 8.67
N ARG A 55 -11.57 0.35 9.79
CA ARG A 55 -11.68 1.23 10.98
C ARG A 55 -11.41 0.41 12.25
N ASN A 56 -10.56 0.96 13.14
CA ASN A 56 -10.31 0.45 14.50
C ASN A 56 -9.79 -1.01 14.47
N ILE A 57 -8.48 -1.18 14.21
CA ILE A 57 -7.85 -2.50 13.99
C ILE A 57 -6.41 -2.57 14.57
N SER A 58 -5.87 -3.80 14.67
CA SER A 58 -4.52 -4.08 15.19
C SER A 58 -3.48 -3.91 14.06
N LYS A 59 -2.17 -4.00 14.42
CA LYS A 59 -1.08 -3.84 13.44
C LYS A 59 -0.92 -5.08 12.55
N GLU A 60 -1.34 -6.25 13.06
CA GLU A 60 -1.41 -7.50 12.27
C GLU A 60 -2.59 -7.47 11.28
N GLU A 61 -3.57 -6.58 11.55
CA GLU A 61 -4.78 -6.44 10.73
C GLU A 61 -4.56 -5.41 9.60
N LEU A 62 -3.89 -4.28 9.93
CA LEU A 62 -3.50 -3.28 8.91
C LEU A 62 -2.39 -3.85 8.00
N LYS A 63 -1.67 -4.88 8.51
CA LYS A 63 -0.70 -5.67 7.74
C LYS A 63 -1.37 -6.24 6.46
N LYS A 64 -2.66 -6.61 6.61
CA LYS A 64 -3.45 -7.16 5.50
C LYS A 64 -3.60 -6.11 4.36
N LEU A 65 -3.63 -4.81 4.72
CA LEU A 65 -3.70 -3.70 3.74
C LEU A 65 -2.47 -3.74 2.82
N LEU A 66 -1.27 -3.90 3.45
CA LEU A 66 0.03 -3.97 2.76
C LEU A 66 0.05 -5.13 1.75
N GLU A 67 -0.41 -6.30 2.21
CA GLU A 67 -0.36 -7.52 1.39
C GLU A 67 -1.37 -7.45 0.23
N ARG A 68 -2.50 -6.73 0.43
CA ARG A 68 -3.49 -6.50 -0.65
C ARG A 68 -2.88 -5.67 -1.79
N ILE A 69 -2.02 -4.71 -1.41
CA ILE A 69 -1.29 -3.84 -2.36
C ILE A 69 -0.29 -4.66 -3.18
N ARG A 70 0.52 -5.52 -2.49
CA ARG A 70 1.56 -6.33 -3.17
C ARG A 70 0.90 -7.27 -4.19
N GLU A 71 -0.30 -7.81 -3.87
CA GLU A 71 -1.05 -8.68 -4.80
C GLU A 71 -1.38 -7.93 -6.11
N LYS A 72 -1.69 -6.61 -5.99
CA LYS A 72 -2.10 -5.79 -7.15
C LYS A 72 -0.88 -5.44 -8.02
N ILE A 73 0.19 -4.93 -7.38
CA ILE A 73 1.40 -4.45 -8.09
C ILE A 73 2.13 -5.63 -8.81
N GLU A 74 2.00 -6.85 -8.25
CA GLU A 74 2.56 -8.09 -8.84
C GLU A 74 1.70 -8.57 -10.02
N ARG A 75 0.38 -8.70 -9.77
CA ARG A 75 -0.58 -9.28 -10.72
C ARG A 75 -0.64 -8.45 -12.02
N GLU A 76 -0.70 -7.11 -11.86
CA GLU A 76 -0.65 -6.15 -12.97
C GLU A 76 0.77 -6.10 -13.59
N GLY A 77 1.79 -6.13 -12.71
CA GLY A 77 3.19 -5.99 -13.12
C GLY A 77 3.45 -4.63 -13.77
N SER A 78 2.89 -3.60 -13.12
CA SER A 78 2.80 -2.24 -13.69
C SER A 78 3.48 -1.22 -12.76
N SER A 79 4.01 -0.14 -13.37
CA SER A 79 4.61 1.01 -12.66
C SER A 79 3.59 2.17 -12.52
N GLU A 80 2.36 1.94 -13.00
CA GLU A 80 1.26 2.94 -13.02
C GLU A 80 0.52 2.94 -11.64
N VAL A 81 1.31 2.85 -10.55
CA VAL A 81 0.79 2.63 -9.19
C VAL A 81 0.75 3.96 -8.41
N GLU A 82 -0.42 4.24 -7.80
CA GLU A 82 -0.62 5.39 -6.91
C GLU A 82 -1.46 4.93 -5.72
N VAL A 83 -0.84 4.79 -4.54
CA VAL A 83 -1.52 4.29 -3.34
C VAL A 83 -1.97 5.48 -2.49
N ASN A 84 -3.29 5.67 -2.38
CA ASN A 84 -3.90 6.78 -1.64
C ASN A 84 -4.37 6.25 -0.28
N VAL A 85 -3.63 6.60 0.78
CA VAL A 85 -4.00 6.25 2.14
C VAL A 85 -4.80 7.41 2.74
N HIS A 86 -6.11 7.19 2.93
CA HIS A 86 -7.05 8.19 3.46
C HIS A 86 -7.25 7.89 4.95
N SER A 87 -6.79 8.79 5.84
CA SER A 87 -6.82 8.53 7.29
C SER A 87 -6.88 9.85 8.06
N GLY A 88 -8.04 10.11 8.70
CA GLY A 88 -8.29 11.35 9.43
C GLY A 88 -8.38 12.58 8.52
N GLY A 89 -8.81 12.35 7.26
CA GLY A 89 -8.87 13.40 6.23
C GLY A 89 -7.53 13.66 5.53
N GLN A 90 -6.48 12.93 5.96
CA GLN A 90 -5.12 13.06 5.41
C GLN A 90 -4.92 11.99 4.31
N THR A 91 -4.54 12.44 3.09
CA THR A 91 -4.37 11.56 1.92
C THR A 91 -2.90 11.57 1.47
N TRP A 92 -2.20 10.42 1.63
CA TRP A 92 -0.82 10.23 1.17
C TRP A 92 -0.83 9.44 -0.15
N THR A 93 -0.25 10.01 -1.21
CA THR A 93 -0.18 9.39 -2.55
C THR A 93 1.26 8.86 -2.82
N PHE A 94 1.38 7.52 -2.96
CA PHE A 94 2.68 6.84 -3.19
C PHE A 94 2.79 6.40 -4.66
N ASN A 95 3.72 7.04 -5.41
CA ASN A 95 3.99 6.75 -6.83
C ASN A 95 5.35 6.05 -6.99
N GLU A 96 5.45 5.17 -8.01
CA GLU A 96 6.74 4.64 -8.48
C GLU A 96 7.22 5.48 -9.68
N LYS A 97 8.50 5.88 -9.67
CA LYS A 97 9.14 6.61 -10.78
C LYS A 97 10.06 5.64 -11.55
N MET A 1 -15.92 -2.80 -27.61
CA MET A 1 -15.87 -4.27 -27.46
C MET A 1 -14.71 -4.69 -26.52
N GLY A 2 -14.95 -4.56 -25.19
CA GLY A 2 -14.05 -5.08 -24.15
C GLY A 2 -12.60 -4.62 -24.25
N HIS A 3 -12.39 -3.29 -24.20
CA HIS A 3 -11.04 -2.70 -24.20
C HIS A 3 -10.49 -2.65 -22.76
N HIS A 4 -9.83 -3.75 -22.33
CA HIS A 4 -9.15 -3.82 -21.02
C HIS A 4 -8.26 -5.08 -20.96
N HIS A 5 -6.95 -4.91 -21.21
CA HIS A 5 -5.99 -6.03 -21.21
C HIS A 5 -5.62 -6.44 -19.76
N HIS A 6 -6.33 -7.47 -19.27
CA HIS A 6 -6.05 -8.12 -17.97
C HIS A 6 -5.29 -9.43 -18.23
N HIS A 7 -4.02 -9.48 -17.79
CA HIS A 7 -3.10 -10.59 -18.14
C HIS A 7 -3.40 -11.85 -17.31
N HIS A 8 -3.68 -12.96 -18.02
CA HIS A 8 -3.84 -14.31 -17.43
C HIS A 8 -2.44 -14.92 -17.12
N GLU A 9 -1.39 -14.21 -17.56
CA GLU A 9 0.01 -14.60 -17.35
C GLU A 9 0.39 -14.41 -15.88
N ASN A 10 0.42 -15.53 -15.14
CA ASN A 10 0.84 -15.57 -13.73
C ASN A 10 2.37 -15.65 -13.64
N LEU A 11 3.02 -14.47 -13.59
CA LEU A 11 4.47 -14.36 -13.42
C LEU A 11 4.83 -14.70 -11.95
N TYR A 12 5.27 -15.96 -11.72
CA TYR A 12 5.76 -16.44 -10.42
C TYR A 12 7.08 -17.22 -10.64
N PHE A 13 8.03 -16.56 -11.31
CA PHE A 13 9.35 -17.14 -11.67
C PHE A 13 10.45 -16.34 -10.96
N GLN A 14 10.63 -15.08 -11.38
CA GLN A 14 11.59 -14.12 -10.77
C GLN A 14 10.94 -13.35 -9.60
N SER A 15 9.63 -13.59 -9.39
CA SER A 15 8.86 -12.99 -8.30
C SER A 15 9.35 -13.52 -6.94
N HIS A 16 9.52 -12.63 -5.97
CA HIS A 16 9.97 -12.96 -4.61
C HIS A 16 9.06 -12.25 -3.60
N MET A 17 9.21 -10.91 -3.53
CA MET A 17 8.40 -10.03 -2.65
C MET A 17 8.76 -8.55 -2.95
N THR A 18 8.13 -7.62 -2.22
CA THR A 18 8.36 -6.17 -2.39
C THR A 18 8.31 -5.45 -1.03
N ASP A 19 8.73 -6.19 0.03
CA ASP A 19 8.77 -5.69 1.42
C ASP A 19 9.89 -4.65 1.62
N GLU A 20 9.59 -3.42 1.19
CA GLU A 20 10.52 -2.29 1.24
C GLU A 20 9.67 -1.03 1.01
N LEU A 21 8.97 -1.00 -0.14
CA LEU A 21 7.94 0.01 -0.44
C LEU A 21 6.82 -0.09 0.61
N LEU A 22 6.40 -1.34 0.84
CA LEU A 22 5.34 -1.69 1.80
C LEU A 22 5.66 -1.17 3.22
N GLU A 23 6.95 -1.28 3.58
CA GLU A 23 7.48 -0.87 4.89
C GLU A 23 7.13 0.60 5.18
N ARG A 24 7.27 1.45 4.14
CA ARG A 24 7.01 2.90 4.23
C ARG A 24 5.53 3.19 4.59
N LEU A 25 4.64 2.31 4.09
CA LEU A 25 3.19 2.43 4.29
C LEU A 25 2.78 1.81 5.63
N ARG A 26 3.51 0.75 6.05
CA ARG A 26 3.23 0.01 7.30
C ARG A 26 3.52 0.91 8.52
N GLN A 27 4.59 1.70 8.40
CA GLN A 27 4.98 2.68 9.44
C GLN A 27 3.88 3.76 9.58
N LEU A 28 3.32 4.16 8.43
CA LEU A 28 2.20 5.12 8.36
C LEU A 28 0.93 4.54 9.01
N PHE A 29 0.66 3.24 8.73
CA PHE A 29 -0.49 2.53 9.29
C PHE A 29 -0.38 2.40 10.82
N GLU A 30 0.87 2.27 11.31
CA GLU A 30 1.20 2.27 12.75
C GLU A 30 0.94 3.65 13.39
N GLU A 31 1.23 4.72 12.64
CA GLU A 31 0.94 6.12 13.06
C GLU A 31 -0.58 6.33 13.24
N LEU A 32 -1.36 5.70 12.38
CA LEU A 32 -2.84 5.77 12.43
C LEU A 32 -3.40 4.77 13.48
N HIS A 33 -2.65 3.67 13.71
CA HIS A 33 -3.00 2.60 14.67
C HIS A 33 -3.04 3.16 16.13
N GLU A 34 -2.15 4.12 16.44
CA GLU A 34 -2.04 4.70 17.80
C GLU A 34 -3.35 5.42 18.22
N ARG A 35 -4.10 5.93 17.22
CA ARG A 35 -5.26 6.79 17.46
C ARG A 35 -6.56 6.05 17.12
N GLY A 36 -6.43 4.90 16.42
CA GLY A 36 -7.54 3.99 16.17
C GLY A 36 -8.56 4.59 15.22
N THR A 37 -8.07 5.20 14.15
CA THR A 37 -8.92 5.79 13.11
C THR A 37 -8.98 4.84 11.90
N GLU A 38 -9.85 5.13 10.93
CA GLU A 38 -9.99 4.32 9.71
C GLU A 38 -8.89 4.66 8.69
N ILE A 39 -8.39 3.62 8.01
CA ILE A 39 -7.39 3.73 6.95
C ILE A 39 -8.01 3.25 5.63
N VAL A 40 -8.20 4.18 4.70
CA VAL A 40 -8.76 3.90 3.39
C VAL A 40 -7.63 3.83 2.35
N VAL A 41 -7.24 2.62 1.98
CA VAL A 41 -6.14 2.37 1.03
C VAL A 41 -6.72 2.21 -0.38
N GLU A 42 -6.42 3.19 -1.23
CA GLU A 42 -6.95 3.27 -2.59
C GLU A 42 -5.83 2.98 -3.60
N VAL A 43 -5.89 1.80 -4.21
CA VAL A 43 -4.89 1.31 -5.17
C VAL A 43 -5.28 1.76 -6.59
N HIS A 44 -4.57 2.78 -7.11
CA HIS A 44 -4.68 3.23 -8.50
C HIS A 44 -3.66 2.46 -9.36
N ILE A 45 -4.13 1.61 -10.28
CA ILE A 45 -3.26 0.91 -11.24
C ILE A 45 -3.86 1.02 -12.65
N ASN A 46 -3.18 1.80 -13.51
CA ASN A 46 -3.48 1.89 -14.96
C ASN A 46 -4.89 2.46 -15.25
N GLY A 47 -5.41 3.26 -14.29
CA GLY A 47 -6.74 3.87 -14.41
C GLY A 47 -7.76 3.26 -13.48
N GLU A 48 -7.47 2.05 -12.98
CA GLU A 48 -8.36 1.32 -12.06
C GLU A 48 -8.18 1.83 -10.62
N ARG A 49 -9.28 1.85 -9.87
CA ARG A 49 -9.32 2.32 -8.47
C ARG A 49 -9.88 1.19 -7.59
N ASP A 50 -9.15 0.87 -6.50
CA ASP A 50 -9.57 -0.17 -5.52
C ASP A 50 -9.51 0.43 -4.11
N GLU A 51 -10.68 0.58 -3.47
CA GLU A 51 -10.80 1.22 -2.15
C GLU A 51 -10.99 0.15 -1.07
N ILE A 52 -10.06 0.09 -0.10
CA ILE A 52 -10.15 -0.80 1.06
C ILE A 52 -10.22 0.06 2.33
N ARG A 53 -11.41 0.16 2.93
CA ARG A 53 -11.63 0.89 4.18
C ARG A 53 -11.54 -0.11 5.35
N VAL A 54 -10.53 0.07 6.19
CA VAL A 54 -10.42 -0.67 7.45
C VAL A 54 -10.62 0.32 8.62
N ARG A 55 -11.79 0.25 9.25
CA ARG A 55 -12.20 1.21 10.27
C ARG A 55 -11.88 0.65 11.66
N ASN A 56 -10.84 1.25 12.31
CA ASN A 56 -10.36 0.85 13.64
C ASN A 56 -9.76 -0.57 13.58
N ILE A 57 -8.45 -0.63 13.28
CA ILE A 57 -7.73 -1.90 13.06
C ILE A 57 -6.47 -1.96 13.95
N SER A 58 -6.01 -3.20 14.20
CA SER A 58 -4.93 -3.48 15.15
C SER A 58 -3.57 -3.72 14.44
N LYS A 59 -2.53 -4.04 15.25
CA LYS A 59 -1.11 -4.12 14.82
C LYS A 59 -0.87 -5.09 13.63
N GLU A 60 -1.51 -6.26 13.69
CA GLU A 60 -1.37 -7.33 12.68
C GLU A 60 -2.38 -7.14 11.55
N GLU A 61 -3.54 -6.58 11.90
CA GLU A 61 -4.64 -6.38 10.94
C GLU A 61 -4.27 -5.35 9.84
N LEU A 62 -3.52 -4.29 10.24
CA LEU A 62 -3.06 -3.23 9.31
C LEU A 62 -2.07 -3.78 8.28
N LYS A 63 -1.38 -4.89 8.65
CA LYS A 63 -0.39 -5.55 7.78
C LYS A 63 -1.04 -6.10 6.50
N LYS A 64 -2.36 -6.38 6.58
CA LYS A 64 -3.13 -6.90 5.46
C LYS A 64 -3.30 -5.84 4.35
N LEU A 65 -3.18 -4.54 4.69
CA LEU A 65 -3.38 -3.44 3.74
C LEU A 65 -2.22 -3.38 2.72
N LEU A 66 -0.97 -3.32 3.23
CA LEU A 66 0.22 -3.40 2.37
C LEU A 66 0.32 -4.76 1.65
N GLU A 67 -0.23 -5.82 2.28
CA GLU A 67 -0.36 -7.16 1.66
C GLU A 67 -1.35 -7.11 0.46
N ARG A 68 -2.44 -6.34 0.59
CA ARG A 68 -3.46 -6.21 -0.47
C ARG A 68 -2.94 -5.40 -1.68
N ILE A 69 -1.92 -4.56 -1.43
CA ILE A 69 -1.27 -3.73 -2.48
C ILE A 69 -0.25 -4.57 -3.27
N ARG A 70 0.59 -5.29 -2.51
CA ARG A 70 1.73 -6.03 -3.08
C ARG A 70 1.26 -7.10 -4.08
N GLU A 71 0.11 -7.72 -3.78
CA GLU A 71 -0.43 -8.80 -4.60
C GLU A 71 -0.87 -8.22 -5.95
N LYS A 72 -1.32 -6.94 -5.93
CA LYS A 72 -1.76 -6.21 -7.12
C LYS A 72 -0.55 -6.02 -8.05
N ILE A 73 0.51 -5.37 -7.51
CA ILE A 73 1.68 -4.96 -8.32
C ILE A 73 2.44 -6.17 -8.91
N GLU A 74 2.34 -7.34 -8.22
CA GLU A 74 2.92 -8.63 -8.70
C GLU A 74 2.04 -9.30 -9.80
N ARG A 75 0.70 -9.23 -9.64
CA ARG A 75 -0.26 -9.83 -10.60
C ARG A 75 -0.37 -9.00 -11.90
N GLU A 76 -0.47 -7.67 -11.74
CA GLU A 76 -0.58 -6.74 -12.86
C GLU A 76 0.76 -6.64 -13.59
N GLY A 77 1.85 -6.51 -12.79
CA GLY A 77 3.22 -6.36 -13.30
C GLY A 77 3.50 -4.96 -13.86
N SER A 78 2.46 -4.12 -13.91
CA SER A 78 2.50 -2.81 -14.54
C SER A 78 3.18 -1.79 -13.61
N SER A 79 3.95 -0.88 -14.21
CA SER A 79 4.73 0.15 -13.50
C SER A 79 3.82 1.29 -12.99
N GLU A 80 2.73 1.55 -13.73
CA GLU A 80 1.78 2.65 -13.42
C GLU A 80 0.92 2.29 -12.17
N VAL A 81 1.49 2.59 -10.98
CA VAL A 81 0.85 2.31 -9.67
C VAL A 81 1.01 3.54 -8.75
N GLU A 82 -0.10 3.93 -8.09
CA GLU A 82 -0.15 5.03 -7.11
C GLU A 82 -1.12 4.63 -5.99
N VAL A 83 -0.62 4.52 -4.75
CA VAL A 83 -1.42 4.17 -3.57
C VAL A 83 -1.77 5.45 -2.78
N ASN A 84 -3.07 5.74 -2.68
CA ASN A 84 -3.58 6.88 -1.94
C ASN A 84 -4.12 6.38 -0.60
N VAL A 85 -3.40 6.68 0.48
CA VAL A 85 -3.82 6.33 1.83
C VAL A 85 -4.60 7.53 2.40
N HIS A 86 -5.91 7.37 2.52
CA HIS A 86 -6.83 8.40 3.03
C HIS A 86 -7.13 8.11 4.51
N SER A 87 -6.97 9.10 5.38
CA SER A 87 -7.25 8.99 6.81
C SER A 87 -7.50 10.38 7.39
N GLY A 88 -8.76 10.65 7.79
CA GLY A 88 -9.15 11.92 8.42
C GLY A 88 -9.19 13.08 7.42
N GLY A 89 -9.43 12.76 6.14
CA GLY A 89 -9.39 13.74 5.05
C GLY A 89 -8.02 13.88 4.41
N GLN A 90 -6.97 13.44 5.13
CA GLN A 90 -5.57 13.51 4.67
C GLN A 90 -5.30 12.38 3.67
N THR A 91 -4.49 12.65 2.64
CA THR A 91 -4.13 11.65 1.63
C THR A 91 -2.61 11.67 1.41
N TRP A 92 -1.99 10.50 1.56
CA TRP A 92 -0.57 10.29 1.25
C TRP A 92 -0.51 9.47 -0.05
N THR A 93 0.00 10.09 -1.12
CA THR A 93 0.12 9.45 -2.45
C THR A 93 1.53 8.87 -2.63
N PHE A 94 1.64 7.54 -2.47
CA PHE A 94 2.88 6.78 -2.73
C PHE A 94 2.85 6.33 -4.19
N ASN A 95 3.65 6.99 -5.03
CA ASN A 95 3.67 6.71 -6.47
C ASN A 95 5.08 6.24 -6.87
N GLU A 96 5.13 5.13 -7.62
CA GLU A 96 6.38 4.57 -8.14
C GLU A 96 6.74 5.39 -9.39
N LYS A 97 7.79 6.22 -9.26
CA LYS A 97 8.16 7.23 -10.27
C LYS A 97 9.14 6.61 -11.30
N MET A 1 19.51 17.87 -22.29
CA MET A 1 18.10 17.52 -22.03
C MET A 1 17.78 16.07 -22.49
N GLY A 2 18.84 15.24 -22.68
CA GLY A 2 18.68 13.87 -23.16
C GLY A 2 18.64 12.85 -22.03
N HIS A 3 17.60 12.94 -21.19
CA HIS A 3 17.38 11.99 -20.08
C HIS A 3 16.22 11.06 -20.45
N HIS A 4 16.53 9.76 -20.59
CA HIS A 4 15.55 8.72 -20.92
C HIS A 4 15.69 7.57 -19.93
N HIS A 5 14.55 7.01 -19.49
CA HIS A 5 14.53 5.87 -18.56
C HIS A 5 14.90 4.59 -19.32
N HIS A 6 16.21 4.27 -19.32
CA HIS A 6 16.72 3.01 -19.88
C HIS A 6 16.42 1.91 -18.84
N HIS A 7 15.21 1.34 -18.93
CA HIS A 7 14.66 0.41 -17.92
C HIS A 7 15.58 -0.80 -17.71
N HIS A 8 15.75 -1.18 -16.44
CA HIS A 8 16.66 -2.26 -16.03
C HIS A 8 16.04 -3.64 -16.35
N GLU A 9 16.89 -4.67 -16.26
CA GLU A 9 16.48 -6.07 -16.48
C GLU A 9 15.82 -6.64 -15.22
N ASN A 10 14.94 -7.64 -15.41
CA ASN A 10 14.15 -8.25 -14.32
C ASN A 10 14.74 -9.61 -13.94
N LEU A 11 14.72 -9.92 -12.63
CA LEU A 11 15.19 -11.22 -12.11
C LEU A 11 14.25 -12.36 -12.56
N TYR A 12 14.83 -13.51 -12.92
CA TYR A 12 14.09 -14.72 -13.32
C TYR A 12 14.06 -15.75 -12.17
N PHE A 13 14.36 -15.27 -10.95
CA PHE A 13 14.28 -16.09 -9.72
C PHE A 13 12.81 -16.29 -9.33
N GLN A 14 12.52 -17.50 -8.81
CA GLN A 14 11.16 -17.89 -8.41
C GLN A 14 10.66 -17.04 -7.24
N SER A 15 11.60 -16.58 -6.40
CA SER A 15 11.33 -15.66 -5.29
C SER A 15 10.98 -14.25 -5.82
N HIS A 16 9.72 -14.10 -6.28
CA HIS A 16 9.19 -12.82 -6.73
C HIS A 16 8.61 -12.08 -5.51
N MET A 17 9.52 -11.48 -4.74
CA MET A 17 9.17 -10.78 -3.49
C MET A 17 8.57 -9.41 -3.79
N THR A 18 7.66 -8.96 -2.93
CA THR A 18 7.03 -7.65 -3.03
C THR A 18 8.03 -6.54 -2.61
N ASP A 19 7.86 -5.34 -3.20
CA ASP A 19 8.70 -4.18 -2.91
C ASP A 19 8.50 -3.67 -1.48
N GLU A 20 9.54 -3.01 -0.93
CA GLU A 20 9.57 -2.52 0.46
C GLU A 20 8.79 -1.18 0.66
N LEU A 21 7.94 -0.81 -0.33
CA LEU A 21 6.98 0.30 -0.19
C LEU A 21 5.95 -0.02 0.90
N LEU A 22 5.76 -1.33 1.18
CA LEU A 22 4.80 -1.84 2.17
C LEU A 22 5.04 -1.22 3.56
N GLU A 23 6.27 -1.42 4.09
CA GLU A 23 6.62 -1.00 5.47
C GLU A 23 6.61 0.54 5.62
N ARG A 24 6.74 1.26 4.49
CA ARG A 24 6.63 2.73 4.45
C ARG A 24 5.20 3.16 4.83
N LEU A 25 4.21 2.38 4.37
CA LEU A 25 2.80 2.56 4.77
C LEU A 25 2.58 2.07 6.21
N ARG A 26 3.30 1.00 6.60
CA ARG A 26 3.17 0.37 7.93
C ARG A 26 3.53 1.40 9.03
N GLN A 27 4.55 2.25 8.76
CA GLN A 27 4.94 3.35 9.68
C GLN A 27 3.74 4.32 9.90
N LEU A 28 3.10 4.67 8.77
CA LEU A 28 1.96 5.58 8.74
C LEU A 28 0.74 4.99 9.49
N PHE A 29 0.56 3.66 9.34
CA PHE A 29 -0.56 2.93 9.95
C PHE A 29 -0.33 2.74 11.46
N GLU A 30 0.96 2.69 11.87
CA GLU A 30 1.35 2.68 13.30
C GLU A 30 1.07 4.06 13.93
N GLU A 31 1.20 5.13 13.13
CA GLU A 31 0.87 6.51 13.53
C GLU A 31 -0.66 6.70 13.60
N LEU A 32 -1.40 6.03 12.71
CA LEU A 32 -2.87 6.04 12.72
C LEU A 32 -3.41 5.06 13.79
N HIS A 33 -2.55 4.11 14.21
CA HIS A 33 -2.90 3.12 15.25
C HIS A 33 -3.09 3.80 16.61
N GLU A 34 -2.48 5.00 16.81
CA GLU A 34 -2.56 5.72 18.10
C GLU A 34 -3.98 6.23 18.36
N ARG A 35 -4.79 6.44 17.27
CA ARG A 35 -6.23 6.83 17.44
C ARG A 35 -7.16 5.72 16.90
N GLY A 36 -6.56 4.72 16.23
CA GLY A 36 -7.26 3.50 15.77
C GLY A 36 -8.40 3.77 14.78
N THR A 37 -8.29 4.88 14.01
CA THR A 37 -9.38 5.36 13.15
C THR A 37 -9.55 4.48 11.88
N GLU A 38 -10.53 4.87 11.04
CA GLU A 38 -10.79 4.25 9.75
C GLU A 38 -9.68 4.62 8.74
N ILE A 39 -8.90 3.60 8.34
CA ILE A 39 -7.83 3.73 7.34
C ILE A 39 -8.38 3.30 5.97
N VAL A 40 -8.37 4.22 5.00
CA VAL A 40 -8.81 3.96 3.62
C VAL A 40 -7.58 3.92 2.70
N VAL A 41 -7.15 2.71 2.32
CA VAL A 41 -6.02 2.52 1.38
C VAL A 41 -6.59 2.37 -0.04
N GLU A 42 -5.96 2.98 -1.04
CA GLU A 42 -6.50 3.00 -2.41
C GLU A 42 -5.37 2.77 -3.44
N VAL A 43 -5.37 1.58 -4.06
CA VAL A 43 -4.32 1.16 -5.02
C VAL A 43 -4.69 1.61 -6.45
N HIS A 44 -3.85 2.45 -7.06
CA HIS A 44 -4.03 2.94 -8.45
C HIS A 44 -3.05 2.22 -9.39
N ILE A 45 -3.56 1.37 -10.29
CA ILE A 45 -2.74 0.68 -11.31
C ILE A 45 -3.48 0.70 -12.66
N ASN A 46 -2.88 1.42 -13.64
CA ASN A 46 -3.37 1.51 -15.04
C ASN A 46 -4.79 2.09 -15.18
N GLY A 47 -5.30 2.74 -14.11
CA GLY A 47 -6.64 3.32 -14.10
C GLY A 47 -7.57 2.69 -13.07
N GLU A 48 -7.19 1.50 -12.55
CA GLU A 48 -7.97 0.78 -11.53
C GLU A 48 -7.70 1.36 -10.13
N ARG A 49 -8.75 1.92 -9.49
CA ARG A 49 -8.70 2.35 -8.07
C ARG A 49 -9.28 1.21 -7.20
N ASP A 50 -8.48 0.71 -6.24
CA ASP A 50 -8.90 -0.36 -5.32
C ASP A 50 -9.04 0.25 -3.93
N GLU A 51 -10.27 0.37 -3.45
CA GLU A 51 -10.57 1.00 -2.15
C GLU A 51 -10.61 -0.08 -1.07
N ILE A 52 -9.92 0.17 0.05
CA ILE A 52 -9.82 -0.77 1.16
C ILE A 52 -10.12 0.04 2.44
N ARG A 53 -11.32 -0.14 3.01
CA ARG A 53 -11.72 0.56 4.24
C ARG A 53 -11.64 -0.42 5.41
N VAL A 54 -10.93 -0.03 6.48
CA VAL A 54 -10.76 -0.85 7.68
C VAL A 54 -10.86 0.04 8.94
N ARG A 55 -11.42 -0.51 10.04
CA ARG A 55 -11.53 0.20 11.33
C ARG A 55 -10.97 -0.67 12.45
N ASN A 56 -10.29 0.00 13.41
CA ASN A 56 -9.86 -0.60 14.69
C ASN A 56 -9.06 -1.90 14.47
N ILE A 57 -7.79 -1.76 14.08
CA ILE A 57 -6.93 -2.90 13.68
C ILE A 57 -5.49 -2.70 14.20
N SER A 58 -4.84 -3.82 14.57
CA SER A 58 -3.48 -3.83 15.15
C SER A 58 -2.39 -4.02 14.07
N LYS A 59 -1.10 -4.13 14.52
CA LYS A 59 0.08 -4.23 13.62
C LYS A 59 -0.07 -5.36 12.56
N GLU A 60 -0.47 -6.57 13.02
CA GLU A 60 -0.58 -7.77 12.16
C GLU A 60 -1.79 -7.66 11.20
N GLU A 61 -2.78 -6.86 11.60
CA GLU A 61 -4.05 -6.71 10.87
C GLU A 61 -3.92 -5.68 9.73
N LEU A 62 -3.21 -4.56 10.02
CA LEU A 62 -2.93 -3.52 9.01
C LEU A 62 -1.93 -4.03 7.96
N LYS A 63 -1.17 -5.09 8.32
CA LYS A 63 -0.30 -5.83 7.38
C LYS A 63 -1.07 -6.35 6.17
N LYS A 64 -2.38 -6.65 6.36
CA LYS A 64 -3.26 -7.10 5.27
C LYS A 64 -3.44 -5.99 4.21
N LEU A 65 -3.43 -4.71 4.65
CA LEU A 65 -3.55 -3.53 3.77
C LEU A 65 -2.33 -3.46 2.81
N LEU A 66 -1.16 -3.83 3.37
CA LEU A 66 0.12 -3.94 2.61
C LEU A 66 0.02 -5.06 1.56
N GLU A 67 -0.49 -6.23 2.00
CA GLU A 67 -0.60 -7.44 1.17
C GLU A 67 -1.69 -7.29 0.09
N ARG A 68 -2.66 -6.39 0.31
CA ARG A 68 -3.68 -6.03 -0.69
C ARG A 68 -3.03 -5.36 -1.92
N ILE A 69 -2.05 -4.48 -1.65
CA ILE A 69 -1.28 -3.77 -2.68
C ILE A 69 -0.44 -4.77 -3.49
N ARG A 70 0.18 -5.74 -2.76
CA ARG A 70 1.07 -6.75 -3.38
C ARG A 70 0.29 -7.60 -4.40
N GLU A 71 -0.97 -7.92 -4.06
CA GLU A 71 -1.87 -8.70 -4.94
C GLU A 71 -2.06 -7.99 -6.28
N LYS A 72 -2.10 -6.64 -6.25
CA LYS A 72 -2.44 -5.82 -7.42
C LYS A 72 -1.20 -5.60 -8.30
N ILE A 73 -0.05 -5.27 -7.66
CA ILE A 73 1.20 -4.99 -8.40
C ILE A 73 1.78 -6.28 -9.03
N GLU A 74 1.47 -7.44 -8.41
CA GLU A 74 1.92 -8.77 -8.89
C GLU A 74 0.93 -9.38 -9.91
N ARG A 75 -0.40 -9.07 -9.81
CA ARG A 75 -1.37 -9.54 -10.84
C ARG A 75 -1.11 -8.81 -12.17
N GLU A 76 -0.71 -7.52 -12.07
CA GLU A 76 -0.37 -6.72 -13.24
C GLU A 76 1.11 -6.93 -13.60
N GLY A 77 2.01 -6.31 -12.82
CA GLY A 77 3.45 -6.34 -13.08
C GLY A 77 3.99 -5.01 -13.58
N SER A 78 3.07 -4.15 -14.10
CA SER A 78 3.41 -2.81 -14.61
C SER A 78 3.97 -1.91 -13.50
N SER A 79 4.95 -1.07 -13.87
CA SER A 79 5.56 -0.07 -12.99
C SER A 79 4.62 1.16 -12.81
N GLU A 80 3.52 1.16 -13.57
CA GLU A 80 2.47 2.19 -13.53
C GLU A 80 1.56 1.96 -12.29
N VAL A 81 2.08 2.34 -11.12
CA VAL A 81 1.40 2.19 -9.82
C VAL A 81 1.62 3.43 -8.93
N GLU A 82 0.51 3.90 -8.36
CA GLU A 82 0.46 4.96 -7.35
C GLU A 82 -0.36 4.43 -6.16
N VAL A 83 0.21 4.45 -4.95
CA VAL A 83 -0.47 3.98 -3.74
C VAL A 83 -1.01 5.19 -2.99
N ASN A 84 -2.34 5.22 -2.79
CA ASN A 84 -3.01 6.30 -2.04
C ASN A 84 -3.37 5.78 -0.64
N VAL A 85 -3.33 6.67 0.36
CA VAL A 85 -3.86 6.43 1.71
C VAL A 85 -4.71 7.63 2.09
N HIS A 86 -5.82 7.41 2.79
CA HIS A 86 -6.77 8.46 3.19
C HIS A 86 -7.16 8.22 4.66
N SER A 87 -7.10 9.26 5.50
CA SER A 87 -7.62 9.21 6.88
C SER A 87 -7.88 10.64 7.38
N GLY A 88 -9.04 10.84 8.05
CA GLY A 88 -9.44 12.14 8.58
C GLY A 88 -9.80 13.14 7.47
N GLY A 89 -8.78 13.86 6.98
CA GLY A 89 -8.90 14.74 5.81
C GLY A 89 -7.62 14.80 5.01
N GLN A 90 -6.65 13.93 5.37
CA GLN A 90 -5.33 13.86 4.75
C GLN A 90 -5.30 12.73 3.71
N THR A 91 -4.54 12.93 2.62
CA THR A 91 -4.33 11.92 1.57
C THR A 91 -2.85 11.91 1.15
N TRP A 92 -2.24 10.73 1.26
CA TRP A 92 -0.84 10.48 0.88
C TRP A 92 -0.83 9.72 -0.45
N THR A 93 0.17 9.99 -1.30
CA THR A 93 0.36 9.27 -2.57
C THR A 93 1.84 8.86 -2.72
N PHE A 94 2.06 7.63 -3.22
CA PHE A 94 3.39 7.08 -3.48
C PHE A 94 3.46 6.73 -4.97
N ASN A 95 4.16 7.55 -5.76
CA ASN A 95 4.28 7.37 -7.22
C ASN A 95 5.64 6.76 -7.56
N GLU A 96 5.61 5.68 -8.38
CA GLU A 96 6.82 5.15 -9.01
C GLU A 96 7.27 6.07 -10.14
N LYS A 97 8.55 6.44 -10.12
CA LYS A 97 9.18 7.32 -11.13
C LYS A 97 10.55 6.75 -11.57
N MET A 1 12.00 17.73 -37.33
CA MET A 1 13.12 17.03 -36.67
C MET A 1 13.14 17.41 -35.18
N GLY A 2 13.77 16.57 -34.34
CA GLY A 2 13.81 16.79 -32.89
C GLY A 2 14.22 15.53 -32.15
N HIS A 3 13.74 15.37 -30.91
CA HIS A 3 13.92 14.11 -30.16
C HIS A 3 13.06 13.01 -30.80
N HIS A 4 13.51 11.77 -30.72
CA HIS A 4 12.78 10.61 -31.26
C HIS A 4 12.73 9.53 -30.19
N HIS A 5 11.51 9.18 -29.73
CA HIS A 5 11.32 8.06 -28.82
C HIS A 5 11.76 6.77 -29.54
N HIS A 6 12.94 6.28 -29.17
CA HIS A 6 13.53 5.09 -29.80
C HIS A 6 12.97 3.82 -29.17
N HIS A 7 12.97 2.75 -29.97
CA HIS A 7 12.55 1.43 -29.55
C HIS A 7 13.61 0.84 -28.60
N HIS A 8 13.41 1.05 -27.30
CA HIS A 8 14.21 0.39 -26.26
C HIS A 8 13.92 -1.13 -26.25
N GLU A 9 14.95 -1.93 -25.99
CA GLU A 9 14.80 -3.39 -25.90
C GLU A 9 14.07 -3.76 -24.62
N ASN A 10 13.38 -4.90 -24.64
CA ASN A 10 12.62 -5.41 -23.49
C ASN A 10 13.05 -6.85 -23.23
N LEU A 11 13.88 -7.05 -22.19
CA LEU A 11 14.19 -8.40 -21.66
C LEU A 11 12.97 -8.91 -20.87
N TYR A 12 13.08 -10.13 -20.35
CA TYR A 12 12.01 -10.74 -19.53
C TYR A 12 11.73 -9.87 -18.29
N PHE A 13 12.79 -9.67 -17.46
CA PHE A 13 12.69 -8.98 -16.16
C PHE A 13 11.61 -9.65 -15.26
N GLN A 14 11.38 -10.96 -15.51
CA GLN A 14 10.25 -11.70 -14.94
C GLN A 14 10.46 -11.95 -13.44
N SER A 15 9.89 -11.05 -12.64
CA SER A 15 9.90 -11.08 -11.17
C SER A 15 8.57 -10.55 -10.64
N HIS A 16 8.37 -10.66 -9.33
CA HIS A 16 7.20 -10.10 -8.63
C HIS A 16 7.25 -8.56 -8.60
N MET A 17 8.50 -8.01 -8.68
CA MET A 17 8.79 -6.56 -8.76
C MET A 17 8.16 -5.78 -7.57
N THR A 18 8.09 -6.46 -6.40
CA THR A 18 7.52 -5.87 -5.19
C THR A 18 8.47 -4.83 -4.60
N ASP A 19 8.10 -3.55 -4.75
CA ASP A 19 8.86 -2.44 -4.18
C ASP A 19 8.65 -2.41 -2.66
N GLU A 20 9.74 -2.15 -1.93
CA GLU A 20 9.75 -2.18 -0.45
C GLU A 20 9.23 -0.86 0.16
N LEU A 21 8.43 -0.09 -0.63
CA LEU A 21 7.63 1.03 -0.12
C LEU A 21 6.62 0.55 0.92
N LEU A 22 6.24 -0.76 0.84
CA LEU A 22 5.34 -1.43 1.81
C LEU A 22 5.81 -1.17 3.27
N GLU A 23 7.14 -1.27 3.47
CA GLU A 23 7.78 -1.01 4.78
C GLU A 23 7.44 0.40 5.31
N ARG A 24 7.51 1.38 4.40
CA ARG A 24 7.17 2.78 4.67
C ARG A 24 5.67 2.95 4.97
N LEU A 25 4.83 2.14 4.30
CA LEU A 25 3.36 2.20 4.46
C LEU A 25 2.96 1.53 5.79
N ARG A 26 3.75 0.52 6.22
CA ARG A 26 3.61 -0.17 7.51
C ARG A 26 3.73 0.85 8.64
N GLN A 27 4.85 1.61 8.61
CA GLN A 27 5.16 2.65 9.61
C GLN A 27 3.99 3.64 9.76
N LEU A 28 3.44 4.03 8.60
CA LEU A 28 2.30 4.96 8.50
C LEU A 28 1.05 4.37 9.20
N PHE A 29 0.71 3.11 8.88
CA PHE A 29 -0.48 2.42 9.43
C PHE A 29 -0.38 2.25 10.97
N GLU A 30 0.83 1.93 11.45
CA GLU A 30 1.11 1.72 12.89
C GLU A 30 1.00 3.03 13.68
N GLU A 31 1.36 4.14 13.03
CA GLU A 31 1.26 5.49 13.62
C GLU A 31 -0.22 5.93 13.73
N LEU A 32 -0.98 5.71 12.64
CA LEU A 32 -2.42 6.07 12.55
C LEU A 32 -3.29 5.14 13.44
N HIS A 33 -2.71 3.97 13.76
CA HIS A 33 -3.32 2.96 14.65
C HIS A 33 -3.57 3.51 16.08
N GLU A 34 -2.88 4.62 16.45
CA GLU A 34 -3.02 5.27 17.80
C GLU A 34 -4.47 5.79 18.01
N ARG A 35 -5.13 6.22 16.92
CA ARG A 35 -6.51 6.75 16.97
C ARG A 35 -7.47 5.79 16.27
N GLY A 36 -6.93 4.97 15.36
CA GLY A 36 -7.72 4.00 14.60
C GLY A 36 -8.76 4.67 13.72
N THR A 37 -8.37 5.78 13.07
CA THR A 37 -9.22 6.50 12.12
C THR A 37 -9.42 5.70 10.83
N GLU A 38 -10.42 6.12 10.05
CA GLU A 38 -10.75 5.52 8.76
C GLU A 38 -9.58 5.72 7.77
N ILE A 39 -8.77 4.65 7.66
CA ILE A 39 -7.64 4.61 6.74
C ILE A 39 -8.15 4.01 5.42
N VAL A 40 -8.29 4.89 4.43
CA VAL A 40 -8.82 4.56 3.12
C VAL A 40 -7.64 4.47 2.14
N VAL A 41 -7.25 3.24 1.82
CA VAL A 41 -6.16 2.95 0.91
C VAL A 41 -6.77 2.74 -0.48
N GLU A 42 -6.53 3.69 -1.39
CA GLU A 42 -7.13 3.71 -2.72
C GLU A 42 -6.03 3.42 -3.76
N VAL A 43 -6.08 2.22 -4.32
CA VAL A 43 -5.05 1.69 -5.23
C VAL A 43 -5.56 1.78 -6.68
N HIS A 44 -4.85 2.55 -7.53
CA HIS A 44 -5.16 2.68 -8.96
C HIS A 44 -3.98 2.17 -9.79
N ILE A 45 -4.19 1.09 -10.56
CA ILE A 45 -3.17 0.53 -11.47
C ILE A 45 -3.74 0.39 -12.90
N ASN A 46 -3.03 1.06 -13.85
CA ASN A 46 -3.45 1.23 -15.26
C ASN A 46 -4.75 2.07 -15.35
N GLY A 47 -5.87 1.44 -14.99
CA GLY A 47 -7.19 2.10 -15.00
C GLY A 47 -8.15 1.50 -13.98
N GLU A 48 -7.71 0.43 -13.27
CA GLU A 48 -8.52 -0.27 -12.25
C GLU A 48 -8.29 0.39 -10.87
N ARG A 49 -9.35 0.47 -10.07
CA ARG A 49 -9.30 1.03 -8.70
C ARG A 49 -9.65 -0.06 -7.68
N ASP A 50 -9.13 0.10 -6.45
CA ASP A 50 -9.42 -0.80 -5.33
C ASP A 50 -9.37 -0.03 -4.01
N GLU A 51 -10.53 0.08 -3.34
CA GLU A 51 -10.67 0.80 -2.07
C GLU A 51 -10.64 -0.20 -0.91
N ILE A 52 -9.73 0.02 0.06
CA ILE A 52 -9.58 -0.82 1.25
C ILE A 52 -9.68 0.11 2.48
N ARG A 53 -10.81 0.04 3.23
CA ARG A 53 -11.09 0.96 4.35
C ARG A 53 -11.08 0.19 5.67
N VAL A 54 -10.01 0.43 6.45
CA VAL A 54 -9.80 -0.17 7.77
C VAL A 54 -9.74 0.97 8.82
N ARG A 55 -10.26 0.74 10.03
CA ARG A 55 -10.25 1.77 11.10
C ARG A 55 -9.37 1.29 12.28
N ASN A 56 -10.00 0.63 13.28
CA ASN A 56 -9.32 0.21 14.53
C ASN A 56 -8.90 -1.26 14.41
N ILE A 57 -8.28 -1.58 13.25
CA ILE A 57 -7.66 -2.90 13.00
C ILE A 57 -6.53 -3.20 14.00
N SER A 58 -6.09 -4.46 14.08
CA SER A 58 -4.96 -4.85 14.91
C SER A 58 -3.61 -4.48 14.23
N LYS A 59 -2.52 -4.48 15.01
CA LYS A 59 -1.18 -4.04 14.56
C LYS A 59 -0.55 -5.05 13.55
N GLU A 60 -0.99 -6.32 13.61
CA GLU A 60 -0.66 -7.36 12.60
C GLU A 60 -1.68 -7.35 11.45
N GLU A 61 -2.90 -6.88 11.75
CA GLU A 61 -4.01 -6.81 10.76
C GLU A 61 -3.73 -5.74 9.69
N LEU A 62 -2.97 -4.69 10.05
CA LEU A 62 -2.56 -3.63 9.08
C LEU A 62 -1.55 -4.16 8.04
N LYS A 63 -0.87 -5.29 8.37
CA LYS A 63 0.04 -5.99 7.42
C LYS A 63 -0.76 -6.58 6.24
N LYS A 64 -2.07 -6.84 6.47
CA LYS A 64 -3.00 -7.30 5.44
C LYS A 64 -3.25 -6.21 4.39
N LEU A 65 -3.06 -4.92 4.77
CA LEU A 65 -3.15 -3.78 3.83
C LEU A 65 -1.97 -3.85 2.84
N LEU A 66 -0.76 -4.10 3.40
CA LEU A 66 0.47 -4.29 2.61
C LEU A 66 0.34 -5.50 1.68
N GLU A 67 -0.34 -6.54 2.21
CA GLU A 67 -0.62 -7.80 1.52
C GLU A 67 -1.57 -7.57 0.32
N ARG A 68 -2.55 -6.66 0.50
CA ARG A 68 -3.50 -6.32 -0.57
C ARG A 68 -2.78 -5.55 -1.68
N ILE A 69 -2.02 -4.50 -1.30
CA ILE A 69 -1.30 -3.63 -2.24
C ILE A 69 -0.26 -4.43 -3.06
N ARG A 70 0.48 -5.32 -2.37
CA ARG A 70 1.56 -6.10 -3.01
C ARG A 70 1.00 -7.05 -4.08
N GLU A 71 -0.18 -7.69 -3.81
CA GLU A 71 -0.78 -8.62 -4.78
C GLU A 71 -1.32 -7.86 -5.99
N LYS A 72 -1.59 -6.52 -5.84
CA LYS A 72 -2.03 -5.69 -6.96
C LYS A 72 -0.84 -5.54 -7.92
N ILE A 73 0.27 -5.00 -7.37
CA ILE A 73 1.46 -4.62 -8.16
C ILE A 73 2.18 -5.87 -8.77
N GLU A 74 1.98 -7.04 -8.13
CA GLU A 74 2.56 -8.34 -8.58
C GLU A 74 1.75 -8.95 -9.74
N ARG A 75 0.40 -9.03 -9.56
CA ARG A 75 -0.48 -9.63 -10.58
C ARG A 75 -0.45 -8.79 -11.88
N GLU A 76 -0.37 -7.46 -11.71
CA GLU A 76 -0.35 -6.50 -12.82
C GLU A 76 1.06 -6.49 -13.45
N GLY A 77 2.08 -6.38 -12.58
CA GLY A 77 3.46 -6.15 -13.02
C GLY A 77 3.63 -4.81 -13.71
N SER A 78 2.76 -3.85 -13.34
CA SER A 78 2.67 -2.53 -13.98
C SER A 78 3.29 -1.46 -13.07
N SER A 79 4.15 -0.62 -13.67
CA SER A 79 4.78 0.53 -13.01
C SER A 79 3.79 1.73 -12.91
N GLU A 80 2.64 1.59 -13.59
CA GLU A 80 1.52 2.54 -13.50
C GLU A 80 0.73 2.24 -12.21
N VAL A 81 1.23 2.72 -11.06
CA VAL A 81 0.62 2.44 -9.74
C VAL A 81 0.42 3.74 -8.93
N GLU A 82 -0.71 3.80 -8.22
CA GLU A 82 -1.11 4.90 -7.34
C GLU A 82 -1.65 4.29 -6.04
N VAL A 83 -1.27 4.88 -4.89
CA VAL A 83 -1.81 4.52 -3.56
C VAL A 83 -2.04 5.83 -2.76
N ASN A 84 -3.32 6.20 -2.57
CA ASN A 84 -3.71 7.35 -1.71
C ASN A 84 -4.25 6.82 -0.39
N VAL A 85 -3.46 7.00 0.68
CA VAL A 85 -3.84 6.63 2.04
C VAL A 85 -4.47 7.86 2.74
N HIS A 86 -5.78 7.78 3.00
CA HIS A 86 -6.55 8.84 3.69
C HIS A 86 -6.74 8.42 5.16
N SER A 87 -6.72 9.38 6.11
CA SER A 87 -7.06 9.12 7.52
C SER A 87 -7.39 10.43 8.25
N GLY A 88 -8.70 10.64 8.51
CA GLY A 88 -9.18 11.70 9.43
C GLY A 88 -8.88 13.14 9.01
N GLY A 89 -8.53 13.35 7.73
CA GLY A 89 -8.25 14.69 7.18
C GLY A 89 -6.93 14.80 6.43
N GLN A 90 -6.05 13.77 6.56
CA GLN A 90 -4.73 13.74 5.87
C GLN A 90 -4.71 12.66 4.77
N THR A 91 -3.95 12.92 3.68
CA THR A 91 -3.80 11.98 2.55
C THR A 91 -2.33 11.97 2.05
N TRP A 92 -1.76 10.75 1.92
CA TRP A 92 -0.40 10.54 1.42
C TRP A 92 -0.45 9.86 0.03
N THR A 93 0.25 10.46 -0.93
CA THR A 93 0.32 9.98 -2.32
C THR A 93 1.59 9.12 -2.50
N PHE A 94 1.41 7.84 -2.86
CA PHE A 94 2.52 6.89 -3.06
C PHE A 94 2.52 6.41 -4.51
N ASN A 95 3.61 6.70 -5.22
CA ASN A 95 3.78 6.42 -6.65
C ASN A 95 5.05 5.60 -6.87
N GLU A 96 5.13 4.91 -8.02
CA GLU A 96 6.38 4.27 -8.47
C GLU A 96 7.48 5.34 -8.67
N LYS A 97 8.74 4.99 -8.38
CA LYS A 97 9.89 5.89 -8.55
C LYS A 97 10.46 5.65 -9.97
N MET A 1 40.05 14.62 -7.46
CA MET A 1 39.21 14.70 -8.67
C MET A 1 38.48 13.37 -8.90
N GLY A 2 37.29 13.46 -9.51
CA GLY A 2 36.47 12.29 -9.85
C GLY A 2 35.70 12.53 -11.14
N HIS A 3 36.47 12.67 -12.26
CA HIS A 3 35.95 12.98 -13.61
C HIS A 3 34.90 11.97 -14.07
N HIS A 4 35.20 10.67 -13.92
CA HIS A 4 34.28 9.57 -14.25
C HIS A 4 34.16 8.65 -13.03
N HIS A 5 33.93 9.27 -11.87
CA HIS A 5 33.65 8.56 -10.62
C HIS A 5 32.24 7.97 -10.67
N HIS A 6 31.25 8.85 -10.89
CA HIS A 6 29.84 8.47 -10.98
C HIS A 6 29.49 8.03 -12.40
N HIS A 7 28.57 7.07 -12.49
CA HIS A 7 27.97 6.63 -13.75
C HIS A 7 26.57 7.25 -13.86
N HIS A 8 26.46 8.27 -14.75
CA HIS A 8 25.18 8.95 -15.06
C HIS A 8 24.18 7.94 -15.65
N GLU A 9 24.74 6.97 -16.37
CA GLU A 9 23.98 5.85 -16.93
C GLU A 9 23.75 4.77 -15.85
N ASN A 10 22.50 4.28 -15.75
CA ASN A 10 22.14 3.19 -14.81
C ASN A 10 21.25 2.16 -15.54
N LEU A 11 21.33 0.89 -15.10
CA LEU A 11 20.66 -0.24 -15.78
C LEU A 11 19.17 -0.33 -15.42
N TYR A 12 18.84 -0.06 -14.14
CA TYR A 12 17.47 -0.15 -13.61
C TYR A 12 17.03 1.25 -13.11
N PHE A 13 16.03 1.85 -13.79
CA PHE A 13 15.48 3.16 -13.39
C PHE A 13 14.59 3.01 -12.15
N GLN A 14 13.63 2.08 -12.24
CA GLN A 14 12.59 1.86 -11.21
C GLN A 14 12.05 0.42 -11.32
N SER A 15 11.56 -0.11 -10.19
CA SER A 15 10.88 -1.41 -10.12
C SER A 15 9.59 -1.23 -9.29
N HIS A 16 8.97 -2.35 -8.86
CA HIS A 16 7.90 -2.31 -7.85
C HIS A 16 8.48 -1.87 -6.49
N MET A 17 9.71 -2.37 -6.20
CA MET A 17 10.47 -2.07 -4.96
C MET A 17 9.61 -2.46 -3.74
N THR A 18 8.92 -3.61 -3.89
CA THR A 18 7.71 -3.98 -3.13
C THR A 18 7.88 -3.89 -1.60
N ASP A 19 8.85 -4.61 -1.04
CA ASP A 19 9.03 -4.72 0.43
C ASP A 19 9.42 -3.36 1.05
N GLU A 20 10.15 -2.53 0.29
CA GLU A 20 10.54 -1.17 0.71
C GLU A 20 9.31 -0.23 0.68
N LEU A 21 8.55 -0.32 -0.42
CA LEU A 21 7.30 0.44 -0.64
C LEU A 21 6.33 0.19 0.54
N LEU A 22 6.06 -1.09 0.79
CA LEU A 22 5.11 -1.53 1.83
C LEU A 22 5.60 -1.16 3.23
N GLU A 23 6.93 -1.18 3.44
CA GLU A 23 7.56 -0.78 4.72
C GLU A 23 7.18 0.66 5.07
N ARG A 24 7.23 1.55 4.06
CA ARG A 24 6.84 2.97 4.20
C ARG A 24 5.36 3.09 4.63
N LEU A 25 4.54 2.14 4.14
CA LEU A 25 3.09 2.12 4.40
C LEU A 25 2.81 1.50 5.78
N ARG A 26 3.67 0.54 6.20
CA ARG A 26 3.54 -0.14 7.50
C ARG A 26 3.77 0.86 8.63
N GLN A 27 4.86 1.66 8.49
CA GLN A 27 5.20 2.75 9.41
C GLN A 27 4.01 3.72 9.57
N LEU A 28 3.35 4.01 8.42
CA LEU A 28 2.22 4.93 8.34
C LEU A 28 0.97 4.35 9.02
N PHE A 29 0.70 3.04 8.79
CA PHE A 29 -0.46 2.35 9.38
C PHE A 29 -0.30 2.24 10.91
N GLU A 30 0.96 2.05 11.35
CA GLU A 30 1.34 2.05 12.79
C GLU A 30 1.11 3.44 13.40
N GLU A 31 1.47 4.48 12.62
CA GLU A 31 1.28 5.90 12.99
C GLU A 31 -0.22 6.21 13.22
N LEU A 32 -1.06 5.72 12.28
CA LEU A 32 -2.51 5.98 12.30
C LEU A 32 -3.24 5.06 13.29
N HIS A 33 -2.61 3.90 13.58
CA HIS A 33 -3.15 2.86 14.48
C HIS A 33 -3.45 3.42 15.89
N GLU A 34 -2.55 4.29 16.40
CA GLU A 34 -2.65 4.83 17.77
C GLU A 34 -3.89 5.74 17.96
N ARG A 35 -4.43 6.32 16.85
CA ARG A 35 -5.66 7.14 16.92
C ARG A 35 -6.88 6.33 16.44
N GLY A 36 -6.61 5.22 15.72
CA GLY A 36 -7.64 4.25 15.30
C GLY A 36 -8.72 4.86 14.41
N THR A 37 -8.34 5.87 13.61
CA THR A 37 -9.24 6.53 12.65
C THR A 37 -9.34 5.68 11.37
N GLU A 38 -10.50 5.76 10.70
CA GLU A 38 -10.78 4.92 9.52
C GLU A 38 -9.91 5.32 8.30
N ILE A 39 -9.08 4.35 7.89
CA ILE A 39 -8.09 4.49 6.81
C ILE A 39 -8.67 3.92 5.50
N VAL A 40 -8.57 4.70 4.42
CA VAL A 40 -8.97 4.26 3.06
C VAL A 40 -7.70 3.99 2.25
N VAL A 41 -7.45 2.72 1.97
CA VAL A 41 -6.34 2.27 1.14
C VAL A 41 -6.84 2.16 -0.31
N GLU A 42 -6.35 3.07 -1.17
CA GLU A 42 -6.85 3.20 -2.54
C GLU A 42 -5.70 2.92 -3.53
N VAL A 43 -5.74 1.73 -4.15
CA VAL A 43 -4.71 1.24 -5.06
C VAL A 43 -5.09 1.56 -6.52
N HIS A 44 -4.45 2.60 -7.06
CA HIS A 44 -4.61 3.05 -8.46
C HIS A 44 -3.46 2.51 -9.32
N ILE A 45 -3.77 1.58 -10.24
CA ILE A 45 -2.77 1.00 -11.17
C ILE A 45 -3.34 1.03 -12.60
N ASN A 46 -2.62 1.71 -13.52
CA ASN A 46 -2.91 1.75 -14.97
C ASN A 46 -4.34 2.27 -15.28
N GLY A 47 -4.79 3.27 -14.49
CA GLY A 47 -6.09 3.90 -14.68
C GLY A 47 -7.23 3.21 -13.96
N GLU A 48 -6.95 2.02 -13.37
CA GLU A 48 -7.93 1.26 -12.56
C GLU A 48 -7.84 1.66 -11.08
N ARG A 49 -8.99 1.62 -10.40
CA ARG A 49 -9.13 1.91 -8.96
C ARG A 49 -9.37 0.60 -8.18
N ASP A 50 -8.83 0.51 -6.95
CA ASP A 50 -9.12 -0.58 -6.01
C ASP A 50 -9.27 0.03 -4.61
N GLU A 51 -10.50 0.01 -4.07
CA GLU A 51 -10.82 0.65 -2.78
C GLU A 51 -10.93 -0.42 -1.68
N ILE A 52 -10.12 -0.26 -0.62
CA ILE A 52 -10.14 -1.13 0.57
C ILE A 52 -10.17 -0.22 1.81
N ARG A 53 -11.32 -0.15 2.51
CA ARG A 53 -11.47 0.69 3.71
C ARG A 53 -11.40 -0.21 4.97
N VAL A 54 -10.76 0.32 6.02
CA VAL A 54 -10.67 -0.30 7.35
C VAL A 54 -10.82 0.80 8.41
N ARG A 55 -11.33 0.45 9.60
CA ARG A 55 -11.51 1.41 10.70
C ARG A 55 -10.46 1.19 11.80
N ASN A 56 -10.55 0.05 12.50
CA ASN A 56 -9.58 -0.36 13.54
C ASN A 56 -8.89 -1.66 13.11
N ILE A 57 -7.63 -1.53 12.65
CA ILE A 57 -6.77 -2.66 12.22
C ILE A 57 -5.53 -2.76 13.13
N SER A 58 -5.39 -3.91 13.83
CA SER A 58 -4.32 -4.13 14.84
C SER A 58 -2.90 -4.15 14.21
N LYS A 59 -1.85 -4.29 15.05
CA LYS A 59 -0.42 -4.09 14.64
C LYS A 59 0.02 -5.03 13.49
N GLU A 60 -0.46 -6.29 13.51
CA GLU A 60 -0.20 -7.27 12.42
C GLU A 60 -1.30 -7.18 11.34
N GLU A 61 -2.52 -6.84 11.77
CA GLU A 61 -3.71 -6.77 10.91
C GLU A 61 -3.61 -5.61 9.89
N LEU A 62 -2.88 -4.55 10.26
CA LEU A 62 -2.66 -3.39 9.37
C LEU A 62 -1.72 -3.78 8.21
N LYS A 63 -0.85 -4.78 8.47
CA LYS A 63 0.07 -5.31 7.47
C LYS A 63 -0.70 -6.09 6.39
N LYS A 64 -1.94 -6.53 6.72
CA LYS A 64 -2.83 -7.22 5.78
C LYS A 64 -3.33 -6.23 4.70
N LEU A 65 -3.30 -4.91 5.00
CA LEU A 65 -3.67 -3.85 4.04
C LEU A 65 -2.62 -3.75 2.93
N LEU A 66 -1.35 -3.58 3.34
CA LEU A 66 -0.21 -3.49 2.41
C LEU A 66 0.06 -4.84 1.74
N GLU A 67 -0.45 -5.93 2.35
CA GLU A 67 -0.44 -7.26 1.77
C GLU A 67 -1.40 -7.33 0.58
N ARG A 68 -2.62 -6.75 0.74
CA ARG A 68 -3.61 -6.67 -0.35
C ARG A 68 -3.06 -5.88 -1.54
N ILE A 69 -2.28 -4.83 -1.22
CA ILE A 69 -1.62 -3.97 -2.22
C ILE A 69 -0.59 -4.76 -3.04
N ARG A 70 0.25 -5.55 -2.33
CA ARG A 70 1.33 -6.32 -3.00
C ARG A 70 0.73 -7.35 -3.97
N GLU A 71 -0.46 -7.89 -3.61
CA GLU A 71 -1.19 -8.83 -4.47
C GLU A 71 -1.52 -8.18 -5.82
N LYS A 72 -1.91 -6.87 -5.76
CA LYS A 72 -2.35 -6.13 -6.95
C LYS A 72 -1.15 -5.80 -7.83
N ILE A 73 -0.09 -5.24 -7.21
CA ILE A 73 1.09 -4.74 -7.95
C ILE A 73 1.84 -5.90 -8.66
N GLU A 74 1.82 -7.10 -8.04
CA GLU A 74 2.42 -8.34 -8.61
C GLU A 74 1.51 -8.94 -9.70
N ARG A 75 0.18 -8.90 -9.47
CA ARG A 75 -0.83 -9.41 -10.41
C ARG A 75 -0.81 -8.64 -11.74
N GLU A 76 -0.68 -7.30 -11.63
CA GLU A 76 -0.61 -6.40 -12.78
C GLU A 76 0.71 -6.60 -13.52
N GLY A 77 1.82 -6.67 -12.74
CA GLY A 77 3.17 -6.74 -13.29
C GLY A 77 3.75 -5.38 -13.63
N SER A 78 2.85 -4.39 -13.87
CA SER A 78 3.22 -3.01 -14.21
C SER A 78 3.74 -2.26 -12.98
N SER A 79 4.84 -1.52 -13.16
CA SER A 79 5.49 -0.73 -12.09
C SER A 79 4.68 0.56 -11.78
N GLU A 80 3.82 0.97 -12.72
CA GLU A 80 3.01 2.20 -12.60
C GLU A 80 1.88 1.98 -11.57
N VAL A 81 2.23 2.19 -10.29
CA VAL A 81 1.33 1.96 -9.15
C VAL A 81 1.27 3.23 -8.25
N GLU A 82 0.09 3.48 -7.68
CA GLU A 82 -0.16 4.66 -6.83
C GLU A 82 -1.10 4.28 -5.68
N VAL A 83 -0.57 4.21 -4.45
CA VAL A 83 -1.37 3.92 -3.25
C VAL A 83 -1.68 5.23 -2.51
N ASN A 84 -2.97 5.57 -2.47
CA ASN A 84 -3.47 6.78 -1.82
C ASN A 84 -4.07 6.36 -0.47
N VAL A 85 -3.35 6.69 0.61
CA VAL A 85 -3.77 6.36 1.98
C VAL A 85 -4.48 7.58 2.58
N HIS A 86 -5.81 7.49 2.72
CA HIS A 86 -6.64 8.53 3.34
C HIS A 86 -6.85 8.16 4.81
N SER A 87 -6.90 9.15 5.70
CA SER A 87 -7.06 8.91 7.15
C SER A 87 -7.55 10.21 7.80
N GLY A 88 -8.83 10.22 8.25
CA GLY A 88 -9.48 11.42 8.77
C GLY A 88 -9.72 12.46 7.66
N GLY A 89 -8.77 13.40 7.53
CA GLY A 89 -8.76 14.39 6.43
C GLY A 89 -7.38 14.51 5.77
N GLN A 90 -6.42 13.67 6.22
CA GLN A 90 -5.06 13.62 5.66
C GLN A 90 -4.96 12.52 4.59
N THR A 91 -4.14 12.75 3.55
CA THR A 91 -3.92 11.77 2.47
C THR A 91 -2.44 11.79 2.03
N TRP A 92 -1.83 10.59 1.98
CA TRP A 92 -0.47 10.38 1.53
C TRP A 92 -0.51 9.60 0.21
N THR A 93 -0.05 10.23 -0.88
CA THR A 93 -0.04 9.61 -2.21
C THR A 93 1.37 9.04 -2.51
N PHE A 94 1.50 7.71 -2.38
CA PHE A 94 2.74 6.98 -2.71
C PHE A 94 2.63 6.53 -4.17
N ASN A 95 3.39 7.18 -5.05
CA ASN A 95 3.35 6.90 -6.50
C ASN A 95 4.79 6.66 -7.00
N GLU A 96 5.02 5.47 -7.59
CA GLU A 96 6.36 5.08 -8.09
C GLU A 96 6.69 5.84 -9.38
N LYS A 97 8.00 5.97 -9.66
CA LYS A 97 8.54 6.77 -10.76
C LYS A 97 8.32 6.07 -12.13
N MET A 1 38.88 -5.07 -5.26
CA MET A 1 39.17 -4.12 -4.15
C MET A 1 39.96 -2.91 -4.67
N GLY A 2 40.13 -1.89 -3.81
CA GLY A 2 40.97 -0.71 -4.11
C GLY A 2 40.22 0.39 -4.82
N HIS A 3 39.62 0.06 -5.98
CA HIS A 3 39.03 1.04 -6.90
C HIS A 3 37.54 1.29 -6.57
N HIS A 4 37.24 1.59 -5.29
CA HIS A 4 35.83 1.80 -4.83
C HIS A 4 35.20 3.04 -5.48
N HIS A 5 36.03 3.97 -5.99
CA HIS A 5 35.55 5.06 -6.84
C HIS A 5 35.19 4.47 -8.22
N HIS A 6 33.93 4.63 -8.64
CA HIS A 6 33.38 3.97 -9.82
C HIS A 6 32.65 4.97 -10.72
N HIS A 7 32.86 4.85 -12.05
CA HIS A 7 32.18 5.69 -13.05
C HIS A 7 30.70 5.31 -13.14
N HIS A 8 29.83 6.31 -13.38
CA HIS A 8 28.38 6.10 -13.49
C HIS A 8 27.83 6.93 -14.66
N GLU A 9 27.11 6.24 -15.57
CA GLU A 9 26.48 6.84 -16.75
C GLU A 9 25.29 7.71 -16.31
N ASN A 10 24.35 7.08 -15.62
CA ASN A 10 23.11 7.70 -15.14
C ASN A 10 22.52 6.84 -14.01
N LEU A 11 22.34 7.42 -12.82
CA LEU A 11 21.66 6.74 -11.71
C LEU A 11 20.14 6.93 -11.90
N TYR A 12 19.53 5.99 -12.62
CA TYR A 12 18.09 5.94 -12.81
C TYR A 12 17.62 4.48 -12.81
N PHE A 13 16.46 4.24 -12.20
CA PHE A 13 15.80 2.94 -12.17
C PHE A 13 14.29 3.14 -12.02
N GLN A 14 13.53 2.10 -12.36
CA GLN A 14 12.07 2.06 -12.14
C GLN A 14 11.75 1.00 -11.09
N SER A 15 11.08 1.43 -10.01
CA SER A 15 10.58 0.56 -8.96
C SER A 15 9.42 -0.27 -9.54
N HIS A 16 9.65 -1.58 -9.69
CA HIS A 16 8.80 -2.50 -10.45
C HIS A 16 8.35 -3.69 -9.57
N MET A 17 8.88 -3.75 -8.34
CA MET A 17 8.71 -4.90 -7.42
C MET A 17 8.85 -4.41 -5.97
N THR A 18 8.21 -5.15 -5.04
CA THR A 18 8.28 -4.90 -3.60
C THR A 18 9.72 -5.09 -3.07
N ASP A 19 10.46 -3.99 -2.93
CA ASP A 19 11.82 -3.96 -2.37
C ASP A 19 11.98 -2.67 -1.56
N GLU A 20 11.83 -2.79 -0.22
CA GLU A 20 11.94 -1.66 0.75
C GLU A 20 10.78 -0.63 0.51
N LEU A 21 9.75 -1.07 -0.26
CA LEU A 21 8.65 -0.23 -0.73
C LEU A 21 7.49 -0.28 0.29
N LEU A 22 7.09 -1.51 0.66
CA LEU A 22 5.96 -1.76 1.59
C LEU A 22 6.21 -1.15 2.97
N GLU A 23 7.51 -1.15 3.36
CA GLU A 23 7.98 -0.59 4.63
C GLU A 23 7.45 0.83 4.83
N ARG A 24 7.54 1.64 3.76
CA ARG A 24 7.14 3.06 3.74
C ARG A 24 5.67 3.24 4.14
N LEU A 25 4.82 2.29 3.70
CA LEU A 25 3.37 2.34 3.91
C LEU A 25 3.02 1.74 5.29
N ARG A 26 3.77 0.69 5.68
CA ARG A 26 3.52 -0.08 6.91
C ARG A 26 3.83 0.78 8.14
N GLN A 27 4.90 1.61 8.05
CA GLN A 27 5.30 2.55 9.10
C GLN A 27 4.18 3.58 9.36
N LEU A 28 3.50 3.99 8.27
CA LEU A 28 2.37 4.93 8.33
C LEU A 28 1.16 4.28 9.00
N PHE A 29 0.87 3.00 8.65
CA PHE A 29 -0.28 2.24 9.20
C PHE A 29 -0.14 2.05 10.73
N GLU A 30 1.11 1.78 11.17
CA GLU A 30 1.45 1.66 12.61
C GLU A 30 1.29 3.03 13.31
N GLU A 31 1.69 4.08 12.59
CA GLU A 31 1.61 5.48 13.06
C GLU A 31 0.13 5.92 13.22
N LEU A 32 -0.75 5.41 12.34
CA LEU A 32 -2.20 5.70 12.38
C LEU A 32 -2.94 4.69 13.30
N HIS A 33 -2.28 3.56 13.60
CA HIS A 33 -2.83 2.47 14.45
C HIS A 33 -3.19 2.97 15.86
N GLU A 34 -2.39 3.92 16.38
CA GLU A 34 -2.56 4.46 17.75
C GLU A 34 -3.82 5.35 17.86
N ARG A 35 -4.28 5.95 16.73
CA ARG A 35 -5.45 6.86 16.74
C ARG A 35 -6.73 6.11 16.32
N GLY A 36 -6.57 5.04 15.51
CA GLY A 36 -7.70 4.19 15.08
C GLY A 36 -8.73 4.92 14.21
N THR A 37 -8.24 5.89 13.42
CA THR A 37 -9.08 6.71 12.52
C THR A 37 -9.45 5.92 11.25
N GLU A 38 -10.38 6.46 10.43
CA GLU A 38 -10.78 5.84 9.17
C GLU A 38 -9.64 5.97 8.13
N ILE A 39 -8.91 4.88 7.95
CA ILE A 39 -7.83 4.76 6.98
C ILE A 39 -8.43 4.14 5.70
N VAL A 40 -8.58 4.97 4.66
CA VAL A 40 -9.12 4.57 3.35
C VAL A 40 -7.96 4.42 2.38
N VAL A 41 -7.57 3.18 2.10
CA VAL A 41 -6.46 2.87 1.19
C VAL A 41 -7.03 2.41 -0.16
N GLU A 42 -6.75 3.18 -1.22
CA GLU A 42 -7.27 2.88 -2.56
C GLU A 42 -6.13 2.83 -3.59
N VAL A 43 -5.92 1.62 -4.15
CA VAL A 43 -4.83 1.32 -5.09
C VAL A 43 -5.31 1.60 -6.53
N HIS A 44 -4.69 2.59 -7.18
CA HIS A 44 -5.00 2.99 -8.56
C HIS A 44 -3.97 2.36 -9.51
N ILE A 45 -4.37 1.31 -10.25
CA ILE A 45 -3.52 0.64 -11.25
C ILE A 45 -4.32 0.39 -12.54
N ASN A 46 -3.81 0.97 -13.66
CA ASN A 46 -4.38 0.82 -15.03
C ASN A 46 -5.88 1.20 -15.13
N GLY A 47 -6.36 2.04 -14.19
CA GLY A 47 -7.76 2.51 -14.20
C GLY A 47 -8.57 1.93 -13.06
N GLU A 48 -8.16 0.75 -12.56
CA GLU A 48 -8.89 0.01 -11.52
C GLU A 48 -8.54 0.55 -10.12
N ARG A 49 -9.53 0.50 -9.22
CA ARG A 49 -9.42 1.05 -7.85
C ARG A 49 -9.78 -0.04 -6.82
N ASP A 50 -8.78 -0.47 -6.03
CA ASP A 50 -9.00 -1.37 -4.89
C ASP A 50 -9.28 -0.52 -3.66
N GLU A 51 -10.53 -0.48 -3.21
CA GLU A 51 -10.98 0.42 -2.13
C GLU A 51 -11.13 -0.39 -0.84
N ILE A 52 -10.34 -0.02 0.18
CA ILE A 52 -10.40 -0.63 1.50
C ILE A 52 -10.54 0.49 2.53
N ARG A 53 -11.47 0.32 3.49
CA ARG A 53 -11.67 1.29 4.57
C ARG A 53 -11.63 0.54 5.92
N VAL A 54 -10.52 0.71 6.65
CA VAL A 54 -10.33 0.15 8.01
C VAL A 54 -10.29 1.31 9.01
N ARG A 55 -10.68 1.07 10.26
CA ARG A 55 -10.67 2.12 11.31
C ARG A 55 -9.92 1.61 12.55
N ASN A 56 -10.62 0.89 13.44
CA ASN A 56 -10.03 0.31 14.64
C ASN A 56 -9.52 -1.08 14.29
N ILE A 57 -8.31 -1.12 13.72
CA ILE A 57 -7.60 -2.36 13.34
C ILE A 57 -6.41 -2.60 14.27
N SER A 58 -5.89 -3.83 14.25
CA SER A 58 -4.70 -4.23 15.02
C SER A 58 -3.46 -4.35 14.10
N LYS A 59 -2.31 -4.75 14.68
CA LYS A 59 -0.99 -4.71 13.99
C LYS A 59 -0.91 -5.65 12.76
N GLU A 60 -1.53 -6.84 12.83
CA GLU A 60 -1.53 -7.80 11.71
C GLU A 60 -2.68 -7.48 10.74
N GLU A 61 -3.75 -6.87 11.27
CA GLU A 61 -4.91 -6.43 10.47
C GLU A 61 -4.50 -5.32 9.47
N LEU A 62 -3.69 -4.34 9.95
CA LEU A 62 -3.22 -3.21 9.10
C LEU A 62 -2.25 -3.72 8.02
N LYS A 63 -1.60 -4.87 8.29
CA LYS A 63 -0.70 -5.52 7.32
C LYS A 63 -1.47 -5.97 6.08
N LYS A 64 -2.77 -6.29 6.24
CA LYS A 64 -3.62 -6.71 5.12
C LYS A 64 -3.81 -5.58 4.11
N LEU A 65 -3.59 -4.32 4.53
CA LEU A 65 -3.66 -3.15 3.64
C LEU A 65 -2.51 -3.19 2.62
N LEU A 66 -1.24 -3.20 3.13
CA LEU A 66 -0.05 -3.28 2.26
C LEU A 66 0.07 -4.65 1.56
N GLU A 67 -0.62 -5.68 2.10
CA GLU A 67 -0.75 -6.99 1.44
C GLU A 67 -1.54 -6.86 0.12
N ARG A 68 -2.72 -6.21 0.20
CA ARG A 68 -3.58 -6.00 -0.97
C ARG A 68 -2.85 -5.20 -2.07
N ILE A 69 -2.09 -4.19 -1.62
CA ILE A 69 -1.27 -3.32 -2.49
C ILE A 69 -0.17 -4.12 -3.21
N ARG A 70 0.60 -4.90 -2.42
CA ARG A 70 1.77 -5.66 -2.94
C ARG A 70 1.31 -6.74 -3.91
N GLU A 71 0.08 -7.27 -3.70
CA GLU A 71 -0.53 -8.26 -4.59
C GLU A 71 -0.73 -7.64 -5.97
N LYS A 72 -1.17 -6.36 -5.99
CA LYS A 72 -1.50 -5.64 -7.21
C LYS A 72 -0.23 -5.44 -8.06
N ILE A 73 0.81 -4.85 -7.43
CA ILE A 73 2.05 -4.46 -8.14
C ILE A 73 2.93 -5.66 -8.52
N GLU A 74 2.83 -6.79 -7.76
CA GLU A 74 3.62 -8.01 -8.07
C GLU A 74 3.00 -8.78 -9.25
N ARG A 75 1.64 -8.85 -9.30
CA ARG A 75 0.93 -9.61 -10.34
C ARG A 75 0.89 -8.81 -11.65
N GLU A 76 0.71 -7.48 -11.52
CA GLU A 76 0.65 -6.55 -12.66
C GLU A 76 2.04 -6.43 -13.29
N GLY A 77 3.02 -5.99 -12.47
CA GLY A 77 4.37 -5.74 -12.96
C GLY A 77 4.53 -4.32 -13.46
N SER A 78 3.59 -3.87 -14.33
CA SER A 78 3.58 -2.52 -14.92
C SER A 78 3.68 -1.42 -13.82
N SER A 79 4.77 -0.64 -13.89
CA SER A 79 5.06 0.43 -12.93
C SER A 79 4.11 1.64 -13.15
N GLU A 80 2.87 1.48 -12.65
CA GLU A 80 1.81 2.49 -12.72
C GLU A 80 0.86 2.23 -11.54
N VAL A 81 1.21 2.80 -10.37
CA VAL A 81 0.48 2.59 -9.12
C VAL A 81 0.42 3.89 -8.32
N GLU A 82 -0.79 4.27 -7.88
CA GLU A 82 -1.00 5.40 -6.99
C GLU A 82 -1.91 4.94 -5.83
N VAL A 83 -1.31 4.78 -4.66
CA VAL A 83 -1.99 4.29 -3.46
C VAL A 83 -2.36 5.48 -2.60
N ASN A 84 -3.65 5.75 -2.48
CA ASN A 84 -4.14 6.91 -1.75
C ASN A 84 -4.60 6.42 -0.37
N VAL A 85 -3.80 6.74 0.64
CA VAL A 85 -4.11 6.44 2.04
C VAL A 85 -4.71 7.70 2.66
N HIS A 86 -5.99 7.65 3.00
CA HIS A 86 -6.74 8.78 3.56
C HIS A 86 -6.96 8.51 5.05
N SER A 87 -6.90 9.53 5.91
CA SER A 87 -7.16 9.39 7.35
C SER A 87 -7.50 10.76 7.95
N GLY A 88 -8.81 11.01 8.20
CA GLY A 88 -9.30 12.26 8.78
C GLY A 88 -8.81 13.51 8.06
N GLY A 89 -9.12 13.60 6.76
CA GLY A 89 -8.71 14.74 5.92
C GLY A 89 -7.32 14.59 5.28
N GLN A 90 -6.40 13.86 5.94
CA GLN A 90 -4.99 13.73 5.51
C GLN A 90 -4.86 12.59 4.47
N THR A 91 -4.20 12.84 3.33
CA THR A 91 -4.04 11.84 2.25
C THR A 91 -2.58 11.78 1.72
N TRP A 92 -2.02 10.56 1.69
CA TRP A 92 -0.68 10.27 1.16
C TRP A 92 -0.82 9.42 -0.11
N THR A 93 -0.34 9.93 -1.25
CA THR A 93 -0.30 9.18 -2.50
C THR A 93 1.10 8.54 -2.68
N PHE A 94 1.17 7.23 -2.41
CA PHE A 94 2.41 6.42 -2.53
C PHE A 94 2.50 5.84 -3.95
N ASN A 95 3.66 6.02 -4.58
CA ASN A 95 3.91 5.55 -5.94
C ASN A 95 5.33 4.99 -6.06
N GLU A 96 5.46 3.90 -6.83
CA GLU A 96 6.75 3.33 -7.19
C GLU A 96 7.41 4.18 -8.30
N LYS A 97 8.52 4.87 -7.96
CA LYS A 97 9.29 5.64 -8.96
C LYS A 97 10.19 4.64 -9.74
N MET A 1 -33.38 -15.72 -6.06
CA MET A 1 -32.73 -15.70 -4.73
C MET A 1 -31.82 -16.93 -4.59
N GLY A 2 -30.51 -16.69 -4.77
CA GLY A 2 -29.50 -17.73 -4.68
C GLY A 2 -28.11 -17.14 -4.80
N HIS A 3 -27.16 -17.69 -4.03
CA HIS A 3 -25.77 -17.21 -3.99
C HIS A 3 -24.82 -18.40 -3.88
N HIS A 4 -23.92 -18.53 -4.86
CA HIS A 4 -22.87 -19.56 -4.85
C HIS A 4 -21.56 -18.89 -5.30
N HIS A 5 -20.72 -18.55 -4.32
CA HIS A 5 -19.38 -17.99 -4.57
C HIS A 5 -18.34 -19.12 -4.58
N HIS A 6 -17.06 -18.76 -4.74
CA HIS A 6 -15.96 -19.75 -4.71
C HIS A 6 -15.69 -20.23 -3.28
N HIS A 7 -15.27 -21.49 -3.17
CA HIS A 7 -14.96 -22.17 -1.88
C HIS A 7 -13.48 -21.94 -1.48
N HIS A 8 -12.76 -21.12 -2.29
CA HIS A 8 -11.29 -20.89 -2.22
C HIS A 8 -10.50 -22.22 -2.33
N GLU A 9 -11.16 -23.23 -2.97
CA GLU A 9 -10.55 -24.54 -3.27
C GLU A 9 -9.39 -24.36 -4.27
N ASN A 10 -9.47 -23.25 -5.02
CA ASN A 10 -8.43 -22.77 -5.96
C ASN A 10 -7.04 -22.79 -5.30
N LEU A 11 -7.02 -22.40 -4.01
CA LEU A 11 -5.81 -22.36 -3.17
C LEU A 11 -4.73 -21.48 -3.84
N TYR A 12 -5.11 -20.22 -4.08
CA TYR A 12 -4.23 -19.23 -4.68
C TYR A 12 -3.16 -18.79 -3.64
N PHE A 13 -1.97 -19.41 -3.73
CA PHE A 13 -0.82 -19.07 -2.86
C PHE A 13 0.07 -18.06 -3.59
N GLN A 14 -0.58 -17.03 -4.18
CA GLN A 14 0.09 -15.98 -4.97
C GLN A 14 0.63 -14.92 -4.01
N SER A 15 1.74 -15.28 -3.37
CA SER A 15 2.38 -14.49 -2.32
C SER A 15 3.89 -14.65 -2.42
N HIS A 16 4.53 -13.70 -3.09
CA HIS A 16 6.00 -13.58 -3.18
C HIS A 16 6.48 -12.61 -2.10
N MET A 17 5.61 -11.62 -1.81
CA MET A 17 5.75 -10.62 -0.74
C MET A 17 7.00 -9.76 -1.00
N THR A 18 6.80 -8.63 -1.72
CA THR A 18 7.88 -7.75 -2.23
C THR A 18 8.81 -7.22 -1.11
N ASP A 19 8.26 -7.15 0.14
CA ASP A 19 9.00 -6.89 1.38
C ASP A 19 9.41 -5.42 1.54
N GLU A 20 10.30 -4.94 0.65
CA GLU A 20 10.93 -3.60 0.71
C GLU A 20 9.92 -2.46 0.98
N LEU A 21 9.05 -2.19 -0.02
CA LEU A 21 8.10 -1.05 0.02
C LEU A 21 6.97 -1.27 1.03
N LEU A 22 6.75 -2.55 1.42
CA LEU A 22 5.67 -2.94 2.35
C LEU A 22 5.91 -2.34 3.75
N GLU A 23 7.16 -2.43 4.22
CA GLU A 23 7.58 -1.89 5.52
C GLU A 23 7.25 -0.38 5.62
N ARG A 24 7.53 0.33 4.50
CA ARG A 24 7.33 1.78 4.39
C ARG A 24 5.84 2.14 4.58
N LEU A 25 4.96 1.25 4.09
CA LEU A 25 3.50 1.45 4.15
C LEU A 25 3.00 1.18 5.58
N ARG A 26 3.55 0.12 6.18
CA ARG A 26 3.25 -0.30 7.56
C ARG A 26 3.49 0.83 8.56
N GLN A 27 4.63 1.52 8.39
CA GLN A 27 5.05 2.62 9.29
C GLN A 27 4.01 3.74 9.34
N LEU A 28 3.41 4.07 8.17
CA LEU A 28 2.38 5.12 8.07
C LEU A 28 1.08 4.67 8.76
N PHE A 29 0.67 3.43 8.50
CA PHE A 29 -0.55 2.86 9.10
C PHE A 29 -0.43 2.77 10.65
N GLU A 30 0.79 2.46 11.13
CA GLU A 30 1.11 2.41 12.56
C GLU A 30 1.18 3.83 13.15
N GLU A 31 1.54 4.81 12.32
CA GLU A 31 1.55 6.24 12.68
C GLU A 31 0.11 6.71 13.00
N LEU A 32 -0.85 6.17 12.22
CA LEU A 32 -2.29 6.42 12.38
C LEU A 32 -2.88 5.61 13.55
N HIS A 33 -2.27 4.43 13.80
CA HIS A 33 -2.69 3.46 14.84
C HIS A 33 -2.74 4.08 16.26
N GLU A 34 -2.04 5.21 16.48
CA GLU A 34 -2.06 5.96 17.77
C GLU A 34 -3.50 6.30 18.22
N ARG A 35 -4.33 6.69 17.24
CA ARG A 35 -5.74 7.06 17.44
C ARG A 35 -6.66 6.10 16.66
N GLY A 36 -6.03 5.14 15.96
CA GLY A 36 -6.74 4.05 15.28
C GLY A 36 -7.10 4.41 13.85
N THR A 37 -8.01 5.39 13.74
CA THR A 37 -8.60 5.91 12.49
C THR A 37 -9.15 4.84 11.52
N GLU A 38 -9.84 5.31 10.49
CA GLU A 38 -10.40 4.47 9.42
C GLU A 38 -9.57 4.66 8.14
N ILE A 39 -8.74 3.66 7.83
CA ILE A 39 -7.77 3.74 6.74
C ILE A 39 -8.37 3.14 5.45
N VAL A 40 -8.64 4.03 4.49
CA VAL A 40 -9.13 3.67 3.16
C VAL A 40 -7.95 3.78 2.18
N VAL A 41 -7.41 2.63 1.78
CA VAL A 41 -6.28 2.55 0.87
C VAL A 41 -6.79 2.39 -0.57
N GLU A 42 -6.50 3.38 -1.40
CA GLU A 42 -6.96 3.43 -2.78
C GLU A 42 -5.75 3.23 -3.73
N VAL A 43 -5.67 2.05 -4.35
CA VAL A 43 -4.54 1.66 -5.20
C VAL A 43 -4.89 1.93 -6.68
N HIS A 44 -4.30 3.00 -7.24
CA HIS A 44 -4.50 3.40 -8.63
C HIS A 44 -3.52 2.65 -9.53
N ILE A 45 -4.04 1.70 -10.31
CA ILE A 45 -3.27 0.91 -11.28
C ILE A 45 -3.95 0.99 -12.65
N ASN A 46 -3.19 1.44 -13.66
CA ASN A 46 -3.62 1.49 -15.07
C ASN A 46 -4.85 2.41 -15.27
N GLY A 47 -4.99 3.42 -14.39
CA GLY A 47 -6.10 4.37 -14.42
C GLY A 47 -7.24 3.98 -13.47
N GLU A 48 -7.33 2.69 -13.12
CA GLU A 48 -8.39 2.14 -12.27
C GLU A 48 -8.11 2.37 -10.77
N ARG A 49 -9.14 2.80 -10.02
CA ARG A 49 -9.06 2.95 -8.55
C ARG A 49 -9.54 1.65 -7.86
N ASP A 50 -8.61 1.01 -7.15
CA ASP A 50 -8.88 -0.14 -6.26
C ASP A 50 -9.22 0.41 -4.87
N GLU A 51 -10.27 -0.12 -4.22
CA GLU A 51 -10.73 0.40 -2.91
C GLU A 51 -10.57 -0.66 -1.81
N ILE A 52 -9.81 -0.32 -0.77
CA ILE A 52 -9.61 -1.14 0.43
C ILE A 52 -10.08 -0.31 1.64
N ARG A 53 -10.96 -0.86 2.49
CA ARG A 53 -11.45 -0.17 3.71
C ARG A 53 -11.16 -1.01 4.94
N VAL A 54 -10.52 -0.40 5.96
CA VAL A 54 -10.36 -1.01 7.29
C VAL A 54 -10.55 0.10 8.34
N ARG A 55 -11.19 -0.20 9.49
CA ARG A 55 -11.52 0.83 10.52
C ARG A 55 -11.14 0.34 11.93
N ASN A 56 -10.09 0.98 12.50
CA ASN A 56 -9.61 0.74 13.89
C ASN A 56 -9.13 -0.73 14.07
N ILE A 57 -7.86 -0.97 13.77
CA ILE A 57 -7.26 -2.33 13.76
C ILE A 57 -5.83 -2.31 14.35
N SER A 58 -5.24 -3.51 14.54
CA SER A 58 -3.88 -3.67 15.13
C SER A 58 -2.78 -3.58 14.05
N LYS A 59 -1.49 -3.63 14.50
CA LYS A 59 -0.31 -3.57 13.57
C LYS A 59 -0.33 -4.75 12.58
N GLU A 60 -0.84 -5.90 13.03
CA GLU A 60 -0.87 -7.13 12.22
C GLU A 60 -2.02 -7.09 11.18
N GLU A 61 -3.07 -6.32 11.48
CA GLU A 61 -4.24 -6.18 10.60
C GLU A 61 -4.11 -5.02 9.61
N LEU A 62 -3.31 -3.99 9.94
CA LEU A 62 -2.98 -2.92 8.97
C LEU A 62 -1.99 -3.45 7.93
N LYS A 63 -1.28 -4.56 8.29
CA LYS A 63 -0.49 -5.32 7.33
C LYS A 63 -1.38 -5.80 6.18
N LYS A 64 -2.65 -6.14 6.50
CA LYS A 64 -3.62 -6.65 5.50
C LYS A 64 -3.82 -5.64 4.36
N LEU A 65 -3.56 -4.36 4.64
CA LEU A 65 -3.64 -3.27 3.65
C LEU A 65 -2.51 -3.38 2.63
N LEU A 66 -1.26 -3.49 3.13
CA LEU A 66 -0.07 -3.63 2.27
C LEU A 66 0.04 -5.05 1.65
N GLU A 67 -0.68 -6.01 2.26
CA GLU A 67 -0.79 -7.39 1.73
C GLU A 67 -1.83 -7.42 0.60
N ARG A 68 -2.83 -6.53 0.69
CA ARG A 68 -3.73 -6.24 -0.43
C ARG A 68 -2.94 -5.62 -1.59
N ILE A 69 -2.07 -4.64 -1.25
CA ILE A 69 -1.22 -3.91 -2.22
C ILE A 69 -0.19 -4.86 -2.86
N ARG A 70 0.32 -5.84 -2.06
CA ARG A 70 1.35 -6.78 -2.56
C ARG A 70 0.74 -7.66 -3.67
N GLU A 71 -0.56 -8.00 -3.53
CA GLU A 71 -1.30 -8.78 -4.54
C GLU A 71 -1.35 -8.00 -5.86
N LYS A 72 -1.39 -6.66 -5.74
CA LYS A 72 -1.56 -5.78 -6.88
C LYS A 72 -0.24 -5.65 -7.65
N ILE A 73 0.86 -5.41 -6.93
CA ILE A 73 2.19 -5.26 -7.56
C ILE A 73 2.73 -6.61 -8.10
N GLU A 74 2.18 -7.74 -7.59
CA GLU A 74 2.53 -9.09 -8.06
C GLU A 74 1.74 -9.49 -9.31
N ARG A 75 0.40 -9.46 -9.22
CA ARG A 75 -0.50 -9.99 -10.28
C ARG A 75 -0.60 -8.98 -11.44
N GLU A 76 -0.82 -7.70 -11.11
CA GLU A 76 -0.90 -6.62 -12.11
C GLU A 76 0.51 -6.26 -12.57
N GLY A 77 1.44 -6.09 -11.60
CA GLY A 77 2.85 -5.79 -11.89
C GLY A 77 3.05 -4.51 -12.69
N SER A 78 2.14 -3.55 -12.50
CA SER A 78 2.10 -2.31 -13.26
C SER A 78 2.93 -1.23 -12.55
N SER A 79 3.81 -0.58 -13.32
CA SER A 79 4.71 0.48 -12.82
C SER A 79 3.92 1.77 -12.51
N GLU A 80 2.78 1.95 -13.22
CA GLU A 80 1.86 3.07 -12.97
C GLU A 80 0.95 2.70 -11.79
N VAL A 81 1.54 2.75 -10.59
CA VAL A 81 0.87 2.42 -9.33
C VAL A 81 0.94 3.63 -8.40
N GLU A 82 -0.19 3.97 -7.78
CA GLU A 82 -0.31 5.10 -6.86
C GLU A 82 -1.18 4.69 -5.65
N VAL A 83 -0.55 4.57 -4.48
CA VAL A 83 -1.23 4.15 -3.24
C VAL A 83 -1.61 5.42 -2.46
N ASN A 84 -2.93 5.66 -2.39
CA ASN A 84 -3.52 6.85 -1.75
C ASN A 84 -4.13 6.43 -0.43
N VAL A 85 -3.50 6.81 0.67
CA VAL A 85 -3.96 6.46 2.02
C VAL A 85 -4.82 7.61 2.56
N HIS A 86 -6.10 7.33 2.76
CA HIS A 86 -7.07 8.25 3.37
C HIS A 86 -7.38 7.74 4.78
N SER A 87 -7.51 8.65 5.74
CA SER A 87 -7.86 8.30 7.13
C SER A 87 -8.43 9.53 7.85
N GLY A 88 -9.78 9.54 8.02
CA GLY A 88 -10.49 10.58 8.78
C GLY A 88 -10.33 11.99 8.20
N GLY A 89 -10.14 12.08 6.88
CA GLY A 89 -9.96 13.36 6.17
C GLY A 89 -8.55 13.56 5.65
N GLN A 90 -7.56 12.94 6.31
CA GLN A 90 -6.12 13.06 5.94
C GLN A 90 -5.81 12.15 4.74
N THR A 91 -4.93 12.61 3.82
CA THR A 91 -4.58 11.89 2.59
C THR A 91 -3.07 11.96 2.33
N TRP A 92 -2.49 10.84 1.85
CA TRP A 92 -1.09 10.74 1.41
C TRP A 92 -1.06 10.04 0.05
N THR A 93 -0.61 10.75 -0.98
CA THR A 93 -0.54 10.21 -2.35
C THR A 93 0.90 9.70 -2.61
N PHE A 94 1.08 8.37 -2.58
CA PHE A 94 2.34 7.70 -2.91
C PHE A 94 2.27 7.18 -4.34
N ASN A 95 3.30 7.44 -5.14
CA ASN A 95 3.36 6.99 -6.54
C ASN A 95 4.79 6.55 -6.87
N GLU A 96 4.93 5.72 -7.94
CA GLU A 96 6.24 5.22 -8.38
C GLU A 96 7.13 6.42 -8.81
N LYS A 97 8.35 6.47 -8.29
CA LYS A 97 9.28 7.59 -8.48
C LYS A 97 10.74 7.08 -8.54
N MET A 1 -1.67 -0.83 22.18
CA MET A 1 -0.34 -0.73 21.52
C MET A 1 -0.26 -1.68 20.32
N GLY A 2 0.85 -1.58 19.55
CA GLY A 2 1.08 -2.45 18.40
C GLY A 2 2.13 -1.87 17.46
N HIS A 3 3.35 -2.42 17.56
CA HIS A 3 4.50 -2.06 16.71
C HIS A 3 5.25 -3.33 16.28
N HIS A 4 6.11 -3.19 15.27
CA HIS A 4 7.01 -4.25 14.80
C HIS A 4 8.45 -3.84 15.12
N HIS A 5 9.26 -4.80 15.57
CA HIS A 5 10.67 -4.60 15.89
C HIS A 5 11.54 -5.37 14.89
N HIS A 6 12.15 -4.65 13.95
CA HIS A 6 13.10 -5.22 12.97
C HIS A 6 14.51 -4.66 13.24
N HIS A 7 15.32 -5.40 14.01
CA HIS A 7 16.77 -5.12 14.14
C HIS A 7 17.49 -5.95 13.06
N HIS A 8 18.68 -5.51 12.61
CA HIS A 8 19.31 -5.94 11.33
C HIS A 8 18.45 -5.43 10.16
N GLU A 9 19.01 -4.46 9.40
CA GLU A 9 18.27 -3.66 8.41
C GLU A 9 17.76 -4.50 7.21
N ASN A 10 18.48 -5.61 6.90
CA ASN A 10 18.12 -6.56 5.82
C ASN A 10 18.21 -5.87 4.41
N LEU A 11 18.96 -4.76 4.33
CA LEU A 11 19.11 -3.96 3.09
C LEU A 11 20.32 -4.46 2.27
N TYR A 12 20.25 -5.73 1.80
CA TYR A 12 21.28 -6.32 0.92
C TYR A 12 20.97 -5.93 -0.54
N PHE A 13 19.81 -6.40 -1.02
CA PHE A 13 19.23 -6.00 -2.31
C PHE A 13 18.12 -4.96 -2.03
N GLN A 14 16.92 -5.45 -1.64
CA GLN A 14 15.77 -4.66 -1.13
C GLN A 14 15.07 -3.75 -2.21
N SER A 15 15.81 -3.29 -3.21
CA SER A 15 15.31 -2.37 -4.26
C SER A 15 14.26 -3.03 -5.16
N HIS A 16 14.32 -4.37 -5.28
CA HIS A 16 13.35 -5.17 -6.04
C HIS A 16 12.60 -6.13 -5.08
N MET A 17 12.54 -5.73 -3.80
CA MET A 17 11.78 -6.45 -2.77
C MET A 17 10.67 -5.51 -2.27
N THR A 18 9.43 -6.03 -2.21
CA THR A 18 8.24 -5.25 -1.83
C THR A 18 8.31 -4.75 -0.38
N ASP A 19 9.16 -5.39 0.45
CA ASP A 19 9.33 -5.08 1.88
C ASP A 19 9.65 -3.59 2.09
N GLU A 20 10.50 -3.02 1.21
CA GLU A 20 10.88 -1.59 1.25
C GLU A 20 9.62 -0.70 1.14
N LEU A 21 8.82 -0.99 0.09
CA LEU A 21 7.62 -0.23 -0.28
C LEU A 21 6.59 -0.28 0.86
N LEU A 22 6.31 -1.51 1.28
CA LEU A 22 5.27 -1.83 2.25
C LEU A 22 5.64 -1.31 3.65
N GLU A 23 6.94 -1.37 4.00
CA GLU A 23 7.47 -0.89 5.30
C GLU A 23 7.17 0.61 5.50
N ARG A 24 7.28 1.38 4.41
CA ARG A 24 6.97 2.83 4.40
C ARG A 24 5.46 3.08 4.67
N LEU A 25 4.61 2.17 4.18
CA LEU A 25 3.15 2.22 4.41
C LEU A 25 2.85 1.73 5.83
N ARG A 26 3.67 0.77 6.28
CA ARG A 26 3.51 0.06 7.57
C ARG A 26 3.69 1.04 8.72
N GLN A 27 4.68 1.96 8.56
CA GLN A 27 4.96 3.03 9.53
C GLN A 27 3.68 3.84 9.79
N LEU A 28 3.07 4.31 8.68
CA LEU A 28 1.86 5.15 8.68
C LEU A 28 0.68 4.43 9.35
N PHE A 29 0.52 3.12 9.06
CA PHE A 29 -0.57 2.31 9.62
C PHE A 29 -0.42 2.13 11.15
N GLU A 30 0.84 1.94 11.60
CA GLU A 30 1.20 1.82 13.03
C GLU A 30 0.95 3.14 13.76
N GLU A 31 1.21 4.26 13.06
CA GLU A 31 1.00 5.62 13.60
C GLU A 31 -0.48 5.89 13.87
N LEU A 32 -1.30 5.69 12.83
CA LEU A 32 -2.75 5.97 12.88
C LEU A 32 -3.49 4.97 13.78
N HIS A 33 -2.89 3.76 13.94
CA HIS A 33 -3.37 2.68 14.83
C HIS A 33 -3.52 3.15 16.30
N GLU A 34 -2.78 4.21 16.70
CA GLU A 34 -2.84 4.79 18.06
C GLU A 34 -4.31 5.10 18.47
N ARG A 35 -5.14 5.55 17.50
CA ARG A 35 -6.58 5.78 17.72
C ARG A 35 -7.41 4.81 16.86
N GLY A 36 -6.77 4.28 15.80
CA GLY A 36 -7.44 3.44 14.81
C GLY A 36 -8.45 4.22 13.98
N THR A 37 -7.98 5.31 13.35
CA THR A 37 -8.80 6.15 12.45
C THR A 37 -9.15 5.39 11.16
N GLU A 38 -10.20 5.84 10.46
CA GLU A 38 -10.65 5.24 9.20
C GLU A 38 -9.63 5.50 8.07
N ILE A 39 -8.80 4.49 7.79
CA ILE A 39 -7.78 4.51 6.75
C ILE A 39 -8.35 3.89 5.46
N VAL A 40 -8.57 4.73 4.45
CA VAL A 40 -8.97 4.31 3.11
C VAL A 40 -7.71 4.20 2.24
N VAL A 41 -7.25 2.97 1.99
CA VAL A 41 -6.08 2.70 1.15
C VAL A 41 -6.57 2.44 -0.27
N GLU A 42 -6.26 3.35 -1.19
CA GLU A 42 -6.79 3.33 -2.56
C GLU A 42 -5.65 3.11 -3.56
N VAL A 43 -5.63 1.90 -4.13
CA VAL A 43 -4.58 1.42 -5.02
C VAL A 43 -4.95 1.74 -6.50
N HIS A 44 -4.27 2.75 -7.07
CA HIS A 44 -4.46 3.17 -8.48
C HIS A 44 -3.43 2.43 -9.38
N ILE A 45 -3.88 1.36 -10.06
CA ILE A 45 -3.03 0.62 -11.02
C ILE A 45 -3.76 0.49 -12.37
N ASN A 46 -3.06 0.88 -13.47
CA ASN A 46 -3.59 0.90 -14.87
C ASN A 46 -4.76 1.90 -15.01
N GLY A 47 -4.84 2.88 -14.09
CA GLY A 47 -5.94 3.85 -14.05
C GLY A 47 -7.08 3.40 -13.15
N GLU A 48 -7.10 2.09 -12.82
CA GLU A 48 -8.17 1.45 -12.02
C GLU A 48 -7.94 1.72 -10.52
N ARG A 49 -9.03 1.89 -9.76
CA ARG A 49 -8.99 2.18 -8.32
C ARG A 49 -9.45 0.95 -7.52
N ASP A 50 -8.73 0.65 -6.44
CA ASP A 50 -9.13 -0.39 -5.46
C ASP A 50 -9.20 0.27 -4.08
N GLU A 51 -10.41 0.34 -3.52
CA GLU A 51 -10.67 1.00 -2.24
C GLU A 51 -10.69 -0.07 -1.12
N ILE A 52 -9.89 0.16 -0.08
CA ILE A 52 -9.80 -0.73 1.09
C ILE A 52 -10.15 0.09 2.35
N ARG A 53 -11.30 -0.20 2.97
CA ARG A 53 -11.77 0.54 4.15
C ARG A 53 -11.47 -0.25 5.44
N VAL A 54 -10.47 0.22 6.18
CA VAL A 54 -10.08 -0.29 7.50
C VAL A 54 -10.07 0.87 8.49
N ARG A 55 -10.27 0.59 9.77
CA ARG A 55 -10.17 1.62 10.83
C ARG A 55 -9.10 1.23 11.85
N ASN A 56 -9.46 0.30 12.73
CA ASN A 56 -8.72 0.03 13.97
C ASN A 56 -7.79 -1.17 13.78
N ILE A 57 -7.14 -1.22 12.60
CA ILE A 57 -6.20 -2.28 12.22
C ILE A 57 -4.97 -2.30 13.16
N SER A 58 -4.83 -3.40 13.92
CA SER A 58 -3.72 -3.61 14.85
C SER A 58 -2.43 -4.03 14.12
N LYS A 59 -1.37 -4.39 14.89
CA LYS A 59 -0.01 -4.64 14.34
C LYS A 59 0.00 -5.69 13.17
N GLU A 60 -0.73 -6.79 13.35
CA GLU A 60 -0.82 -7.89 12.36
C GLU A 60 -1.94 -7.62 11.34
N GLU A 61 -2.97 -6.90 11.78
CA GLU A 61 -4.12 -6.51 10.93
C GLU A 61 -3.75 -5.43 9.90
N LEU A 62 -2.79 -4.56 10.23
CA LEU A 62 -2.37 -3.47 9.32
C LEU A 62 -1.51 -4.03 8.20
N LYS A 63 -0.86 -5.19 8.49
CA LYS A 63 -0.13 -5.96 7.48
C LYS A 63 -1.07 -6.43 6.36
N LYS A 64 -2.39 -6.58 6.67
CA LYS A 64 -3.38 -6.97 5.65
C LYS A 64 -3.39 -5.97 4.50
N LEU A 65 -3.16 -4.68 4.84
CA LEU A 65 -3.12 -3.57 3.86
C LEU A 65 -1.90 -3.68 2.96
N LEU A 66 -0.78 -4.13 3.55
CA LEU A 66 0.49 -4.37 2.84
C LEU A 66 0.32 -5.53 1.85
N GLU A 67 -0.40 -6.56 2.31
CA GLU A 67 -0.72 -7.75 1.52
C GLU A 67 -1.75 -7.44 0.42
N ARG A 68 -2.56 -6.39 0.65
CA ARG A 68 -3.58 -5.92 -0.32
C ARG A 68 -2.96 -5.02 -1.41
N ILE A 69 -1.77 -4.43 -1.16
CA ILE A 69 -1.03 -3.67 -2.18
C ILE A 69 -0.14 -4.61 -3.03
N ARG A 70 0.62 -5.48 -2.32
CA ARG A 70 1.61 -6.37 -2.95
C ARG A 70 0.94 -7.33 -3.95
N GLU A 71 -0.30 -7.77 -3.62
CA GLU A 71 -1.08 -8.68 -4.48
C GLU A 71 -1.36 -8.02 -5.83
N LYS A 72 -1.59 -6.69 -5.79
CA LYS A 72 -1.97 -5.91 -6.97
C LYS A 72 -0.78 -5.81 -7.93
N ILE A 73 0.39 -5.43 -7.39
CA ILE A 73 1.61 -5.25 -8.22
C ILE A 73 2.16 -6.61 -8.73
N GLU A 74 1.80 -7.72 -8.05
CA GLU A 74 2.19 -9.09 -8.47
C GLU A 74 1.24 -9.67 -9.55
N ARG A 75 -0.09 -9.46 -9.41
CA ARG A 75 -1.10 -10.00 -10.37
C ARG A 75 -1.05 -9.22 -11.70
N GLU A 76 -0.95 -7.89 -11.60
CA GLU A 76 -0.95 -6.98 -12.76
C GLU A 76 0.45 -6.91 -13.39
N GLY A 77 1.47 -6.85 -12.51
CA GLY A 77 2.87 -6.66 -12.94
C GLY A 77 3.11 -5.27 -13.55
N SER A 78 2.16 -4.36 -13.31
CA SER A 78 2.12 -3.04 -13.91
C SER A 78 2.93 -2.05 -13.05
N SER A 79 3.76 -1.25 -13.74
CA SER A 79 4.57 -0.19 -13.12
C SER A 79 3.73 1.06 -12.81
N GLU A 80 2.47 1.06 -13.27
CA GLU A 80 1.50 2.16 -13.15
C GLU A 80 0.82 2.12 -11.77
N VAL A 81 1.63 2.10 -10.69
CA VAL A 81 1.13 1.92 -9.31
C VAL A 81 1.21 3.24 -8.53
N GLU A 82 0.07 3.61 -7.90
CA GLU A 82 -0.05 4.83 -7.09
C GLU A 82 -0.95 4.55 -5.87
N VAL A 83 -0.37 4.52 -4.66
CA VAL A 83 -1.11 4.19 -3.43
C VAL A 83 -1.49 5.51 -2.73
N ASN A 84 -2.79 5.85 -2.75
CA ASN A 84 -3.33 7.04 -2.10
C ASN A 84 -4.02 6.62 -0.80
N VAL A 85 -3.39 6.96 0.33
CA VAL A 85 -3.94 6.70 1.66
C VAL A 85 -4.71 7.94 2.13
N HIS A 86 -6.05 7.86 2.08
CA HIS A 86 -6.95 8.92 2.51
C HIS A 86 -7.43 8.57 3.92
N SER A 87 -7.04 9.34 4.92
CA SER A 87 -7.38 9.08 6.33
C SER A 87 -7.34 10.38 7.13
N GLY A 88 -8.29 10.54 8.07
CA GLY A 88 -8.40 11.75 8.89
C GLY A 88 -8.84 12.97 8.07
N GLY A 89 -7.86 13.76 7.65
CA GLY A 89 -8.09 14.92 6.78
C GLY A 89 -6.97 15.10 5.75
N GLN A 90 -6.11 14.06 5.62
CA GLN A 90 -4.92 14.09 4.72
C GLN A 90 -5.00 12.94 3.69
N THR A 91 -4.24 13.11 2.60
CA THR A 91 -4.03 12.08 1.59
C THR A 91 -2.54 11.98 1.27
N TRP A 92 -1.94 10.82 1.60
CA TRP A 92 -0.56 10.50 1.22
C TRP A 92 -0.60 9.83 -0.17
N THR A 93 -0.04 10.51 -1.19
CA THR A 93 -0.02 10.01 -2.56
C THR A 93 1.39 9.46 -2.88
N PHE A 94 1.50 8.13 -2.89
CA PHE A 94 2.71 7.42 -3.28
C PHE A 94 2.62 7.17 -4.80
N ASN A 95 3.41 7.90 -5.59
CA ASN A 95 3.35 7.89 -7.06
C ASN A 95 4.44 6.96 -7.62
N GLU A 96 4.15 6.30 -8.77
CA GLU A 96 5.12 5.47 -9.50
C GLU A 96 6.36 6.32 -9.89
N LYS A 97 7.45 6.11 -9.15
CA LYS A 97 8.67 6.91 -9.26
C LYS A 97 9.65 6.21 -10.23
N MET A 1 32.66 23.58 8.59
CA MET A 1 32.96 23.64 7.14
C MET A 1 33.09 22.22 6.57
N GLY A 2 32.41 21.94 5.44
CA GLY A 2 32.55 20.66 4.73
C GLY A 2 31.73 19.55 5.36
N HIS A 3 30.45 19.45 4.96
CA HIS A 3 29.54 18.37 5.42
C HIS A 3 29.19 17.43 4.26
N HIS A 4 28.61 16.28 4.63
CA HIS A 4 28.13 15.25 3.69
C HIS A 4 26.83 15.69 3.00
N HIS A 5 26.48 15.00 1.90
CA HIS A 5 25.36 15.39 1.00
C HIS A 5 24.54 14.14 0.63
N HIS A 6 25.21 13.23 -0.08
CA HIS A 6 24.61 11.99 -0.61
C HIS A 6 25.69 10.90 -0.65
N HIS A 7 25.28 9.64 -0.44
CA HIS A 7 26.21 8.50 -0.38
C HIS A 7 25.49 7.19 -0.77
N HIS A 8 26.16 6.38 -1.60
CA HIS A 8 25.69 5.04 -1.99
C HIS A 8 26.91 4.18 -2.42
N GLU A 9 27.27 3.22 -1.56
CA GLU A 9 28.30 2.18 -1.86
C GLU A 9 27.85 1.35 -3.06
N ASN A 10 26.56 0.97 -3.02
CA ASN A 10 25.87 0.27 -4.11
C ASN A 10 24.34 0.38 -3.85
N LEU A 11 23.57 0.40 -4.93
CA LEU A 11 22.10 0.36 -4.85
C LEU A 11 21.61 -1.07 -4.61
N TYR A 12 20.36 -1.19 -4.16
CA TYR A 12 19.74 -2.49 -3.86
C TYR A 12 19.10 -3.07 -5.14
N PHE A 13 19.94 -3.67 -5.99
CA PHE A 13 19.47 -4.42 -7.18
C PHE A 13 18.93 -5.78 -6.73
N GLN A 14 19.55 -6.34 -5.67
CA GLN A 14 19.17 -7.63 -5.07
C GLN A 14 17.98 -7.43 -4.12
N SER A 15 16.84 -7.03 -4.70
CA SER A 15 15.61 -6.69 -3.98
C SER A 15 14.40 -7.09 -4.83
N HIS A 16 13.48 -7.84 -4.23
CA HIS A 16 12.19 -8.18 -4.84
C HIS A 16 11.32 -6.92 -4.90
N MET A 17 10.61 -6.69 -6.03
CA MET A 17 9.74 -5.49 -6.23
C MET A 17 8.67 -5.35 -5.13
N THR A 18 8.23 -6.51 -4.61
CA THR A 18 7.18 -6.61 -3.60
C THR A 18 7.78 -6.56 -2.15
N ASP A 19 9.04 -6.12 -2.01
CA ASP A 19 9.72 -6.03 -0.68
C ASP A 19 10.04 -4.56 -0.34
N GLU A 20 9.93 -4.24 0.96
CA GLU A 20 10.35 -2.95 1.60
C GLU A 20 9.31 -1.82 1.41
N LEU A 21 8.86 -1.60 0.15
CA LEU A 21 7.88 -0.53 -0.18
C LEU A 21 6.57 -0.70 0.62
N LEU A 22 6.23 -1.97 0.91
CA LEU A 22 5.07 -2.34 1.73
C LEU A 22 5.29 -1.89 3.19
N GLU A 23 6.51 -2.16 3.71
CA GLU A 23 6.90 -1.80 5.08
C GLU A 23 6.76 -0.28 5.31
N ARG A 24 7.05 0.51 4.25
CA ARG A 24 6.91 1.99 4.27
C ARG A 24 5.43 2.39 4.52
N LEU A 25 4.50 1.66 3.86
CA LEU A 25 3.06 1.91 4.00
C LEU A 25 2.55 1.43 5.36
N ARG A 26 3.18 0.36 5.92
CA ARG A 26 2.90 -0.12 7.29
C ARG A 26 3.16 1.01 8.31
N GLN A 27 4.31 1.69 8.16
CA GLN A 27 4.71 2.78 9.10
C GLN A 27 3.65 3.89 9.15
N LEU A 28 2.94 4.10 8.01
CA LEU A 28 1.85 5.09 7.91
C LEU A 28 0.56 4.55 8.57
N PHE A 29 0.28 3.26 8.37
CA PHE A 29 -0.93 2.62 8.95
C PHE A 29 -0.83 2.54 10.48
N GLU A 30 0.43 2.52 10.99
CA GLU A 30 0.73 2.55 12.44
C GLU A 30 0.66 3.99 12.97
N GLU A 31 1.12 4.94 12.13
CA GLU A 31 0.96 6.40 12.36
C GLU A 31 -0.52 6.77 12.57
N LEU A 32 -1.40 6.05 11.88
CA LEU A 32 -2.86 6.24 11.97
C LEU A 32 -3.47 5.36 13.08
N HIS A 33 -2.87 4.17 13.30
CA HIS A 33 -3.30 3.19 14.34
C HIS A 33 -3.20 3.79 15.76
N GLU A 34 -2.26 4.74 15.97
CA GLU A 34 -2.06 5.37 17.30
C GLU A 34 -3.27 6.22 17.75
N ARG A 35 -4.11 6.66 16.77
CA ARG A 35 -5.42 7.30 17.08
C ARG A 35 -6.58 6.34 16.76
N GLY A 36 -6.29 5.33 15.92
CA GLY A 36 -7.26 4.27 15.57
C GLY A 36 -8.47 4.78 14.79
N THR A 37 -8.27 5.86 14.01
CA THR A 37 -9.35 6.48 13.22
C THR A 37 -9.53 5.72 11.88
N GLU A 38 -10.58 6.09 11.12
CA GLU A 38 -10.87 5.43 9.82
C GLU A 38 -9.77 5.74 8.79
N ILE A 39 -9.10 4.68 8.34
CA ILE A 39 -8.05 4.72 7.32
C ILE A 39 -8.67 4.23 5.99
N VAL A 40 -8.87 5.15 5.04
CA VAL A 40 -9.41 4.84 3.70
C VAL A 40 -8.23 4.81 2.71
N VAL A 41 -7.80 3.60 2.36
CA VAL A 41 -6.69 3.35 1.44
C VAL A 41 -7.27 2.90 0.10
N GLU A 42 -6.72 3.39 -1.02
CA GLU A 42 -7.12 2.94 -2.35
C GLU A 42 -5.88 2.72 -3.22
N VAL A 43 -5.87 1.56 -3.89
CA VAL A 43 -4.82 1.19 -4.85
C VAL A 43 -5.20 1.74 -6.23
N HIS A 44 -4.23 2.32 -6.95
CA HIS A 44 -4.42 2.84 -8.33
C HIS A 44 -3.28 2.31 -9.23
N ILE A 45 -3.59 1.30 -10.05
CA ILE A 45 -2.67 0.75 -11.07
C ILE A 45 -3.43 0.59 -12.40
N ASN A 46 -3.21 1.57 -13.30
CA ASN A 46 -3.72 1.59 -14.69
C ASN A 46 -5.24 1.85 -14.73
N GLY A 47 -6.00 0.84 -14.29
CA GLY A 47 -7.46 0.88 -14.23
C GLY A 47 -7.98 0.25 -12.96
N GLU A 48 -7.12 -0.57 -12.30
CA GLU A 48 -7.48 -1.29 -11.08
C GLU A 48 -7.44 -0.33 -9.89
N ARG A 49 -8.63 -0.02 -9.39
CA ARG A 49 -8.80 0.83 -8.21
C ARG A 49 -9.54 0.06 -7.12
N ASP A 50 -8.83 -0.19 -6.00
CA ASP A 50 -9.33 -1.02 -4.90
C ASP A 50 -9.46 -0.15 -3.64
N GLU A 51 -10.70 0.11 -3.22
CA GLU A 51 -11.00 0.93 -2.02
C GLU A 51 -11.11 0.01 -0.80
N ILE A 52 -10.43 0.39 0.28
CA ILE A 52 -10.31 -0.40 1.52
C ILE A 52 -10.50 0.56 2.71
N ARG A 53 -11.31 0.19 3.71
CA ARG A 53 -11.51 1.01 4.93
C ARG A 53 -11.27 0.14 6.19
N VAL A 54 -10.17 0.43 6.90
CA VAL A 54 -9.79 -0.23 8.17
C VAL A 54 -9.63 0.83 9.26
N ARG A 55 -9.89 0.51 10.54
CA ARG A 55 -9.86 1.53 11.63
C ARG A 55 -8.92 1.08 12.78
N ASN A 56 -9.45 0.24 13.70
CA ASN A 56 -8.68 -0.32 14.82
C ASN A 56 -8.11 -1.67 14.38
N ILE A 57 -6.86 -1.62 13.90
CA ILE A 57 -6.16 -2.78 13.31
C ILE A 57 -4.71 -2.83 13.82
N SER A 58 -4.31 -3.99 14.36
CA SER A 58 -2.94 -4.21 14.89
C SER A 58 -1.91 -4.33 13.73
N LYS A 59 -0.62 -4.47 14.08
CA LYS A 59 0.51 -4.35 13.11
C LYS A 59 0.43 -5.35 11.92
N GLU A 60 -0.11 -6.57 12.15
CA GLU A 60 -0.28 -7.57 11.06
C GLU A 60 -1.64 -7.42 10.36
N GLU A 61 -2.63 -6.91 11.10
CA GLU A 61 -3.98 -6.66 10.57
C GLU A 61 -3.98 -5.53 9.52
N LEU A 62 -3.17 -4.49 9.76
CA LEU A 62 -3.00 -3.40 8.78
C LEU A 62 -2.13 -3.86 7.59
N LYS A 63 -1.35 -4.94 7.81
CA LYS A 63 -0.62 -5.61 6.72
C LYS A 63 -1.58 -6.25 5.71
N LYS A 64 -2.87 -6.46 6.07
CA LYS A 64 -3.88 -6.96 5.10
C LYS A 64 -4.06 -5.95 3.93
N LEU A 65 -3.78 -4.66 4.21
CA LEU A 65 -3.74 -3.61 3.19
C LEU A 65 -2.59 -3.91 2.22
N LEU A 66 -1.43 -4.24 2.82
CA LEU A 66 -0.21 -4.60 2.09
C LEU A 66 -0.39 -5.95 1.36
N GLU A 67 -1.26 -6.82 1.90
CA GLU A 67 -1.58 -8.13 1.29
C GLU A 67 -2.47 -7.93 0.05
N ARG A 68 -3.23 -6.82 0.01
CA ARG A 68 -3.99 -6.42 -1.20
C ARG A 68 -3.04 -5.77 -2.23
N ILE A 69 -2.30 -4.72 -1.79
CA ILE A 69 -1.40 -3.92 -2.65
C ILE A 69 -0.37 -4.84 -3.34
N ARG A 70 0.19 -5.79 -2.57
CA ARG A 70 1.24 -6.70 -3.06
C ARG A 70 0.75 -7.51 -4.28
N GLU A 71 -0.52 -7.97 -4.23
CA GLU A 71 -1.14 -8.75 -5.31
C GLU A 71 -1.15 -7.94 -6.61
N LYS A 72 -1.45 -6.64 -6.45
CA LYS A 72 -1.68 -5.75 -7.59
C LYS A 72 -0.32 -5.49 -8.27
N ILE A 73 0.69 -5.13 -7.45
CA ILE A 73 2.02 -4.74 -7.97
C ILE A 73 2.81 -5.97 -8.51
N GLU A 74 2.54 -7.17 -7.95
CA GLU A 74 3.26 -8.41 -8.35
C GLU A 74 2.61 -9.06 -9.59
N ARG A 75 1.29 -8.85 -9.78
CA ARG A 75 0.57 -9.45 -10.93
C ARG A 75 0.68 -8.54 -12.18
N GLU A 76 0.66 -7.21 -11.95
CA GLU A 76 0.74 -6.20 -13.03
C GLU A 76 2.20 -5.97 -13.39
N GLY A 77 3.02 -5.65 -12.36
CA GLY A 77 4.42 -5.28 -12.55
C GLY A 77 4.58 -3.99 -13.35
N SER A 78 3.56 -3.11 -13.24
CA SER A 78 3.48 -1.85 -14.01
C SER A 78 4.40 -0.77 -13.39
N SER A 79 4.77 0.20 -14.23
CA SER A 79 5.50 1.40 -13.81
C SER A 79 4.58 2.30 -12.93
N GLU A 80 3.30 2.39 -13.32
CA GLU A 80 2.30 3.15 -12.55
C GLU A 80 1.76 2.28 -11.40
N VAL A 81 2.32 2.51 -10.20
CA VAL A 81 1.81 1.96 -8.95
C VAL A 81 1.58 3.14 -7.96
N GLU A 82 0.34 3.29 -7.48
CA GLU A 82 -0.03 4.44 -6.61
C GLU A 82 -0.93 3.97 -5.44
N VAL A 83 -0.64 4.48 -4.24
CA VAL A 83 -1.45 4.23 -3.03
C VAL A 83 -1.92 5.58 -2.43
N ASN A 84 -3.25 5.80 -2.37
CA ASN A 84 -3.87 7.01 -1.81
C ASN A 84 -4.52 6.69 -0.45
N VAL A 85 -3.92 7.21 0.63
CA VAL A 85 -4.42 6.98 2.01
C VAL A 85 -5.09 8.26 2.53
N HIS A 86 -6.28 8.11 3.16
CA HIS A 86 -7.10 9.23 3.65
C HIS A 86 -7.56 8.90 5.06
N SER A 87 -7.07 9.63 6.07
CA SER A 87 -7.33 9.32 7.47
C SER A 87 -7.11 10.55 8.37
N GLY A 88 -8.14 10.89 9.17
CA GLY A 88 -8.08 12.01 10.13
C GLY A 88 -8.00 13.40 9.47
N GLY A 89 -8.61 13.52 8.28
CA GLY A 89 -8.60 14.77 7.50
C GLY A 89 -7.33 14.97 6.69
N GLN A 90 -6.48 13.93 6.64
CA GLN A 90 -5.16 13.97 5.97
C GLN A 90 -5.16 13.04 4.74
N THR A 91 -4.42 13.43 3.68
CA THR A 91 -4.33 12.68 2.42
C THR A 91 -2.85 12.52 1.98
N TRP A 92 -2.46 11.29 1.61
CA TRP A 92 -1.11 10.96 1.12
C TRP A 92 -1.21 10.21 -0.22
N THR A 93 -0.16 10.37 -1.05
CA THR A 93 -0.03 9.66 -2.34
C THR A 93 1.40 9.09 -2.47
N PHE A 94 1.53 7.78 -2.28
CA PHE A 94 2.81 7.06 -2.42
C PHE A 94 2.86 6.36 -3.80
N ASN A 95 3.71 6.89 -4.69
CA ASN A 95 3.91 6.37 -6.05
C ASN A 95 5.39 6.47 -6.41
N GLU A 96 5.90 5.54 -7.23
CA GLU A 96 7.32 5.51 -7.59
C GLU A 96 7.57 6.22 -8.93
N LYS A 97 8.47 7.22 -8.89
CA LYS A 97 8.82 8.06 -10.04
C LYS A 97 10.05 7.44 -10.75
N MET A 1 -1.62 -17.54 -27.18
CA MET A 1 -1.81 -17.47 -25.72
C MET A 1 -1.00 -18.57 -25.00
N GLY A 2 -1.26 -18.73 -23.69
CA GLY A 2 -0.53 -19.68 -22.87
C GLY A 2 0.76 -19.09 -22.37
N HIS A 3 1.83 -19.26 -23.16
CA HIS A 3 3.15 -18.66 -22.88
C HIS A 3 3.18 -17.21 -23.43
N HIS A 4 2.65 -16.28 -22.64
CA HIS A 4 2.64 -14.83 -22.93
C HIS A 4 2.98 -14.06 -21.66
N HIS A 5 4.06 -13.24 -21.74
CA HIS A 5 4.55 -12.37 -20.63
C HIS A 5 4.89 -13.23 -19.39
N HIS A 6 5.41 -14.44 -19.65
CA HIS A 6 5.75 -15.41 -18.60
C HIS A 6 6.94 -14.92 -17.75
N HIS A 7 6.64 -14.33 -16.59
CA HIS A 7 7.65 -14.07 -15.55
C HIS A 7 8.20 -15.44 -15.10
N HIS A 8 9.33 -15.82 -15.69
CA HIS A 8 9.96 -17.13 -15.49
C HIS A 8 11.44 -16.92 -15.16
N GLU A 9 11.67 -16.50 -13.90
CA GLU A 9 12.99 -16.41 -13.22
C GLU A 9 13.95 -15.43 -13.94
N ASN A 10 14.45 -15.85 -15.13
CA ASN A 10 15.30 -15.03 -16.03
C ASN A 10 14.62 -13.70 -16.39
N LEU A 11 13.29 -13.72 -16.62
CA LEU A 11 12.51 -12.49 -16.84
C LEU A 11 12.22 -11.84 -15.47
N TYR A 12 13.14 -10.99 -15.02
CA TYR A 12 12.99 -10.19 -13.79
C TYR A 12 13.10 -8.69 -14.13
N PHE A 13 12.77 -8.34 -15.41
CA PHE A 13 12.80 -6.95 -15.94
C PHE A 13 12.18 -5.95 -14.98
N GLN A 14 10.98 -6.30 -14.49
CA GLN A 14 10.31 -5.55 -13.43
C GLN A 14 10.60 -6.25 -12.09
N SER A 15 11.75 -5.88 -11.51
CA SER A 15 12.25 -6.44 -10.24
C SER A 15 11.29 -6.12 -9.09
N HIS A 16 10.40 -7.09 -8.78
CA HIS A 16 9.47 -7.00 -7.64
C HIS A 16 10.21 -7.33 -6.34
N MET A 17 10.95 -6.35 -5.84
CA MET A 17 11.65 -6.43 -4.56
C MET A 17 10.60 -6.46 -3.44
N THR A 18 9.63 -5.51 -3.54
CA THR A 18 8.30 -5.55 -2.87
C THR A 18 8.37 -5.41 -1.32
N ASP A 19 8.90 -6.45 -0.66
CA ASP A 19 9.01 -6.59 0.81
C ASP A 19 9.53 -5.31 1.51
N GLU A 20 10.53 -4.65 0.89
CA GLU A 20 11.17 -3.43 1.46
C GLU A 20 10.31 -2.16 1.23
N LEU A 21 9.65 -2.04 0.06
CA LEU A 21 8.88 -0.82 -0.31
C LEU A 21 7.51 -0.78 0.39
N LEU A 22 7.07 -1.95 0.88
CA LEU A 22 5.86 -2.09 1.71
C LEU A 22 6.02 -1.37 3.06
N GLU A 23 7.28 -1.26 3.55
CA GLU A 23 7.63 -0.57 4.81
C GLU A 23 7.15 0.90 4.78
N ARG A 24 7.36 1.55 3.62
CA ARG A 24 6.94 2.95 3.37
C ARG A 24 5.44 3.16 3.66
N LEU A 25 4.65 2.09 3.47
CA LEU A 25 3.21 2.08 3.75
C LEU A 25 2.95 1.71 5.23
N ARG A 26 3.68 0.68 5.73
CA ARG A 26 3.47 0.07 7.06
C ARG A 26 3.64 1.10 8.17
N GLN A 27 4.74 1.88 8.08
CA GLN A 27 5.08 2.93 9.04
C GLN A 27 3.88 3.88 9.24
N LEU A 28 3.28 4.29 8.11
CA LEU A 28 2.14 5.22 8.08
C LEU A 28 0.91 4.61 8.77
N PHE A 29 0.58 3.35 8.42
CA PHE A 29 -0.57 2.63 9.00
C PHE A 29 -0.44 2.47 10.53
N GLU A 30 0.82 2.35 11.01
CA GLU A 30 1.14 2.27 12.46
C GLU A 30 0.98 3.66 13.13
N GLU A 31 1.33 4.74 12.38
CA GLU A 31 1.15 6.13 12.86
C GLU A 31 -0.32 6.54 12.87
N LEU A 32 -1.15 5.81 12.13
CA LEU A 32 -2.61 5.96 12.16
C LEU A 32 -3.22 5.02 13.23
N HIS A 33 -2.55 3.87 13.45
CA HIS A 33 -2.99 2.85 14.43
C HIS A 33 -3.01 3.43 15.85
N GLU A 34 -2.00 4.27 16.17
CA GLU A 34 -1.81 4.84 17.52
C GLU A 34 -2.93 5.86 17.90
N ARG A 35 -3.71 6.32 16.90
CA ARG A 35 -4.88 7.20 17.15
C ARG A 35 -6.19 6.42 16.94
N GLY A 36 -6.09 5.27 16.22
CA GLY A 36 -7.24 4.40 15.98
C GLY A 36 -8.28 5.06 15.10
N THR A 37 -7.82 5.62 13.98
CA THR A 37 -8.67 6.34 13.02
C THR A 37 -9.21 5.39 11.95
N GLU A 38 -10.19 5.89 11.19
CA GLU A 38 -10.70 5.21 10.00
C GLU A 38 -9.75 5.47 8.82
N ILE A 39 -9.16 4.39 8.30
CA ILE A 39 -8.22 4.44 7.16
C ILE A 39 -8.94 3.94 5.90
N VAL A 40 -8.82 4.67 4.79
CA VAL A 40 -9.36 4.25 3.48
C VAL A 40 -8.19 4.15 2.50
N VAL A 41 -7.84 2.91 2.13
CA VAL A 41 -6.69 2.64 1.25
C VAL A 41 -7.20 2.55 -0.20
N GLU A 42 -6.66 3.41 -1.08
CA GLU A 42 -7.10 3.52 -2.47
C GLU A 42 -5.90 3.26 -3.40
N VAL A 43 -5.87 2.06 -4.03
CA VAL A 43 -4.73 1.64 -4.88
C VAL A 43 -5.07 1.90 -6.36
N HIS A 44 -4.20 2.63 -7.06
CA HIS A 44 -4.32 2.92 -8.49
C HIS A 44 -3.15 2.26 -9.22
N ILE A 45 -3.44 1.28 -10.10
CA ILE A 45 -2.41 0.61 -10.92
C ILE A 45 -2.90 0.49 -12.38
N ASN A 46 -2.17 1.19 -13.29
CA ASN A 46 -2.49 1.31 -14.74
C ASN A 46 -3.79 2.11 -14.99
N GLY A 47 -4.91 1.58 -14.50
CA GLY A 47 -6.21 2.26 -14.54
C GLY A 47 -7.27 1.56 -13.71
N GLU A 48 -6.83 0.80 -12.69
CA GLU A 48 -7.71 0.19 -11.66
C GLU A 48 -7.66 1.03 -10.38
N ARG A 49 -8.81 1.17 -9.70
CA ARG A 49 -8.91 1.82 -8.39
C ARG A 49 -9.62 0.87 -7.39
N ASP A 50 -8.85 0.39 -6.42
CA ASP A 50 -9.34 -0.45 -5.31
C ASP A 50 -9.54 0.45 -4.10
N GLU A 51 -10.65 0.26 -3.37
CA GLU A 51 -10.97 1.08 -2.20
C GLU A 51 -11.39 0.18 -1.03
N ILE A 52 -10.50 0.05 -0.03
CA ILE A 52 -10.69 -0.79 1.15
C ILE A 52 -10.79 0.14 2.38
N ARG A 53 -12.00 0.28 2.95
CA ARG A 53 -12.21 1.09 4.16
C ARG A 53 -11.96 0.20 5.38
N VAL A 54 -10.81 0.40 6.01
CA VAL A 54 -10.39 -0.32 7.22
C VAL A 54 -10.34 0.66 8.41
N ARG A 55 -11.35 0.56 9.29
CA ARG A 55 -11.52 1.49 10.42
C ARG A 55 -11.06 0.80 11.70
N ASN A 56 -10.14 1.45 12.45
CA ASN A 56 -9.68 0.98 13.78
C ASN A 56 -9.05 -0.42 13.68
N ILE A 57 -8.40 -0.70 12.54
CA ILE A 57 -7.72 -1.99 12.30
C ILE A 57 -6.50 -2.17 13.22
N SER A 58 -6.14 -3.43 13.44
CA SER A 58 -5.13 -3.83 14.43
C SER A 58 -3.71 -3.80 13.83
N LYS A 59 -2.70 -4.18 14.65
CA LYS A 59 -1.26 -4.04 14.31
C LYS A 59 -0.84 -4.98 13.16
N GLU A 60 -1.16 -6.27 13.28
CA GLU A 60 -0.92 -7.27 12.23
C GLU A 60 -1.97 -7.16 11.11
N GLU A 61 -3.15 -6.67 11.48
CA GLU A 61 -4.31 -6.52 10.60
C GLU A 61 -4.12 -5.40 9.55
N LEU A 62 -3.38 -4.33 9.91
CA LEU A 62 -3.03 -3.24 8.96
C LEU A 62 -2.05 -3.76 7.89
N LYS A 63 -1.27 -4.78 8.27
CA LYS A 63 -0.30 -5.44 7.37
C LYS A 63 -1.03 -6.24 6.28
N LYS A 64 -2.32 -6.58 6.53
CA LYS A 64 -3.14 -7.28 5.51
C LYS A 64 -3.47 -6.32 4.34
N LEU A 65 -3.41 -4.98 4.61
CA LEU A 65 -3.55 -3.95 3.56
C LEU A 65 -2.35 -4.03 2.61
N LEU A 66 -1.15 -4.14 3.21
CA LEU A 66 0.12 -4.26 2.47
C LEU A 66 0.12 -5.48 1.55
N GLU A 67 -0.41 -6.63 2.06
CA GLU A 67 -0.44 -7.86 1.26
C GLU A 67 -1.43 -7.71 0.08
N ARG A 68 -2.59 -7.04 0.30
CA ARG A 68 -3.56 -6.76 -0.78
C ARG A 68 -2.91 -5.94 -1.92
N ILE A 69 -2.16 -4.89 -1.53
CA ILE A 69 -1.50 -3.95 -2.47
C ILE A 69 -0.40 -4.70 -3.27
N ARG A 70 0.45 -5.45 -2.54
CA ARG A 70 1.60 -6.16 -3.15
C ARG A 70 1.12 -7.24 -4.12
N GLU A 71 -0.05 -7.86 -3.81
CA GLU A 71 -0.71 -8.82 -4.70
C GLU A 71 -0.96 -8.15 -6.06
N LYS A 72 -1.45 -6.89 -6.02
CA LYS A 72 -1.81 -6.14 -7.23
C LYS A 72 -0.56 -5.79 -8.05
N ILE A 73 0.52 -5.34 -7.37
CA ILE A 73 1.77 -4.92 -8.06
C ILE A 73 2.45 -6.14 -8.75
N GLU A 74 2.22 -7.34 -8.16
CA GLU A 74 2.75 -8.62 -8.67
C GLU A 74 1.84 -9.28 -9.74
N ARG A 75 0.53 -9.00 -9.70
CA ARG A 75 -0.43 -9.49 -10.73
C ARG A 75 -0.27 -8.68 -12.03
N GLU A 76 -0.21 -7.36 -11.84
CA GLU A 76 -0.16 -6.39 -12.95
C GLU A 76 1.20 -6.37 -13.62
N GLY A 77 2.25 -6.69 -12.84
CA GLY A 77 3.61 -6.70 -13.33
C GLY A 77 4.24 -5.31 -13.27
N SER A 78 3.60 -4.35 -13.96
CA SER A 78 4.06 -2.94 -14.01
C SER A 78 4.31 -2.33 -12.62
N SER A 79 5.39 -1.51 -12.53
CA SER A 79 5.71 -0.72 -11.32
C SER A 79 4.83 0.54 -11.24
N GLU A 80 3.94 0.72 -12.25
CA GLU A 80 2.94 1.79 -12.30
C GLU A 80 1.93 1.63 -11.14
N VAL A 81 2.27 2.20 -9.98
CA VAL A 81 1.48 2.07 -8.72
C VAL A 81 1.32 3.45 -8.07
N GLU A 82 0.13 3.71 -7.49
CA GLU A 82 -0.18 4.93 -6.75
C GLU A 82 -1.08 4.56 -5.54
N VAL A 83 -0.52 4.56 -4.33
CA VAL A 83 -1.25 4.19 -3.10
C VAL A 83 -1.67 5.48 -2.37
N ASN A 84 -2.98 5.75 -2.34
CA ASN A 84 -3.55 6.92 -1.65
C ASN A 84 -4.15 6.43 -0.33
N VAL A 85 -3.46 6.72 0.78
CA VAL A 85 -3.90 6.35 2.12
C VAL A 85 -4.65 7.52 2.76
N HIS A 86 -5.94 7.32 3.06
CA HIS A 86 -6.81 8.32 3.67
C HIS A 86 -6.97 7.99 5.16
N SER A 87 -7.13 9.01 6.00
CA SER A 87 -7.39 8.82 7.44
C SER A 87 -8.04 10.08 8.04
N GLY A 88 -9.36 10.00 8.33
CA GLY A 88 -10.11 11.14 8.84
C GLY A 88 -10.36 12.20 7.77
N GLY A 89 -9.31 12.97 7.45
CA GLY A 89 -9.30 13.92 6.33
C GLY A 89 -7.90 14.14 5.79
N GLN A 90 -7.04 13.12 5.92
CA GLN A 90 -5.62 13.18 5.54
C GLN A 90 -5.34 12.19 4.40
N THR A 91 -4.84 12.69 3.26
CA THR A 91 -4.56 11.88 2.05
C THR A 91 -3.07 11.94 1.71
N TRP A 92 -2.38 10.78 1.74
CA TRP A 92 -0.98 10.66 1.31
C TRP A 92 -0.92 9.87 -0.01
N THR A 93 -0.49 10.55 -1.08
CA THR A 93 -0.35 9.94 -2.41
C THR A 93 1.10 9.44 -2.61
N PHE A 94 1.27 8.12 -2.52
CA PHE A 94 2.56 7.46 -2.77
C PHE A 94 2.63 7.06 -4.25
N ASN A 95 3.55 7.69 -4.98
CA ASN A 95 3.81 7.33 -6.38
C ASN A 95 5.03 6.41 -6.37
N GLU A 96 4.87 5.19 -6.88
CA GLU A 96 5.96 4.20 -6.92
C GLU A 96 6.99 4.63 -7.97
N LYS A 97 8.26 4.45 -7.65
CA LYS A 97 9.38 4.88 -8.50
C LYS A 97 9.88 3.68 -9.34
N MET A 1 -10.38 -21.96 -0.01
CA MET A 1 -11.50 -21.19 0.56
C MET A 1 -11.10 -20.41 1.83
N GLY A 2 -9.87 -20.66 2.34
CA GLY A 2 -9.36 -20.02 3.56
C GLY A 2 -8.21 -19.07 3.26
N HIS A 3 -8.15 -17.94 4.00
CA HIS A 3 -7.03 -16.99 3.93
C HIS A 3 -5.85 -17.52 4.76
N HIS A 4 -5.12 -18.48 4.17
CA HIS A 4 -3.92 -19.07 4.77
C HIS A 4 -2.75 -18.11 4.47
N HIS A 5 -2.49 -17.19 5.43
CA HIS A 5 -1.49 -16.10 5.28
C HIS A 5 -0.05 -16.64 5.36
N HIS A 6 0.34 -17.34 4.29
CA HIS A 6 1.66 -17.92 4.13
C HIS A 6 2.48 -16.95 3.30
N HIS A 7 3.69 -16.60 3.78
CA HIS A 7 4.69 -15.88 2.99
C HIS A 7 5.13 -16.77 1.83
N HIS A 8 4.39 -16.65 0.70
CA HIS A 8 4.74 -17.28 -0.57
C HIS A 8 6.00 -16.59 -1.14
N GLU A 9 5.87 -15.68 -2.14
CA GLU A 9 6.97 -14.79 -2.65
C GLU A 9 8.10 -15.56 -3.42
N ASN A 10 8.28 -16.88 -3.12
CA ASN A 10 9.17 -17.79 -3.86
C ASN A 10 8.61 -18.04 -5.28
N LEU A 11 9.41 -18.71 -6.12
CA LEU A 11 9.08 -19.00 -7.54
C LEU A 11 9.24 -17.73 -8.44
N TYR A 12 9.15 -16.53 -7.84
CA TYR A 12 9.64 -15.27 -8.43
C TYR A 12 11.19 -15.25 -8.38
N PHE A 13 11.81 -14.09 -8.67
CA PHE A 13 13.28 -13.91 -8.57
C PHE A 13 13.74 -14.01 -7.11
N GLN A 14 14.96 -14.55 -6.88
CA GLN A 14 15.57 -14.65 -5.53
C GLN A 14 15.97 -13.26 -4.99
N SER A 15 15.96 -12.27 -5.89
CA SER A 15 16.06 -10.85 -5.55
C SER A 15 14.86 -10.44 -4.67
N HIS A 16 15.11 -9.50 -3.74
CA HIS A 16 14.09 -8.99 -2.81
C HIS A 16 12.94 -8.30 -3.60
N MET A 17 11.72 -8.87 -3.48
CA MET A 17 10.50 -8.31 -4.12
C MET A 17 10.08 -7.01 -3.43
N THR A 18 8.93 -6.44 -3.85
CA THR A 18 8.39 -5.19 -3.32
C THR A 18 8.23 -5.24 -1.78
N ASP A 19 8.85 -4.27 -1.10
CA ASP A 19 8.79 -4.09 0.36
C ASP A 19 9.18 -2.66 0.73
N GLU A 20 10.11 -2.05 -0.03
CA GLU A 20 10.59 -0.68 0.21
C GLU A 20 9.42 0.35 0.18
N LEU A 21 8.54 0.23 -0.84
CA LEU A 21 7.28 1.02 -0.93
C LEU A 21 6.33 0.62 0.21
N LEU A 22 6.13 -0.69 0.37
CA LEU A 22 5.17 -1.29 1.31
C LEU A 22 5.48 -0.90 2.78
N GLU A 23 6.79 -0.75 3.08
CA GLU A 23 7.29 -0.48 4.43
C GLU A 23 6.87 0.93 4.85
N ARG A 24 6.77 1.84 3.87
CA ARG A 24 6.32 3.23 4.08
C ARG A 24 4.82 3.24 4.45
N LEU A 25 4.10 2.21 3.97
CA LEU A 25 2.68 2.00 4.30
C LEU A 25 2.56 1.36 5.68
N ARG A 26 3.50 0.45 5.97
CA ARG A 26 3.56 -0.30 7.23
C ARG A 26 3.75 0.67 8.40
N GLN A 27 4.79 1.54 8.27
CA GLN A 27 5.10 2.58 9.26
C GLN A 27 3.90 3.52 9.47
N LEU A 28 3.29 3.95 8.33
CA LEU A 28 2.17 4.90 8.34
C LEU A 28 0.95 4.34 9.08
N PHE A 29 0.55 3.10 8.74
CA PHE A 29 -0.67 2.47 9.30
C PHE A 29 -0.50 2.19 10.80
N GLU A 30 0.70 1.72 11.19
CA GLU A 30 1.06 1.44 12.61
C GLU A 30 1.11 2.75 13.43
N GLU A 31 1.47 3.85 12.75
CA GLU A 31 1.51 5.21 13.32
C GLU A 31 0.09 5.78 13.51
N LEU A 32 -0.81 5.46 12.56
CA LEU A 32 -2.23 5.89 12.60
C LEU A 32 -3.06 4.97 13.51
N HIS A 33 -2.55 3.75 13.75
CA HIS A 33 -3.20 2.72 14.57
C HIS A 33 -3.33 3.17 16.04
N GLU A 34 -2.43 4.09 16.48
CA GLU A 34 -2.41 4.59 17.86
C GLU A 34 -3.70 5.37 18.20
N ARG A 35 -4.35 5.96 17.17
CA ARG A 35 -5.67 6.62 17.33
C ARG A 35 -6.77 5.76 16.70
N GLY A 36 -6.38 4.86 15.78
CA GLY A 36 -7.32 4.00 15.04
C GLY A 36 -8.31 4.81 14.20
N THR A 37 -7.74 5.75 13.42
CA THR A 37 -8.50 6.70 12.59
C THR A 37 -9.08 6.01 11.33
N GLU A 38 -9.98 6.75 10.64
CA GLU A 38 -10.60 6.32 9.37
C GLU A 38 -9.54 6.20 8.23
N ILE A 39 -8.88 5.04 8.13
CA ILE A 39 -7.83 4.76 7.14
C ILE A 39 -8.47 4.10 5.90
N VAL A 40 -8.53 4.84 4.80
CA VAL A 40 -9.06 4.35 3.51
C VAL A 40 -7.87 4.14 2.57
N VAL A 41 -7.48 2.88 2.35
CA VAL A 41 -6.34 2.52 1.50
C VAL A 41 -6.87 2.26 0.08
N GLU A 42 -6.52 3.17 -0.85
CA GLU A 42 -7.01 3.12 -2.24
C GLU A 42 -5.82 3.00 -3.21
N VAL A 43 -5.65 1.81 -3.79
CA VAL A 43 -4.57 1.50 -4.75
C VAL A 43 -5.06 1.87 -6.18
N HIS A 44 -4.20 2.48 -7.00
CA HIS A 44 -4.51 2.85 -8.40
C HIS A 44 -3.46 2.24 -9.33
N ILE A 45 -3.85 1.20 -10.10
CA ILE A 45 -2.95 0.46 -11.03
C ILE A 45 -3.71 0.14 -12.34
N ASN A 46 -3.29 0.81 -13.44
CA ASN A 46 -3.85 0.67 -14.81
C ASN A 46 -5.39 0.85 -14.86
N GLY A 47 -5.90 1.76 -13.97
CA GLY A 47 -7.32 2.09 -13.93
C GLY A 47 -8.08 1.34 -12.84
N GLU A 48 -7.52 0.19 -12.37
CA GLU A 48 -8.15 -0.62 -11.32
C GLU A 48 -7.87 0.00 -9.95
N ARG A 49 -8.95 0.41 -9.25
CA ARG A 49 -8.86 0.92 -7.89
C ARG A 49 -9.25 -0.18 -6.89
N ASP A 50 -8.44 -0.31 -5.82
CA ASP A 50 -8.68 -1.24 -4.70
C ASP A 50 -8.90 -0.39 -3.44
N GLU A 51 -10.13 -0.36 -2.93
CA GLU A 51 -10.54 0.57 -1.87
C GLU A 51 -10.96 -0.21 -0.61
N ILE A 52 -10.15 -0.08 0.46
CA ILE A 52 -10.38 -0.76 1.74
C ILE A 52 -10.58 0.31 2.84
N ARG A 53 -11.83 0.46 3.31
CA ARG A 53 -12.19 1.43 4.34
C ARG A 53 -12.19 0.73 5.71
N VAL A 54 -11.17 1.04 6.51
CA VAL A 54 -10.96 0.51 7.87
C VAL A 54 -10.78 1.68 8.84
N ARG A 55 -11.13 1.48 10.12
CA ARG A 55 -10.88 2.48 11.18
C ARG A 55 -9.94 1.87 12.24
N ASN A 56 -10.50 1.07 13.15
CA ASN A 56 -9.81 0.57 14.34
C ASN A 56 -9.43 -0.91 14.13
N ILE A 57 -8.67 -1.13 13.03
CA ILE A 57 -8.07 -2.44 12.69
C ILE A 57 -6.94 -2.81 13.69
N SER A 58 -6.29 -3.97 13.46
CA SER A 58 -5.22 -4.47 14.33
C SER A 58 -3.83 -4.23 13.69
N LYS A 59 -2.74 -4.43 14.47
CA LYS A 59 -1.36 -3.99 14.11
C LYS A 59 -0.67 -4.90 13.04
N GLU A 60 -0.97 -6.20 13.03
CA GLU A 60 -0.51 -7.13 11.95
C GLU A 60 -1.54 -7.15 10.82
N GLU A 61 -2.81 -6.90 11.17
CA GLU A 61 -3.94 -6.89 10.24
C GLU A 61 -3.87 -5.70 9.25
N LEU A 62 -3.29 -4.57 9.69
CA LEU A 62 -3.07 -3.40 8.81
C LEU A 62 -1.96 -3.68 7.78
N LYS A 63 -1.11 -4.67 8.08
CA LYS A 63 -0.08 -5.15 7.15
C LYS A 63 -0.71 -5.95 6.00
N LYS A 64 -1.97 -6.39 6.21
CA LYS A 64 -2.78 -6.94 5.13
C LYS A 64 -3.13 -5.84 4.10
N LEU A 65 -3.29 -4.58 4.58
CA LEU A 65 -3.64 -3.42 3.71
C LEU A 65 -2.53 -3.19 2.65
N LEU A 66 -1.25 -3.38 3.06
CA LEU A 66 -0.10 -3.16 2.18
C LEU A 66 0.19 -4.41 1.31
N GLU A 67 -0.13 -5.62 1.82
CA GLU A 67 0.04 -6.85 1.00
C GLU A 67 -1.08 -6.94 -0.05
N ARG A 68 -2.19 -6.19 0.18
CA ARG A 68 -3.26 -5.97 -0.81
C ARG A 68 -2.78 -5.04 -1.95
N ILE A 69 -1.68 -4.30 -1.72
CA ILE A 69 -1.02 -3.49 -2.77
C ILE A 69 -0.08 -4.38 -3.60
N ARG A 70 0.76 -5.20 -2.89
CA ARG A 70 1.82 -6.00 -3.56
C ARG A 70 1.22 -7.05 -4.50
N GLU A 71 0.08 -7.64 -4.09
CA GLU A 71 -0.64 -8.63 -4.90
C GLU A 71 -1.06 -8.01 -6.24
N LYS A 72 -1.35 -6.68 -6.24
CA LYS A 72 -1.80 -5.95 -7.42
C LYS A 72 -0.62 -5.71 -8.38
N ILE A 73 0.53 -5.23 -7.84
CA ILE A 73 1.72 -4.92 -8.70
C ILE A 73 2.35 -6.22 -9.30
N GLU A 74 2.17 -7.37 -8.59
CA GLU A 74 2.72 -8.68 -9.00
C GLU A 74 1.81 -9.37 -10.04
N ARG A 75 0.46 -9.34 -9.83
CA ARG A 75 -0.50 -9.90 -10.82
C ARG A 75 -0.44 -9.10 -12.14
N GLU A 76 -0.20 -7.79 -11.99
CA GLU A 76 -0.14 -6.88 -13.13
C GLU A 76 1.22 -6.99 -13.84
N GLY A 77 2.30 -6.77 -13.06
CA GLY A 77 3.66 -6.68 -13.59
C GLY A 77 4.10 -5.24 -13.88
N SER A 78 3.16 -4.29 -13.71
CA SER A 78 3.39 -2.86 -13.96
C SER A 78 3.96 -2.17 -12.71
N SER A 79 4.75 -1.10 -12.96
CA SER A 79 5.34 -0.24 -11.92
C SER A 79 4.37 0.92 -11.59
N GLU A 80 3.32 1.10 -12.42
CA GLU A 80 2.31 2.15 -12.21
C GLU A 80 1.44 1.78 -11.00
N VAL A 81 1.81 2.30 -9.83
CA VAL A 81 1.07 2.13 -8.57
C VAL A 81 0.98 3.49 -7.85
N GLU A 82 -0.24 3.82 -7.38
CA GLU A 82 -0.51 5.02 -6.61
C GLU A 82 -1.42 4.64 -5.43
N VAL A 83 -0.85 4.64 -4.21
CA VAL A 83 -1.59 4.30 -3.00
C VAL A 83 -1.98 5.60 -2.29
N ASN A 84 -3.29 5.89 -2.28
CA ASN A 84 -3.84 7.06 -1.60
C ASN A 84 -4.45 6.59 -0.28
N VAL A 85 -3.77 6.93 0.82
CA VAL A 85 -4.23 6.64 2.18
C VAL A 85 -4.97 7.87 2.70
N HIS A 86 -6.31 7.78 2.78
CA HIS A 86 -7.16 8.89 3.21
C HIS A 86 -7.47 8.67 4.70
N SER A 87 -6.94 9.52 5.60
CA SER A 87 -7.11 9.36 7.06
C SER A 87 -7.35 10.70 7.76
N GLY A 88 -8.62 10.92 8.17
CA GLY A 88 -9.03 12.08 8.96
C GLY A 88 -8.89 13.41 8.22
N GLY A 89 -9.10 13.38 6.89
CA GLY A 89 -9.02 14.57 6.03
C GLY A 89 -7.71 14.66 5.25
N GLN A 90 -6.71 13.84 5.62
CA GLN A 90 -5.40 13.80 4.92
C GLN A 90 -5.41 12.73 3.83
N THR A 91 -4.53 12.88 2.82
CA THR A 91 -4.29 11.85 1.80
C THR A 91 -2.79 11.81 1.44
N TRP A 92 -2.13 10.67 1.75
CA TRP A 92 -0.73 10.40 1.36
C TRP A 92 -0.72 9.65 0.02
N THR A 93 0.04 10.16 -0.97
CA THR A 93 0.19 9.52 -2.30
C THR A 93 1.57 8.80 -2.39
N PHE A 94 1.56 7.46 -2.35
CA PHE A 94 2.77 6.63 -2.48
C PHE A 94 2.89 6.08 -3.92
N ASN A 95 3.86 6.61 -4.66
CA ASN A 95 4.21 6.13 -6.01
C ASN A 95 5.44 5.23 -5.92
N GLU A 96 5.61 4.36 -6.94
CA GLU A 96 6.80 3.47 -7.03
C GLU A 96 8.07 4.35 -7.20
N LYS A 97 9.11 4.04 -6.41
CA LYS A 97 10.35 4.84 -6.35
C LYS A 97 11.48 4.15 -7.15
N MET A 1 9.19 4.61 -23.38
CA MET A 1 10.06 3.44 -23.68
C MET A 1 9.56 2.75 -24.95
N GLY A 2 8.32 2.26 -24.85
CA GLY A 2 7.66 1.51 -25.91
C GLY A 2 6.40 0.84 -25.37
N HIS A 3 5.98 -0.27 -25.99
CA HIS A 3 4.81 -1.04 -25.54
C HIS A 3 5.12 -2.54 -25.58
N HIS A 4 4.74 -3.23 -24.51
CA HIS A 4 4.78 -4.70 -24.40
C HIS A 4 3.46 -5.28 -24.94
N HIS A 5 3.39 -6.62 -25.05
CA HIS A 5 2.18 -7.33 -25.53
C HIS A 5 0.97 -7.06 -24.60
N HIS A 6 -0.23 -6.92 -25.22
CA HIS A 6 -1.46 -6.45 -24.56
C HIS A 6 -2.01 -7.48 -23.55
N HIS A 7 -1.39 -7.48 -22.35
CA HIS A 7 -1.77 -8.33 -21.20
C HIS A 7 -0.86 -7.93 -20.02
N HIS A 8 -1.36 -8.06 -18.80
CA HIS A 8 -0.54 -7.86 -17.59
C HIS A 8 0.21 -9.14 -17.21
N GLU A 9 1.29 -9.00 -16.43
CA GLU A 9 2.03 -10.13 -15.84
C GLU A 9 1.24 -10.68 -14.66
N ASN A 10 0.40 -11.70 -14.91
CA ASN A 10 -0.53 -12.26 -13.91
C ASN A 10 0.26 -13.14 -12.88
N LEU A 11 0.94 -12.45 -11.94
CA LEU A 11 1.77 -13.06 -10.88
C LEU A 11 2.81 -14.03 -11.50
N TYR A 12 3.69 -13.47 -12.35
CA TYR A 12 4.80 -14.21 -12.97
C TYR A 12 6.12 -13.52 -12.61
N PHE A 13 6.40 -12.39 -13.28
CA PHE A 13 7.61 -11.61 -13.02
C PHE A 13 7.38 -10.76 -11.75
N GLN A 14 7.62 -11.38 -10.59
CA GLN A 14 7.54 -10.72 -9.30
C GLN A 14 8.89 -10.04 -9.04
N SER A 15 8.99 -8.78 -9.49
CA SER A 15 10.18 -7.93 -9.33
C SER A 15 10.53 -7.69 -7.85
N HIS A 16 9.53 -7.94 -6.96
CA HIS A 16 9.59 -7.68 -5.52
C HIS A 16 9.69 -6.17 -5.26
N MET A 17 8.95 -5.36 -6.07
CA MET A 17 8.87 -3.87 -5.95
C MET A 17 8.34 -3.41 -4.56
N THR A 18 7.83 -4.38 -3.80
CA THR A 18 7.40 -4.24 -2.41
C THR A 18 8.59 -4.15 -1.40
N ASP A 19 9.83 -4.32 -1.91
CA ASP A 19 11.06 -4.37 -1.08
C ASP A 19 11.27 -3.05 -0.32
N GLU A 20 10.97 -3.08 1.01
CA GLU A 20 11.07 -1.92 1.93
C GLU A 20 9.96 -0.87 1.70
N LEU A 21 9.20 -1.00 0.58
CA LEU A 21 8.03 -0.17 0.27
C LEU A 21 6.95 -0.42 1.31
N LEU A 22 6.59 -1.71 1.49
CA LEU A 22 5.54 -2.14 2.41
C LEU A 22 5.88 -1.74 3.87
N GLU A 23 7.17 -1.91 4.25
CA GLU A 23 7.65 -1.58 5.60
C GLU A 23 7.39 -0.09 5.92
N ARG A 24 7.69 0.79 4.92
CA ARG A 24 7.47 2.25 5.04
C ARG A 24 5.97 2.61 5.10
N LEU A 25 5.13 1.75 4.47
CA LEU A 25 3.67 1.95 4.47
C LEU A 25 3.11 1.49 5.83
N ARG A 26 3.76 0.44 6.38
CA ARG A 26 3.39 -0.16 7.67
C ARG A 26 3.62 0.86 8.79
N GLN A 27 4.79 1.55 8.74
CA GLN A 27 5.16 2.60 9.70
C GLN A 27 4.07 3.67 9.80
N LEU A 28 3.52 4.03 8.63
CA LEU A 28 2.42 5.00 8.51
C LEU A 28 1.15 4.48 9.23
N PHE A 29 0.74 3.24 8.90
CA PHE A 29 -0.49 2.63 9.46
C PHE A 29 -0.39 2.40 10.99
N GLU A 30 0.84 2.07 11.45
CA GLU A 30 1.15 1.84 12.88
C GLU A 30 1.11 3.17 13.66
N GLU A 31 1.54 4.25 12.99
CA GLU A 31 1.45 5.61 13.55
C GLU A 31 -0.03 6.00 13.69
N LEU A 32 -0.81 5.77 12.61
CA LEU A 32 -2.25 6.10 12.52
C LEU A 32 -3.09 5.28 13.53
N HIS A 33 -2.55 4.10 13.91
CA HIS A 33 -3.16 3.19 14.92
C HIS A 33 -3.42 3.90 16.28
N GLU A 34 -2.62 4.95 16.58
CA GLU A 34 -2.72 5.70 17.86
C GLU A 34 -4.13 6.32 18.05
N ARG A 35 -4.79 6.68 16.91
CA ARG A 35 -6.16 7.20 16.91
C ARG A 35 -7.13 6.14 16.36
N GLY A 36 -6.62 5.31 15.42
CA GLY A 36 -7.42 4.27 14.75
C GLY A 36 -8.59 4.84 13.96
N THR A 37 -8.34 5.95 13.24
CA THR A 37 -9.37 6.65 12.46
C THR A 37 -9.63 5.92 11.11
N GLU A 38 -10.60 6.44 10.35
CA GLU A 38 -10.99 5.92 9.02
C GLU A 38 -9.84 6.01 8.00
N ILE A 39 -9.06 4.91 7.89
CA ILE A 39 -7.95 4.78 6.94
C ILE A 39 -8.47 4.08 5.67
N VAL A 40 -8.57 4.83 4.56
CA VAL A 40 -9.09 4.31 3.28
C VAL A 40 -7.92 4.27 2.26
N VAL A 41 -7.38 3.08 2.01
CA VAL A 41 -6.22 2.89 1.13
C VAL A 41 -6.73 2.55 -0.28
N GLU A 42 -6.37 3.41 -1.26
CA GLU A 42 -6.75 3.25 -2.67
C GLU A 42 -5.52 2.95 -3.52
N VAL A 43 -5.41 1.70 -3.98
CA VAL A 43 -4.34 1.29 -4.88
C VAL A 43 -4.86 1.41 -6.33
N HIS A 44 -4.51 2.53 -6.97
CA HIS A 44 -4.85 2.82 -8.37
C HIS A 44 -3.75 2.27 -9.29
N ILE A 45 -4.05 1.17 -10.00
CA ILE A 45 -3.11 0.54 -10.97
C ILE A 45 -3.87 0.20 -12.26
N ASN A 46 -3.35 0.70 -13.40
CA ASN A 46 -3.82 0.38 -14.77
C ASN A 46 -5.33 0.70 -14.96
N GLY A 47 -5.77 1.80 -14.32
CA GLY A 47 -7.18 2.26 -14.39
C GLY A 47 -8.05 1.70 -13.28
N GLU A 48 -7.62 0.58 -12.69
CA GLU A 48 -8.36 -0.14 -11.64
C GLU A 48 -8.09 0.50 -10.27
N ARG A 49 -9.14 0.58 -9.44
CA ARG A 49 -9.08 1.15 -8.08
C ARG A 49 -9.38 0.06 -7.04
N ASP A 50 -8.45 -0.12 -6.09
CA ASP A 50 -8.64 -0.99 -4.93
C ASP A 50 -8.98 -0.11 -3.72
N GLU A 51 -10.22 -0.20 -3.24
CA GLU A 51 -10.69 0.58 -2.07
C GLU A 51 -10.77 -0.35 -0.86
N ILE A 52 -9.87 -0.14 0.11
CA ILE A 52 -9.86 -0.87 1.38
C ILE A 52 -10.15 0.17 2.48
N ARG A 53 -11.10 -0.12 3.38
CA ARG A 53 -11.45 0.79 4.48
C ARG A 53 -11.28 0.06 5.82
N VAL A 54 -10.32 0.54 6.61
CA VAL A 54 -9.97 -0.02 7.93
C VAL A 54 -10.00 1.12 8.98
N ARG A 55 -10.27 0.79 10.26
CA ARG A 55 -10.35 1.80 11.34
C ARG A 55 -9.37 1.45 12.49
N ASN A 56 -9.84 0.66 13.48
CA ASN A 56 -9.11 0.40 14.74
C ASN A 56 -8.26 -0.89 14.60
N ILE A 57 -7.68 -1.06 13.40
CA ILE A 57 -6.92 -2.26 13.01
C ILE A 57 -5.65 -2.48 13.86
N SER A 58 -5.36 -3.75 14.16
CA SER A 58 -4.12 -4.16 14.86
C SER A 58 -2.94 -4.18 13.86
N LYS A 59 -1.73 -4.43 14.38
CA LYS A 59 -0.49 -4.51 13.56
C LYS A 59 -0.62 -5.59 12.46
N GLU A 60 -1.25 -6.72 12.84
CA GLU A 60 -1.49 -7.87 11.95
C GLU A 60 -2.52 -7.54 10.86
N GLU A 61 -3.50 -6.68 11.21
CA GLU A 61 -4.63 -6.35 10.32
C GLU A 61 -4.25 -5.25 9.32
N LEU A 62 -3.36 -4.32 9.73
CA LEU A 62 -2.83 -3.29 8.81
C LEU A 62 -1.77 -3.91 7.87
N LYS A 63 -1.18 -5.06 8.28
CA LYS A 63 -0.36 -5.90 7.39
C LYS A 63 -1.22 -6.48 6.24
N LYS A 64 -2.56 -6.57 6.43
CA LYS A 64 -3.48 -7.01 5.36
C LYS A 64 -3.51 -5.98 4.23
N LEU A 65 -3.21 -4.70 4.55
CA LEU A 65 -3.09 -3.63 3.56
C LEU A 65 -1.85 -3.86 2.69
N LEU A 66 -0.77 -4.30 3.35
CA LEU A 66 0.51 -4.62 2.70
C LEU A 66 0.35 -5.82 1.74
N GLU A 67 -0.54 -6.77 2.14
CA GLU A 67 -0.93 -7.90 1.29
C GLU A 67 -1.59 -7.39 0.00
N ARG A 68 -2.66 -6.58 0.17
CA ARG A 68 -3.50 -6.13 -0.96
C ARG A 68 -2.68 -5.38 -2.02
N ILE A 69 -1.78 -4.48 -1.56
CA ILE A 69 -0.92 -3.67 -2.43
C ILE A 69 0.03 -4.58 -3.25
N ARG A 70 0.70 -5.56 -2.55
CA ARG A 70 1.66 -6.46 -3.21
C ARG A 70 0.95 -7.27 -4.30
N GLU A 71 -0.30 -7.72 -3.99
CA GLU A 71 -1.13 -8.53 -4.88
C GLU A 71 -1.44 -7.79 -6.18
N LYS A 72 -1.55 -6.44 -6.11
CA LYS A 72 -1.90 -5.62 -7.28
C LYS A 72 -0.68 -5.45 -8.19
N ILE A 73 0.46 -5.03 -7.59
CA ILE A 73 1.70 -4.75 -8.36
C ILE A 73 2.27 -6.02 -9.02
N GLU A 74 2.02 -7.21 -8.42
CA GLU A 74 2.51 -8.51 -8.94
C GLU A 74 1.53 -9.11 -9.98
N ARG A 75 0.20 -8.94 -9.77
CA ARG A 75 -0.82 -9.49 -10.72
C ARG A 75 -0.83 -8.68 -12.02
N GLU A 76 -0.37 -7.42 -11.94
CA GLU A 76 -0.21 -6.56 -13.11
C GLU A 76 1.22 -6.61 -13.65
N GLY A 77 2.19 -6.75 -12.72
CA GLY A 77 3.62 -6.69 -13.05
C GLY A 77 4.05 -5.36 -13.66
N SER A 78 3.23 -4.33 -13.43
CA SER A 78 3.35 -3.01 -14.06
C SER A 78 3.88 -1.99 -13.05
N SER A 79 4.74 -1.08 -13.54
CA SER A 79 5.28 0.04 -12.75
C SER A 79 4.22 1.15 -12.54
N GLU A 80 3.08 1.03 -13.26
CA GLU A 80 1.94 1.97 -13.17
C GLU A 80 1.23 1.76 -11.81
N VAL A 81 1.63 2.54 -10.78
CA VAL A 81 1.04 2.42 -9.42
C VAL A 81 0.89 3.80 -8.75
N GLU A 82 -0.27 4.02 -8.10
CA GLU A 82 -0.55 5.22 -7.30
C GLU A 82 -1.36 4.79 -6.06
N VAL A 83 -0.72 4.78 -4.89
CA VAL A 83 -1.39 4.39 -3.63
C VAL A 83 -1.76 5.67 -2.85
N ASN A 84 -3.06 5.97 -2.77
CA ASN A 84 -3.59 7.11 -2.02
C ASN A 84 -4.12 6.59 -0.69
N VAL A 85 -3.38 6.83 0.40
CA VAL A 85 -3.79 6.44 1.74
C VAL A 85 -4.52 7.62 2.39
N HIS A 86 -5.80 7.43 2.62
CA HIS A 86 -6.65 8.40 3.33
C HIS A 86 -6.69 7.99 4.81
N SER A 87 -6.81 8.97 5.72
CA SER A 87 -6.91 8.72 7.16
C SER A 87 -7.49 9.96 7.86
N GLY A 88 -8.79 9.89 8.19
CA GLY A 88 -9.50 10.96 8.91
C GLY A 88 -9.40 12.35 8.27
N GLY A 89 -9.45 12.40 6.93
CA GLY A 89 -9.34 13.68 6.18
C GLY A 89 -7.99 13.84 5.48
N GLN A 90 -6.92 13.25 6.06
CA GLN A 90 -5.55 13.31 5.51
C GLN A 90 -5.38 12.31 4.36
N THR A 91 -4.55 12.65 3.35
CA THR A 91 -4.30 11.77 2.18
C THR A 91 -2.83 11.88 1.74
N TRP A 92 -2.07 10.77 1.84
CA TRP A 92 -0.70 10.67 1.31
C TRP A 92 -0.75 9.98 -0.05
N THR A 93 -0.38 10.71 -1.11
CA THR A 93 -0.33 10.18 -2.47
C THR A 93 1.09 9.66 -2.78
N PHE A 94 1.22 8.33 -2.76
CA PHE A 94 2.45 7.62 -3.12
C PHE A 94 2.41 7.33 -4.63
N ASN A 95 3.41 7.84 -5.35
CA ASN A 95 3.49 7.76 -6.81
C ASN A 95 4.41 6.61 -7.23
N GLU A 96 4.26 6.16 -8.49
CA GLU A 96 5.14 5.14 -9.09
C GLU A 96 6.62 5.56 -9.01
N LYS A 97 7.51 4.57 -8.86
CA LYS A 97 8.96 4.79 -8.72
C LYS A 97 9.66 4.44 -10.06
N MET A 1 23.36 26.64 -35.77
CA MET A 1 24.42 25.92 -35.02
C MET A 1 24.20 26.11 -33.51
N GLY A 2 23.88 25.00 -32.82
CA GLY A 2 23.62 25.01 -31.38
C GLY A 2 22.86 23.77 -30.96
N HIS A 3 23.58 22.65 -30.80
CA HIS A 3 22.99 21.35 -30.44
C HIS A 3 22.68 21.29 -28.94
N HIS A 4 21.85 20.31 -28.56
CA HIS A 4 21.43 20.09 -27.16
C HIS A 4 21.92 18.70 -26.71
N HIS A 5 22.74 18.67 -25.64
CA HIS A 5 23.22 17.42 -25.04
C HIS A 5 22.15 16.88 -24.07
N HIS A 6 21.86 15.59 -24.17
CA HIS A 6 20.87 14.91 -23.33
C HIS A 6 21.28 13.42 -23.19
N HIS A 7 21.96 13.11 -22.08
CA HIS A 7 22.43 11.75 -21.80
C HIS A 7 21.29 10.90 -21.23
N HIS A 8 21.12 9.69 -21.77
CA HIS A 8 20.13 8.72 -21.27
C HIS A 8 20.79 7.84 -20.21
N GLU A 9 20.17 7.76 -19.02
CA GLU A 9 20.70 6.96 -17.91
C GLU A 9 20.46 5.48 -18.14
N ASN A 10 21.33 4.64 -17.57
CA ASN A 10 21.22 3.18 -17.67
C ASN A 10 20.00 2.69 -16.86
N LEU A 11 19.43 1.57 -17.28
CA LEU A 11 18.26 0.96 -16.64
C LEU A 11 18.46 -0.55 -16.55
N TYR A 12 18.36 -1.09 -15.34
CA TYR A 12 18.53 -2.54 -15.06
C TYR A 12 17.33 -3.08 -14.27
N PHE A 13 17.45 -4.34 -13.83
CA PHE A 13 16.39 -5.06 -13.10
C PHE A 13 15.97 -4.32 -11.82
N GLN A 14 14.67 -4.34 -11.54
CA GLN A 14 14.11 -3.77 -10.30
C GLN A 14 13.40 -4.89 -9.53
N SER A 15 13.52 -4.86 -8.20
CA SER A 15 12.85 -5.81 -7.31
C SER A 15 11.34 -5.50 -7.20
N HIS A 16 10.57 -6.45 -6.64
CA HIS A 16 9.12 -6.30 -6.42
C HIS A 16 8.80 -5.24 -5.33
N MET A 17 9.84 -4.89 -4.51
CA MET A 17 9.78 -3.82 -3.48
C MET A 17 8.76 -4.12 -2.36
N THR A 18 8.29 -5.38 -2.25
CA THR A 18 7.24 -5.76 -1.27
C THR A 18 7.72 -5.59 0.18
N ASP A 19 9.04 -5.48 0.40
CA ASP A 19 9.62 -5.21 1.71
C ASP A 19 9.67 -3.68 1.97
N GLU A 20 10.31 -2.93 1.05
CA GLU A 20 10.61 -1.48 1.22
C GLU A 20 9.37 -0.61 0.99
N LEU A 21 8.74 -0.77 -0.20
CA LEU A 21 7.54 0.00 -0.59
C LEU A 21 6.44 -0.15 0.47
N LEU A 22 6.13 -1.42 0.80
CA LEU A 22 5.07 -1.73 1.77
C LEU A 22 5.46 -1.32 3.21
N GLU A 23 6.78 -1.26 3.50
CA GLU A 23 7.27 -0.77 4.81
C GLU A 23 6.85 0.68 5.04
N ARG A 24 6.85 1.48 3.95
CA ARG A 24 6.42 2.89 3.98
C ARG A 24 4.93 2.97 4.37
N LEU A 25 4.16 1.92 3.98
CA LEU A 25 2.74 1.83 4.30
C LEU A 25 2.55 1.39 5.75
N ARG A 26 3.35 0.40 6.19
CA ARG A 26 3.27 -0.16 7.56
C ARG A 26 3.48 0.94 8.61
N GLN A 27 4.58 1.70 8.44
CA GLN A 27 4.96 2.78 9.37
C GLN A 27 3.86 3.85 9.42
N LEU A 28 3.27 4.16 8.26
CA LEU A 28 2.21 5.17 8.13
C LEU A 28 0.92 4.71 8.86
N PHE A 29 0.57 3.41 8.68
CA PHE A 29 -0.60 2.81 9.32
C PHE A 29 -0.40 2.69 10.84
N GLU A 30 0.89 2.65 11.27
CA GLU A 30 1.26 2.64 12.71
C GLU A 30 1.15 4.05 13.31
N GLU A 31 1.41 5.08 12.49
CA GLU A 31 1.14 6.50 12.86
C GLU A 31 -0.36 6.69 13.09
N LEU A 32 -1.17 5.97 12.31
CA LEU A 32 -2.63 5.99 12.41
C LEU A 32 -3.16 4.96 13.45
N HIS A 33 -2.36 3.91 13.72
CA HIS A 33 -2.72 2.80 14.63
C HIS A 33 -2.89 3.28 16.08
N GLU A 34 -2.11 4.29 16.46
CA GLU A 34 -2.13 4.87 17.83
C GLU A 34 -3.51 5.49 18.15
N ARG A 35 -4.22 5.97 17.10
CA ARG A 35 -5.50 6.69 17.25
C ARG A 35 -6.66 5.87 16.68
N GLY A 36 -6.31 4.77 15.97
CA GLY A 36 -7.30 3.81 15.43
C GLY A 36 -8.23 4.39 14.38
N THR A 37 -7.76 5.42 13.65
CA THR A 37 -8.61 6.17 12.71
C THR A 37 -8.98 5.33 11.48
N GLU A 38 -10.02 5.78 10.77
CA GLU A 38 -10.58 5.10 9.59
C GLU A 38 -9.67 5.25 8.36
N ILE A 39 -8.86 4.22 8.10
CA ILE A 39 -7.87 4.22 7.03
C ILE A 39 -8.50 3.63 5.77
N VAL A 40 -8.62 4.46 4.72
CA VAL A 40 -9.17 4.07 3.42
C VAL A 40 -8.00 4.02 2.42
N VAL A 41 -7.53 2.82 2.10
CA VAL A 41 -6.39 2.61 1.19
C VAL A 41 -6.93 2.40 -0.22
N GLU A 42 -6.45 3.21 -1.16
CA GLU A 42 -6.95 3.24 -2.54
C GLU A 42 -5.76 3.01 -3.49
N VAL A 43 -5.72 1.82 -4.09
CA VAL A 43 -4.65 1.39 -4.99
C VAL A 43 -5.00 1.80 -6.44
N HIS A 44 -4.10 2.56 -7.09
CA HIS A 44 -4.26 3.03 -8.49
C HIS A 44 -3.18 2.39 -9.36
N ILE A 45 -3.53 1.32 -10.09
CA ILE A 45 -2.59 0.67 -11.03
C ILE A 45 -3.25 0.54 -12.41
N ASN A 46 -2.58 1.11 -13.44
CA ASN A 46 -3.06 1.17 -14.85
C ASN A 46 -4.36 2.00 -14.99
N GLY A 47 -4.67 2.83 -13.99
CA GLY A 47 -5.89 3.65 -13.99
C GLY A 47 -7.04 2.98 -13.23
N GLU A 48 -6.83 1.73 -12.79
CA GLU A 48 -7.82 0.98 -11.99
C GLU A 48 -7.65 1.32 -10.50
N ARG A 49 -8.74 1.78 -9.88
CA ARG A 49 -8.78 2.14 -8.45
C ARG A 49 -9.21 0.92 -7.61
N ASP A 50 -8.78 0.87 -6.33
CA ASP A 50 -9.22 -0.18 -5.37
C ASP A 50 -9.36 0.41 -3.97
N GLU A 51 -10.60 0.49 -3.46
CA GLU A 51 -10.90 1.15 -2.16
C GLU A 51 -11.04 0.09 -1.04
N ILE A 52 -10.23 0.23 0.03
CA ILE A 52 -10.19 -0.73 1.16
C ILE A 52 -10.37 0.06 2.46
N ARG A 53 -11.54 -0.09 3.12
CA ARG A 53 -11.84 0.64 4.38
C ARG A 53 -11.60 -0.27 5.60
N VAL A 54 -10.74 0.20 6.52
CA VAL A 54 -10.41 -0.47 7.79
C VAL A 54 -10.41 0.56 8.94
N ARG A 55 -11.01 0.21 10.09
CA ARG A 55 -11.14 1.12 11.25
C ARG A 55 -10.68 0.38 12.54
N ASN A 56 -9.78 1.02 13.31
CA ASN A 56 -9.27 0.50 14.62
C ASN A 56 -8.47 -0.81 14.47
N ILE A 57 -7.98 -1.11 13.24
CA ILE A 57 -7.26 -2.38 12.93
C ILE A 57 -5.95 -2.54 13.74
N SER A 58 -5.59 -3.80 14.03
CA SER A 58 -4.39 -4.14 14.81
C SER A 58 -3.10 -3.94 13.98
N LYS A 59 -1.93 -4.04 14.64
CA LYS A 59 -0.62 -3.76 14.01
C LYS A 59 -0.21 -4.89 13.03
N GLU A 60 -0.80 -6.08 13.22
CA GLU A 60 -0.68 -7.21 12.28
C GLU A 60 -1.76 -7.14 11.18
N GLU A 61 -2.90 -6.52 11.51
CA GLU A 61 -4.04 -6.39 10.57
C GLU A 61 -3.79 -5.28 9.54
N LEU A 62 -2.93 -4.29 9.87
CA LEU A 62 -2.55 -3.26 8.90
C LEU A 62 -1.66 -3.86 7.79
N LYS A 63 -0.99 -5.00 8.11
CA LYS A 63 -0.20 -5.79 7.13
C LYS A 63 -1.11 -6.38 6.03
N LYS A 64 -2.40 -6.50 6.32
CA LYS A 64 -3.40 -7.01 5.38
C LYS A 64 -3.73 -5.93 4.33
N LEU A 65 -3.44 -4.65 4.65
CA LEU A 65 -3.50 -3.54 3.69
C LEU A 65 -2.25 -3.58 2.80
N LEU A 66 -1.08 -3.86 3.43
CA LEU A 66 0.19 -4.14 2.71
C LEU A 66 -0.01 -5.29 1.70
N GLU A 67 -0.75 -6.31 2.18
CA GLU A 67 -1.10 -7.49 1.40
C GLU A 67 -2.00 -7.08 0.22
N ARG A 68 -3.07 -6.33 0.52
CA ARG A 68 -4.04 -5.86 -0.49
C ARG A 68 -3.38 -5.05 -1.64
N ILE A 69 -2.23 -4.43 -1.35
CA ILE A 69 -1.43 -3.70 -2.35
C ILE A 69 -0.50 -4.68 -3.10
N ARG A 70 0.18 -5.58 -2.34
CA ARG A 70 1.19 -6.50 -2.89
C ARG A 70 0.57 -7.42 -3.94
N GLU A 71 -0.67 -7.88 -3.67
CA GLU A 71 -1.43 -8.77 -4.56
C GLU A 71 -1.55 -8.14 -5.94
N LYS A 72 -1.72 -6.79 -5.95
CA LYS A 72 -1.94 -6.02 -7.17
C LYS A 72 -0.63 -5.88 -7.93
N ILE A 73 0.45 -5.43 -7.25
CA ILE A 73 1.76 -5.22 -7.91
C ILE A 73 2.37 -6.56 -8.40
N GLU A 74 1.93 -7.68 -7.80
CA GLU A 74 2.32 -9.04 -8.22
C GLU A 74 1.55 -9.47 -9.51
N ARG A 75 0.22 -9.24 -9.52
CA ARG A 75 -0.66 -9.59 -10.66
C ARG A 75 -0.34 -8.75 -11.90
N GLU A 76 -0.20 -7.44 -11.68
CA GLU A 76 0.05 -6.45 -12.73
C GLU A 76 1.53 -6.50 -13.14
N GLY A 77 2.41 -6.32 -12.14
CA GLY A 77 3.85 -6.23 -12.36
C GLY A 77 4.27 -5.01 -13.18
N SER A 78 3.48 -3.94 -13.06
CA SER A 78 3.61 -2.71 -13.85
C SER A 78 4.30 -1.61 -13.02
N SER A 79 4.80 -0.57 -13.70
CA SER A 79 5.44 0.59 -13.06
C SER A 79 4.40 1.71 -12.78
N GLU A 80 3.20 1.58 -13.40
CA GLU A 80 2.08 2.51 -13.17
C GLU A 80 1.37 2.14 -11.86
N VAL A 81 2.02 2.45 -10.72
CA VAL A 81 1.50 2.15 -9.37
C VAL A 81 1.48 3.44 -8.53
N GLU A 82 0.32 3.71 -7.90
CA GLU A 82 0.11 4.88 -7.04
C GLU A 82 -0.79 4.48 -5.84
N VAL A 83 -0.23 4.50 -4.62
CA VAL A 83 -0.97 4.13 -3.40
C VAL A 83 -1.45 5.39 -2.66
N ASN A 84 -2.78 5.55 -2.56
CA ASN A 84 -3.42 6.67 -1.85
C ASN A 84 -3.92 6.17 -0.49
N VAL A 85 -3.25 6.57 0.59
CA VAL A 85 -3.72 6.28 1.95
C VAL A 85 -4.53 7.47 2.45
N HIS A 86 -5.81 7.23 2.69
CA HIS A 86 -6.70 8.20 3.30
C HIS A 86 -6.93 7.80 4.76
N SER A 87 -7.25 8.76 5.64
CA SER A 87 -7.59 8.46 7.05
C SER A 87 -8.40 9.63 7.64
N GLY A 88 -9.72 9.42 7.79
CA GLY A 88 -10.63 10.48 8.25
C GLY A 88 -10.86 11.53 7.17
N GLY A 89 -9.89 12.46 7.03
CA GLY A 89 -9.88 13.45 5.95
C GLY A 89 -8.47 13.71 5.41
N GLN A 90 -7.51 12.90 5.88
CA GLN A 90 -6.07 13.02 5.54
C GLN A 90 -5.78 12.17 4.29
N THR A 91 -4.82 12.60 3.43
CA THR A 91 -4.42 11.83 2.22
C THR A 91 -2.90 11.93 1.97
N TRP A 92 -2.25 10.77 1.85
CA TRP A 92 -0.85 10.62 1.39
C TRP A 92 -0.86 9.81 0.09
N THR A 93 -0.07 10.22 -0.90
CA THR A 93 -0.03 9.57 -2.22
C THR A 93 1.42 9.19 -2.61
N PHE A 94 1.72 7.89 -2.58
CA PHE A 94 3.01 7.34 -3.01
C PHE A 94 2.90 6.95 -4.49
N ASN A 95 3.93 7.24 -5.28
CA ASN A 95 3.97 6.88 -6.72
C ASN A 95 5.41 6.51 -7.12
N GLU A 96 5.54 5.42 -7.89
CA GLU A 96 6.84 5.02 -8.47
C GLU A 96 7.21 5.95 -9.64
N LYS A 97 8.42 6.52 -9.57
CA LYS A 97 8.97 7.37 -10.62
C LYS A 97 9.30 6.53 -11.87
N MET A 1 43.26 20.35 9.90
CA MET A 1 42.35 21.42 9.41
C MET A 1 41.08 20.80 8.86
N GLY A 2 39.99 20.83 9.66
CA GLY A 2 38.68 20.32 9.24
C GLY A 2 38.55 18.80 9.36
N HIS A 3 37.37 18.29 8.96
CA HIS A 3 37.01 16.87 9.07
C HIS A 3 35.80 16.56 8.16
N HIS A 4 36.06 15.85 7.05
CA HIS A 4 35.05 15.42 6.07
C HIS A 4 35.05 13.89 6.00
N HIS A 5 33.86 13.28 6.00
CA HIS A 5 33.70 11.80 5.93
C HIS A 5 33.36 11.36 4.50
N HIS A 6 32.44 12.12 3.85
CA HIS A 6 31.82 11.75 2.57
C HIS A 6 31.06 10.42 2.69
N HIS A 7 29.78 10.51 3.12
CA HIS A 7 28.90 9.36 3.26
C HIS A 7 28.39 8.93 1.86
N HIS A 8 28.34 7.61 1.60
CA HIS A 8 28.05 7.06 0.27
C HIS A 8 27.34 5.70 0.41
N GLU A 9 26.22 5.75 1.16
CA GLU A 9 25.39 4.57 1.43
C GLU A 9 24.66 4.17 0.14
N ASN A 10 25.29 3.27 -0.63
CA ASN A 10 24.73 2.75 -1.87
C ASN A 10 25.27 1.33 -2.05
N LEU A 11 24.54 0.37 -1.51
CA LEU A 11 24.82 -1.07 -1.64
C LEU A 11 23.60 -1.71 -2.29
N TYR A 12 23.73 -2.11 -3.57
CA TYR A 12 22.63 -2.72 -4.34
C TYR A 12 22.35 -4.16 -3.87
N PHE A 13 21.67 -4.28 -2.71
CA PHE A 13 21.15 -5.58 -2.23
C PHE A 13 20.07 -6.06 -3.20
N GLN A 14 20.07 -7.38 -3.49
CA GLN A 14 19.23 -7.96 -4.55
C GLN A 14 17.73 -7.69 -4.28
N SER A 15 17.16 -6.76 -5.07
CA SER A 15 15.80 -6.21 -4.86
C SER A 15 14.73 -7.12 -5.46
N HIS A 16 14.57 -8.32 -4.86
CA HIS A 16 13.49 -9.27 -5.18
C HIS A 16 12.49 -9.33 -4.02
N MET A 17 12.83 -8.65 -2.91
CA MET A 17 11.98 -8.53 -1.71
C MET A 17 10.98 -7.36 -1.89
N THR A 18 9.68 -7.68 -1.79
CA THR A 18 8.58 -6.75 -2.11
C THR A 18 8.28 -5.80 -0.94
N ASP A 19 8.72 -6.18 0.27
CA ASP A 19 8.36 -5.49 1.53
C ASP A 19 9.12 -4.16 1.74
N GLU A 20 9.87 -3.69 0.72
CA GLU A 20 10.60 -2.41 0.76
C GLU A 20 9.63 -1.21 0.86
N LEU A 21 8.86 -0.98 -0.23
CA LEU A 21 7.89 0.13 -0.30
C LEU A 21 6.71 -0.10 0.67
N LEU A 22 6.52 -1.36 1.08
CA LEU A 22 5.42 -1.75 2.00
C LEU A 22 5.75 -1.39 3.46
N GLU A 23 7.04 -1.52 3.84
CA GLU A 23 7.52 -1.29 5.23
C GLU A 23 7.30 0.17 5.65
N ARG A 24 7.55 1.10 4.71
CA ARG A 24 7.34 2.54 4.95
C ARG A 24 5.85 2.87 5.04
N LEU A 25 4.99 2.00 4.45
CA LEU A 25 3.52 2.11 4.58
C LEU A 25 3.10 1.56 5.95
N ARG A 26 3.82 0.51 6.43
CA ARG A 26 3.58 -0.12 7.74
C ARG A 26 3.79 0.90 8.86
N GLN A 27 4.83 1.74 8.71
CA GLN A 27 5.13 2.85 9.64
C GLN A 27 3.96 3.85 9.72
N LEU A 28 3.36 4.15 8.55
CA LEU A 28 2.22 5.07 8.41
C LEU A 28 0.94 4.46 9.04
N PHE A 29 0.79 3.13 8.89
CA PHE A 29 -0.37 2.40 9.44
C PHE A 29 -0.27 2.29 10.98
N GLU A 30 0.98 2.13 11.51
CA GLU A 30 1.26 2.15 12.96
C GLU A 30 0.97 3.54 13.54
N GLU A 31 1.36 4.57 12.76
CA GLU A 31 1.16 5.98 13.10
C GLU A 31 -0.32 6.26 13.40
N LEU A 32 -1.18 5.84 12.47
CA LEU A 32 -2.64 6.06 12.54
C LEU A 32 -3.30 5.05 13.52
N HIS A 33 -2.63 3.88 13.72
CA HIS A 33 -3.12 2.76 14.56
C HIS A 33 -3.45 3.20 16.00
N GLU A 34 -2.61 4.10 16.57
CA GLU A 34 -2.73 4.53 17.98
C GLU A 34 -4.02 5.32 18.27
N ARG A 35 -4.60 5.95 17.22
CA ARG A 35 -5.87 6.71 17.36
C ARG A 35 -7.05 5.89 16.83
N GLY A 36 -6.74 4.92 15.95
CA GLY A 36 -7.74 4.01 15.39
C GLY A 36 -8.69 4.70 14.41
N THR A 37 -8.17 5.72 13.70
CA THR A 37 -8.90 6.39 12.61
C THR A 37 -8.98 5.44 11.41
N GLU A 38 -10.04 5.58 10.61
CA GLU A 38 -10.25 4.73 9.44
C GLU A 38 -9.23 5.07 8.33
N ILE A 39 -8.43 4.05 7.96
CA ILE A 39 -7.43 4.13 6.91
C ILE A 39 -8.01 3.52 5.62
N VAL A 40 -8.25 4.37 4.62
CA VAL A 40 -8.75 3.96 3.30
C VAL A 40 -7.57 3.91 2.32
N VAL A 41 -7.09 2.70 2.02
CA VAL A 41 -5.99 2.49 1.06
C VAL A 41 -6.60 2.19 -0.32
N GLU A 42 -6.44 3.13 -1.25
CA GLU A 42 -7.07 3.08 -2.57
C GLU A 42 -5.96 2.96 -3.63
N VAL A 43 -5.80 1.76 -4.20
CA VAL A 43 -4.75 1.45 -5.16
C VAL A 43 -5.27 1.65 -6.61
N HIS A 44 -4.83 2.74 -7.25
CA HIS A 44 -5.16 3.07 -8.64
C HIS A 44 -4.16 2.35 -9.57
N ILE A 45 -4.67 1.51 -10.46
CA ILE A 45 -3.88 0.70 -11.41
C ILE A 45 -4.58 0.72 -12.79
N ASN A 46 -3.98 1.49 -13.73
CA ASN A 46 -4.37 1.51 -15.17
C ASN A 46 -5.87 1.76 -15.39
N GLY A 47 -6.48 2.54 -14.46
CA GLY A 47 -7.89 2.94 -14.57
C GLY A 47 -8.78 2.34 -13.49
N GLU A 48 -8.32 1.24 -12.84
CA GLU A 48 -9.05 0.56 -11.76
C GLU A 48 -8.60 1.09 -10.39
N ARG A 49 -9.47 1.85 -9.69
CA ARG A 49 -9.20 2.31 -8.32
C ARG A 49 -9.75 1.25 -7.34
N ASP A 50 -8.88 0.72 -6.46
CA ASP A 50 -9.25 -0.37 -5.54
C ASP A 50 -9.32 0.21 -4.12
N GLU A 51 -10.52 0.33 -3.58
CA GLU A 51 -10.77 1.05 -2.32
C GLU A 51 -10.89 0.06 -1.16
N ILE A 52 -9.91 0.07 -0.25
CA ILE A 52 -9.83 -0.83 0.91
C ILE A 52 -9.98 0.01 2.20
N ARG A 53 -11.14 -0.09 2.86
CA ARG A 53 -11.46 0.73 4.05
C ARG A 53 -11.41 -0.14 5.31
N VAL A 54 -10.52 0.21 6.24
CA VAL A 54 -10.46 -0.38 7.59
C VAL A 54 -10.62 0.76 8.60
N ARG A 55 -11.28 0.50 9.74
CA ARG A 55 -11.44 1.52 10.80
C ARG A 55 -10.49 1.21 11.95
N ASN A 56 -10.76 0.07 12.60
CA ASN A 56 -9.99 -0.37 13.75
C ASN A 56 -9.43 -1.75 13.43
N ILE A 57 -8.12 -1.80 13.24
CA ILE A 57 -7.38 -3.00 12.85
C ILE A 57 -6.21 -3.22 13.81
N SER A 58 -5.81 -4.49 13.97
CA SER A 58 -4.66 -4.86 14.82
C SER A 58 -3.32 -4.56 14.10
N LYS A 59 -2.20 -4.94 14.75
CA LYS A 59 -0.85 -4.85 14.15
C LYS A 59 -0.74 -5.83 12.95
N GLU A 60 -1.28 -7.06 13.16
CA GLU A 60 -1.33 -8.13 12.14
C GLU A 60 -2.29 -7.74 10.99
N GLU A 61 -3.29 -6.89 11.32
CA GLU A 61 -4.33 -6.47 10.37
C GLU A 61 -3.94 -5.20 9.61
N LEU A 62 -3.08 -4.32 10.19
CA LEU A 62 -2.59 -3.14 9.44
C LEU A 62 -1.63 -3.62 8.36
N LYS A 63 -0.91 -4.73 8.70
CA LYS A 63 -0.11 -5.51 7.75
C LYS A 63 -0.93 -5.90 6.51
N LYS A 64 -2.22 -6.26 6.72
CA LYS A 64 -3.10 -6.72 5.63
C LYS A 64 -3.24 -5.66 4.55
N LEU A 65 -3.20 -4.36 4.94
CA LEU A 65 -3.38 -3.22 4.01
C LEU A 65 -2.27 -3.22 2.95
N LEU A 66 -1.02 -3.36 3.41
CA LEU A 66 0.17 -3.33 2.55
C LEU A 66 0.42 -4.68 1.86
N GLU A 67 -0.16 -5.77 2.43
CA GLU A 67 -0.12 -7.10 1.79
C GLU A 67 -1.11 -7.14 0.63
N ARG A 68 -2.22 -6.39 0.76
CA ARG A 68 -3.19 -6.21 -0.33
C ARG A 68 -2.62 -5.29 -1.42
N ILE A 69 -1.84 -4.25 -1.02
CA ILE A 69 -1.08 -3.39 -1.97
C ILE A 69 -0.10 -4.27 -2.77
N ARG A 70 0.59 -5.18 -2.03
CA ARG A 70 1.57 -6.13 -2.59
C ARG A 70 0.94 -6.96 -3.72
N GLU A 71 -0.31 -7.43 -3.48
CA GLU A 71 -1.10 -8.21 -4.45
C GLU A 71 -1.22 -7.43 -5.77
N LYS A 72 -1.52 -6.13 -5.63
CA LYS A 72 -1.86 -5.25 -6.75
C LYS A 72 -0.65 -4.98 -7.63
N ILE A 73 0.45 -4.56 -6.98
CA ILE A 73 1.67 -4.12 -7.68
C ILE A 73 2.35 -5.31 -8.41
N GLU A 74 2.20 -6.54 -7.86
CA GLU A 74 2.76 -7.77 -8.46
C GLU A 74 1.89 -8.28 -9.64
N ARG A 75 0.55 -8.31 -9.44
CA ARG A 75 -0.39 -8.84 -10.46
C ARG A 75 -0.46 -7.92 -11.69
N GLU A 76 -0.18 -6.62 -11.46
CA GLU A 76 -0.03 -5.64 -12.53
C GLU A 76 1.41 -5.70 -13.07
N GLY A 77 2.37 -5.11 -12.29
CA GLY A 77 3.80 -5.08 -12.65
C GLY A 77 4.05 -4.41 -14.00
N SER A 78 3.22 -3.41 -14.32
CA SER A 78 3.24 -2.76 -15.64
C SER A 78 4.00 -1.43 -15.56
N SER A 79 3.41 -0.45 -14.83
CA SER A 79 3.95 0.91 -14.72
C SER A 79 2.99 1.78 -13.89
N GLU A 80 1.72 1.85 -14.34
CA GLU A 80 0.71 2.79 -13.84
C GLU A 80 0.09 2.28 -12.52
N VAL A 81 0.73 2.65 -11.39
CA VAL A 81 0.27 2.28 -10.04
C VAL A 81 0.50 3.45 -9.06
N GLU A 82 -0.55 3.77 -8.27
CA GLU A 82 -0.52 4.81 -7.23
C GLU A 82 -1.38 4.36 -6.02
N VAL A 83 -0.78 4.38 -4.82
CA VAL A 83 -1.45 4.00 -3.57
C VAL A 83 -1.87 5.27 -2.81
N ASN A 84 -3.19 5.47 -2.66
CA ASN A 84 -3.76 6.65 -2.00
C ASN A 84 -4.22 6.24 -0.60
N VAL A 85 -3.47 6.64 0.44
CA VAL A 85 -3.85 6.39 1.84
C VAL A 85 -4.58 7.62 2.39
N HIS A 86 -5.89 7.47 2.56
CA HIS A 86 -6.81 8.52 3.02
C HIS A 86 -7.06 8.30 4.52
N SER A 87 -6.79 9.31 5.35
CA SER A 87 -6.91 9.19 6.81
C SER A 87 -7.10 10.57 7.44
N GLY A 88 -8.31 10.81 7.99
CA GLY A 88 -8.65 12.06 8.68
C GLY A 88 -8.71 13.27 7.76
N GLY A 89 -8.78 13.02 6.43
CA GLY A 89 -8.79 14.07 5.41
C GLY A 89 -7.48 14.20 4.64
N GLN A 90 -6.40 13.56 5.15
CA GLN A 90 -5.07 13.59 4.49
C GLN A 90 -4.92 12.39 3.55
N THR A 91 -4.57 12.65 2.28
CA THR A 91 -4.33 11.61 1.27
C THR A 91 -2.85 11.61 0.84
N TRP A 92 -2.12 10.55 1.22
CA TRP A 92 -0.74 10.35 0.78
C TRP A 92 -0.75 9.44 -0.46
N THR A 93 -0.31 9.98 -1.61
CA THR A 93 -0.29 9.26 -2.90
C THR A 93 1.13 8.72 -3.16
N PHE A 94 1.25 7.39 -3.43
CA PHE A 94 2.55 6.69 -3.56
C PHE A 94 2.65 6.01 -4.96
N ASN A 95 3.49 6.57 -5.83
CA ASN A 95 3.85 5.94 -7.13
C ASN A 95 5.20 5.23 -6.97
N GLU A 96 5.43 4.19 -7.79
CA GLU A 96 6.64 3.36 -7.72
C GLU A 96 7.89 4.21 -8.03
N LYS A 97 8.86 4.19 -7.11
CA LYS A 97 10.15 4.88 -7.27
C LYS A 97 11.03 4.09 -8.27
N MET A 1 -0.18 -3.65 -40.52
CA MET A 1 -1.40 -4.13 -41.23
C MET A 1 -2.11 -5.18 -40.37
N GLY A 2 -3.43 -4.97 -40.12
CA GLY A 2 -4.24 -5.86 -39.29
C GLY A 2 -3.81 -5.84 -37.83
N HIS A 3 -4.09 -6.92 -37.08
CA HIS A 3 -3.68 -7.06 -35.67
C HIS A 3 -3.13 -8.48 -35.43
N HIS A 4 -1.83 -8.58 -35.12
CA HIS A 4 -1.17 -9.87 -34.86
C HIS A 4 -1.49 -10.37 -33.44
N HIS A 5 -1.23 -11.66 -33.19
CA HIS A 5 -1.49 -12.32 -31.91
C HIS A 5 -0.27 -12.15 -31.00
N HIS A 6 -0.53 -11.80 -29.72
CA HIS A 6 0.51 -11.62 -28.68
C HIS A 6 0.96 -12.99 -28.15
N HIS A 7 2.28 -13.21 -28.13
CA HIS A 7 2.92 -14.44 -27.59
C HIS A 7 3.97 -14.04 -26.54
N HIS A 8 3.94 -14.71 -25.37
CA HIS A 8 4.92 -14.52 -24.28
C HIS A 8 5.15 -15.85 -23.55
N GLU A 9 6.29 -15.93 -22.84
CA GLU A 9 6.63 -17.05 -21.95
C GLU A 9 5.87 -16.88 -20.60
N ASN A 10 5.80 -17.97 -19.79
CA ASN A 10 5.11 -18.01 -18.47
C ASN A 10 5.54 -16.83 -17.56
N LEU A 11 4.67 -15.80 -17.48
CA LEU A 11 4.92 -14.59 -16.68
C LEU A 11 4.89 -14.95 -15.18
N TYR A 12 6.07 -14.99 -14.56
CA TYR A 12 6.22 -15.36 -13.14
C TYR A 12 5.75 -14.22 -12.23
N PHE A 13 4.45 -14.24 -11.93
CA PHE A 13 3.78 -13.27 -11.03
C PHE A 13 4.26 -13.44 -9.57
N GLN A 14 4.65 -14.70 -9.24
CA GLN A 14 5.19 -15.06 -7.92
C GLN A 14 6.46 -14.26 -7.62
N SER A 15 6.31 -13.18 -6.84
CA SER A 15 7.40 -12.28 -6.48
C SER A 15 8.13 -12.80 -5.23
N HIS A 16 9.43 -13.12 -5.40
CA HIS A 16 10.31 -13.63 -4.33
C HIS A 16 10.53 -12.54 -3.25
N MET A 17 10.48 -11.27 -3.68
CA MET A 17 10.51 -10.11 -2.78
C MET A 17 9.48 -9.08 -3.28
N THR A 18 8.75 -8.49 -2.33
CA THR A 18 7.75 -7.43 -2.60
C THR A 18 7.78 -6.37 -1.47
N ASP A 19 8.28 -6.77 -0.28
CA ASP A 19 8.31 -5.89 0.92
C ASP A 19 9.57 -5.00 0.91
N GLU A 20 9.42 -3.79 0.34
CA GLU A 20 10.40 -2.69 0.47
C GLU A 20 9.61 -1.38 0.69
N LEU A 21 8.80 -0.99 -0.32
CA LEU A 21 7.89 0.15 -0.21
C LEU A 21 6.71 -0.17 0.73
N LEU A 22 6.47 -1.48 0.95
CA LEU A 22 5.45 -1.98 1.88
C LEU A 22 5.81 -1.62 3.33
N GLU A 23 7.12 -1.70 3.66
CA GLU A 23 7.63 -1.38 5.01
C GLU A 23 7.33 0.10 5.36
N ARG A 24 7.37 0.97 4.33
CA ARG A 24 6.95 2.39 4.46
C ARG A 24 5.47 2.47 4.84
N LEU A 25 4.66 1.62 4.17
CA LEU A 25 3.20 1.57 4.40
C LEU A 25 2.92 0.98 5.80
N ARG A 26 3.82 0.09 6.26
CA ARG A 26 3.74 -0.56 7.58
C ARG A 26 3.87 0.47 8.69
N GLN A 27 4.91 1.34 8.56
CA GLN A 27 5.20 2.41 9.53
C GLN A 27 4.05 3.43 9.55
N LEU A 28 3.48 3.68 8.36
CA LEU A 28 2.37 4.63 8.18
C LEU A 28 1.11 4.13 8.91
N PHE A 29 0.73 2.87 8.62
CA PHE A 29 -0.45 2.21 9.23
C PHE A 29 -0.29 2.08 10.76
N GLU A 30 0.96 1.86 11.22
CA GLU A 30 1.33 1.83 12.64
C GLU A 30 1.12 3.21 13.30
N GLU A 31 1.45 4.27 12.56
CA GLU A 31 1.31 5.67 13.01
C GLU A 31 -0.18 6.08 13.04
N LEU A 32 -1.00 5.40 12.24
CA LEU A 32 -2.47 5.59 12.21
C LEU A 32 -3.15 4.72 13.29
N HIS A 33 -2.52 3.56 13.55
CA HIS A 33 -2.97 2.53 14.52
C HIS A 33 -3.05 3.09 15.94
N GLU A 34 -2.10 3.96 16.30
CA GLU A 34 -2.00 4.56 17.65
C GLU A 34 -3.30 5.31 18.05
N ARG A 35 -4.05 5.81 17.04
CA ARG A 35 -5.31 6.53 17.24
C ARG A 35 -6.50 5.77 16.61
N GLY A 36 -6.20 4.71 15.84
CA GLY A 36 -7.22 3.82 15.24
C GLY A 36 -8.15 4.53 14.27
N THR A 37 -7.60 5.48 13.50
CA THR A 37 -8.36 6.33 12.57
C THR A 37 -8.91 5.53 11.36
N GLU A 38 -9.87 6.12 10.65
CA GLU A 38 -10.47 5.53 9.44
C GLU A 38 -9.50 5.62 8.26
N ILE A 39 -8.81 4.50 7.98
CA ILE A 39 -7.81 4.41 6.92
C ILE A 39 -8.48 3.86 5.65
N VAL A 40 -8.62 4.71 4.63
CA VAL A 40 -9.17 4.33 3.33
C VAL A 40 -7.99 4.11 2.38
N VAL A 41 -7.69 2.84 2.10
CA VAL A 41 -6.60 2.45 1.20
C VAL A 41 -7.18 2.30 -0.22
N GLU A 42 -6.53 2.96 -1.16
CA GLU A 42 -7.00 3.12 -2.54
C GLU A 42 -5.80 2.95 -3.48
N VAL A 43 -5.80 1.89 -4.30
CA VAL A 43 -4.73 1.65 -5.29
C VAL A 43 -5.29 1.92 -6.70
N HIS A 44 -4.47 2.52 -7.56
CA HIS A 44 -4.78 2.75 -8.99
C HIS A 44 -3.58 2.23 -9.80
N ILE A 45 -3.77 1.15 -10.57
CA ILE A 45 -2.72 0.64 -11.47
C ILE A 45 -3.33 0.24 -12.83
N ASN A 46 -2.89 0.93 -13.91
CA ASN A 46 -3.23 0.61 -15.33
C ASN A 46 -4.69 0.94 -15.70
N GLY A 47 -5.46 1.48 -14.75
CA GLY A 47 -6.90 1.69 -14.92
C GLY A 47 -7.71 0.94 -13.87
N GLU A 48 -7.07 -0.07 -13.26
CA GLU A 48 -7.68 -0.88 -12.19
C GLU A 48 -7.64 -0.11 -10.87
N ARG A 49 -8.73 -0.15 -10.10
CA ARG A 49 -8.80 0.53 -8.80
C ARG A 49 -9.10 -0.49 -7.68
N ASP A 50 -8.65 -0.14 -6.48
CA ASP A 50 -8.83 -0.91 -5.25
C ASP A 50 -9.32 0.07 -4.17
N GLU A 51 -10.29 -0.33 -3.36
CA GLU A 51 -10.85 0.53 -2.29
C GLU A 51 -11.18 -0.32 -1.06
N ILE A 52 -10.53 -0.01 0.07
CA ILE A 52 -10.66 -0.75 1.34
C ILE A 52 -10.77 0.30 2.47
N ARG A 53 -11.83 0.26 3.29
CA ARG A 53 -12.03 1.22 4.40
C ARG A 53 -12.00 0.43 5.72
N VAL A 54 -11.04 0.77 6.62
CA VAL A 54 -10.91 0.15 7.96
C VAL A 54 -10.97 1.23 9.06
N ARG A 55 -11.67 0.93 10.16
CA ARG A 55 -11.75 1.77 11.36
C ARG A 55 -11.38 0.93 12.58
N ASN A 56 -10.52 1.49 13.46
CA ASN A 56 -10.08 0.86 14.73
C ASN A 56 -9.50 -0.55 14.49
N ILE A 57 -8.34 -0.57 13.81
CA ILE A 57 -7.63 -1.83 13.48
C ILE A 57 -6.37 -1.98 14.35
N SER A 58 -5.89 -3.22 14.50
CA SER A 58 -4.72 -3.55 15.33
C SER A 58 -3.48 -3.85 14.43
N LYS A 59 -2.35 -4.26 15.05
CA LYS A 59 -1.03 -4.31 14.39
C LYS A 59 -0.92 -5.36 13.25
N GLU A 60 -1.62 -6.49 13.38
CA GLU A 60 -1.63 -7.54 12.33
C GLU A 60 -2.72 -7.26 11.28
N GLU A 61 -3.80 -6.59 11.72
CA GLU A 61 -4.93 -6.22 10.86
C GLU A 61 -4.51 -5.17 9.81
N LEU A 62 -3.72 -4.17 10.25
CA LEU A 62 -3.22 -3.09 9.37
C LEU A 62 -2.25 -3.66 8.32
N LYS A 63 -1.56 -4.75 8.70
CA LYS A 63 -0.65 -5.48 7.82
C LYS A 63 -1.39 -6.01 6.59
N LYS A 64 -2.68 -6.39 6.76
CA LYS A 64 -3.49 -6.94 5.68
C LYS A 64 -3.74 -5.87 4.59
N LEU A 65 -3.68 -4.58 4.99
CA LEU A 65 -3.89 -3.45 4.07
C LEU A 65 -2.74 -3.34 3.07
N LEU A 66 -1.49 -3.33 3.57
CA LEU A 66 -0.27 -3.28 2.71
C LEU A 66 -0.10 -4.60 1.95
N GLU A 67 -0.64 -5.70 2.53
CA GLU A 67 -0.64 -7.03 1.90
C GLU A 67 -1.67 -7.14 0.77
N ARG A 68 -2.70 -6.28 0.79
CA ARG A 68 -3.65 -6.14 -0.35
C ARG A 68 -2.98 -5.36 -1.49
N ILE A 69 -2.21 -4.31 -1.12
CA ILE A 69 -1.49 -3.44 -2.06
C ILE A 69 -0.40 -4.23 -2.81
N ARG A 70 0.32 -5.09 -2.05
CA ARG A 70 1.46 -5.87 -2.59
C ARG A 70 1.00 -6.79 -3.73
N GLU A 71 -0.24 -7.32 -3.56
CA GLU A 71 -0.88 -8.17 -4.57
C GLU A 71 -1.09 -7.36 -5.86
N LYS A 72 -1.54 -6.10 -5.71
CA LYS A 72 -1.87 -5.24 -6.87
C LYS A 72 -0.60 -4.94 -7.69
N ILE A 73 0.45 -4.49 -6.98
CA ILE A 73 1.70 -4.04 -7.61
C ILE A 73 2.47 -5.21 -8.26
N GLU A 74 2.36 -6.45 -7.68
CA GLU A 74 3.09 -7.63 -8.17
C GLU A 74 2.33 -8.40 -9.28
N ARG A 75 0.97 -8.34 -9.27
CA ARG A 75 0.15 -9.03 -10.31
C ARG A 75 0.17 -8.21 -11.62
N GLU A 76 0.03 -6.88 -11.48
CA GLU A 76 0.07 -5.97 -12.64
C GLU A 76 1.52 -5.84 -13.14
N GLY A 77 2.43 -5.49 -12.20
CA GLY A 77 3.87 -5.38 -12.46
C GLY A 77 4.25 -4.39 -13.56
N SER A 78 3.39 -3.38 -13.78
CA SER A 78 3.57 -2.37 -14.84
C SER A 78 4.12 -1.05 -14.25
N SER A 79 4.41 -0.08 -15.13
CA SER A 79 4.95 1.23 -14.73
C SER A 79 3.88 2.12 -14.08
N GLU A 80 2.59 1.90 -14.43
CA GLU A 80 1.45 2.75 -14.02
C GLU A 80 0.98 2.45 -12.56
N VAL A 81 1.87 2.59 -11.57
CA VAL A 81 1.56 2.25 -10.15
C VAL A 81 1.22 3.53 -9.34
N GLU A 82 0.09 3.50 -8.62
CA GLU A 82 -0.31 4.57 -7.69
C GLU A 82 -0.92 3.93 -6.44
N VAL A 83 -0.40 4.29 -5.26
CA VAL A 83 -0.95 3.89 -3.95
C VAL A 83 -1.44 5.15 -3.24
N ASN A 84 -2.55 5.06 -2.51
CA ASN A 84 -3.20 6.22 -1.89
C ASN A 84 -3.77 5.84 -0.53
N VAL A 85 -3.23 6.40 0.55
CA VAL A 85 -3.70 6.11 1.91
C VAL A 85 -4.37 7.37 2.50
N HIS A 86 -5.68 7.32 2.68
CA HIS A 86 -6.45 8.36 3.36
C HIS A 86 -6.59 7.96 4.83
N SER A 87 -6.69 8.93 5.74
CA SER A 87 -6.97 8.67 7.15
C SER A 87 -7.50 9.94 7.83
N GLY A 88 -8.81 9.98 8.07
CA GLY A 88 -9.46 11.13 8.69
C GLY A 88 -9.41 12.38 7.80
N GLY A 89 -8.31 13.13 7.90
CA GLY A 89 -8.10 14.36 7.09
C GLY A 89 -6.72 14.43 6.44
N GLN A 90 -5.90 13.36 6.57
CA GLN A 90 -4.56 13.28 5.92
C GLN A 90 -4.54 12.16 4.88
N THR A 91 -4.19 12.52 3.63
CA THR A 91 -4.06 11.58 2.51
C THR A 91 -2.63 11.67 1.93
N TRP A 92 -2.02 10.51 1.68
CA TRP A 92 -0.68 10.38 1.09
C TRP A 92 -0.81 9.80 -0.32
N THR A 93 -0.42 10.58 -1.33
CA THR A 93 -0.42 10.17 -2.73
C THR A 93 0.98 9.63 -3.10
N PHE A 94 1.09 8.29 -3.17
CA PHE A 94 2.32 7.61 -3.60
C PHE A 94 2.25 7.39 -5.12
N ASN A 95 3.07 8.15 -5.86
CA ASN A 95 3.14 8.08 -7.33
C ASN A 95 4.36 7.24 -7.75
N GLU A 96 4.23 6.55 -8.89
CA GLU A 96 5.32 5.80 -9.53
C GLU A 96 6.45 6.76 -9.94
N LYS A 97 7.70 6.36 -9.65
CA LYS A 97 8.88 7.22 -9.81
C LYS A 97 9.54 6.94 -11.19
#